data_3QX1
# 
_entry.id   3QX1 
# 
_audit_conform.dict_name       mmcif_pdbx.dic 
_audit_conform.dict_version    5.379 
_audit_conform.dict_location   http://mmcif.pdb.org/dictionaries/ascii/mmcif_pdbx.dic 
# 
loop_
_database_2.database_id 
_database_2.database_code 
_database_2.pdbx_database_accession 
_database_2.pdbx_DOI 
PDB   3QX1         pdb_00003qx1 10.2210/pdb3qx1/pdb 
RCSB  RCSB064210   ?            ?                   
WWPDB D_1000064210 ?            ?                   
# 
_pdbx_database_related.db_name        PDB 
_pdbx_database_related.db_id          3QWZ 
_pdbx_database_related.details        'FAS-associated factor 1 complexed with p97 N-domain' 
_pdbx_database_related.content_type   unspecified 
# 
_pdbx_database_status.status_code                     REL 
_pdbx_database_status.entry_id                        3QX1 
_pdbx_database_status.recvd_initial_deposition_date   2011-03-01 
_pdbx_database_status.deposit_site                    RCSB 
_pdbx_database_status.process_site                    RCSB 
_pdbx_database_status.status_code_sf                  REL 
_pdbx_database_status.status_code_mr                  ? 
_pdbx_database_status.SG_entry                        ? 
_pdbx_database_status.status_code_cs                  ? 
_pdbx_database_status.pdb_format_compatible           Y 
_pdbx_database_status.status_code_nmr_data            ? 
_pdbx_database_status.methods_development_category    ? 
# 
loop_
_audit_author.name 
_audit_author.pdbx_ordinal 
'Park, J.K.' 1 
'Jeon, H.'   2 
'Lee, J.J.'  3 
'Kim, K.H.'  4 
'Lee, K.J.'  5 
'Kim, E.E.'  6 
# 
_citation.id                        primary 
_citation.title                     'Dissection of the interaction between FAF1 UBX and p97' 
_citation.journal_abbrev            'To be Published' 
_citation.journal_volume            ? 
_citation.page_first                ? 
_citation.page_last                 ? 
_citation.year                      ? 
_citation.journal_id_ASTM           ? 
_citation.country                   ? 
_citation.journal_id_ISSN           ? 
_citation.journal_id_CSD            0353 
_citation.book_publisher            ? 
_citation.pdbx_database_id_PubMed   ? 
_citation.pdbx_database_id_DOI      ? 
# 
loop_
_citation_author.citation_id 
_citation_author.name 
_citation_author.ordinal 
_citation_author.identifier_ORCID 
primary 'Park, J.K.' 1 ? 
primary 'Jeon, H.'   2 ? 
primary 'Lee, J.J.'  3 ? 
primary 'Kim, K.H.'  4 ? 
primary 'Lee, K.J.'  5 ? 
primary 'Kim, E.E.'  6 ? 
# 
_cell.entry_id           3QX1 
_cell.length_a           86.678 
_cell.length_b           45.807 
_cell.length_c           49.923 
_cell.angle_alpha        90.00 
_cell.angle_beta         123.92 
_cell.angle_gamma        90.00 
_cell.Z_PDB              8 
_cell.pdbx_unique_axis   ? 
_cell.length_a_esd       ? 
_cell.length_b_esd       ? 
_cell.length_c_esd       ? 
_cell.angle_alpha_esd    ? 
_cell.angle_beta_esd     ? 
_cell.angle_gamma_esd    ? 
# 
_symmetry.entry_id                         3QX1 
_symmetry.space_group_name_H-M             'C 1 2 1' 
_symmetry.pdbx_full_space_group_name_H-M   ? 
_symmetry.cell_setting                     ? 
_symmetry.Int_Tables_number                5 
_symmetry.space_group_name_Hall            ? 
# 
loop_
_entity.id 
_entity.type 
_entity.src_method 
_entity.pdbx_description 
_entity.formula_weight 
_entity.pdbx_number_of_molecules 
_entity.pdbx_ec 
_entity.pdbx_mutation 
_entity.pdbx_fragment 
_entity.details 
1 polymer     man 'FAS-associated factor 1' 9828.306 2   ? ? 'FAF1 UBX domain, UNP residues 571-650' ? 
2 non-polymer syn 'SULFATE ION'             96.063   2   ? ? ?                                       ? 
3 water       nat water                     18.015   228 ? ? ?                                       ? 
# 
_entity_name_com.entity_id   1 
_entity_name_com.name        'hFAF1, UBX domain-containing protein 12, UBX domain-containing protein 3A' 
# 
_entity_poly.entity_id                      1 
_entity_poly.type                           'polypeptide(L)' 
_entity_poly.nstd_linkage                   no 
_entity_poly.nstd_monomer                   no 
_entity_poly.pdbx_seq_one_letter_code       
;GSHMEPVSKLRIRTPSGEFLERRFLASNKLQIVFDFVASKGFPWDEYKLLSTFPRRDVTQLDPNKSLLEVKLFPQETLFL
EAKE
;
_entity_poly.pdbx_seq_one_letter_code_can   
;GSHMEPVSKLRIRTPSGEFLERRFLASNKLQIVFDFVASKGFPWDEYKLLSTFPRRDVTQLDPNKSLLEVKLFPQETLFL
EAKE
;
_entity_poly.pdbx_strand_id                 A,B 
_entity_poly.pdbx_target_identifier         ? 
# 
loop_
_entity_poly_seq.entity_id 
_entity_poly_seq.num 
_entity_poly_seq.mon_id 
_entity_poly_seq.hetero 
1 1  GLY n 
1 2  SER n 
1 3  HIS n 
1 4  MET n 
1 5  GLU n 
1 6  PRO n 
1 7  VAL n 
1 8  SER n 
1 9  LYS n 
1 10 LEU n 
1 11 ARG n 
1 12 ILE n 
1 13 ARG n 
1 14 THR n 
1 15 PRO n 
1 16 SER n 
1 17 GLY n 
1 18 GLU n 
1 19 PHE n 
1 20 LEU n 
1 21 GLU n 
1 22 ARG n 
1 23 ARG n 
1 24 PHE n 
1 25 LEU n 
1 26 ALA n 
1 27 SER n 
1 28 ASN n 
1 29 LYS n 
1 30 LEU n 
1 31 GLN n 
1 32 ILE n 
1 33 VAL n 
1 34 PHE n 
1 35 ASP n 
1 36 PHE n 
1 37 VAL n 
1 38 ALA n 
1 39 SER n 
1 40 LYS n 
1 41 GLY n 
1 42 PHE n 
1 43 PRO n 
1 44 TRP n 
1 45 ASP n 
1 46 GLU n 
1 47 TYR n 
1 48 LYS n 
1 49 LEU n 
1 50 LEU n 
1 51 SER n 
1 52 THR n 
1 53 PHE n 
1 54 PRO n 
1 55 ARG n 
1 56 ARG n 
1 57 ASP n 
1 58 VAL n 
1 59 THR n 
1 60 GLN n 
1 61 LEU n 
1 62 ASP n 
1 63 PRO n 
1 64 ASN n 
1 65 LYS n 
1 66 SER n 
1 67 LEU n 
1 68 LEU n 
1 69 GLU n 
1 70 VAL n 
1 71 LYS n 
1 72 LEU n 
1 73 PHE n 
1 74 PRO n 
1 75 GLN n 
1 76 GLU n 
1 77 THR n 
1 78 LEU n 
1 79 PHE n 
1 80 LEU n 
1 81 GLU n 
1 82 ALA n 
1 83 LYS n 
1 84 GLU n 
# 
_entity_src_gen.entity_id                          1 
_entity_src_gen.pdbx_src_id                        1 
_entity_src_gen.pdbx_alt_source_flag               sample 
_entity_src_gen.pdbx_seq_type                      ? 
_entity_src_gen.pdbx_beg_seq_num                   ? 
_entity_src_gen.pdbx_end_seq_num                   ? 
_entity_src_gen.gene_src_common_name               human 
_entity_src_gen.gene_src_genus                     ? 
_entity_src_gen.pdbx_gene_src_gene                 'CGI-03, FAF1, UBXD12, UBXN3A' 
_entity_src_gen.gene_src_species                   ? 
_entity_src_gen.gene_src_strain                    ? 
_entity_src_gen.gene_src_tissue                    ? 
_entity_src_gen.gene_src_tissue_fraction           ? 
_entity_src_gen.gene_src_details                   ? 
_entity_src_gen.pdbx_gene_src_fragment             ? 
_entity_src_gen.pdbx_gene_src_scientific_name      'Homo sapiens' 
_entity_src_gen.pdbx_gene_src_ncbi_taxonomy_id     9606 
_entity_src_gen.pdbx_gene_src_variant              ? 
_entity_src_gen.pdbx_gene_src_cell_line            ? 
_entity_src_gen.pdbx_gene_src_atcc                 ? 
_entity_src_gen.pdbx_gene_src_organ                ? 
_entity_src_gen.pdbx_gene_src_organelle            ? 
_entity_src_gen.pdbx_gene_src_cell                 ? 
_entity_src_gen.pdbx_gene_src_cellular_location    ? 
_entity_src_gen.host_org_common_name               ? 
_entity_src_gen.pdbx_host_org_scientific_name      'Escherichia coli' 
_entity_src_gen.pdbx_host_org_ncbi_taxonomy_id     562 
_entity_src_gen.host_org_genus                     ? 
_entity_src_gen.pdbx_host_org_gene                 ? 
_entity_src_gen.pdbx_host_org_organ                ? 
_entity_src_gen.host_org_species                   ? 
_entity_src_gen.pdbx_host_org_tissue               ? 
_entity_src_gen.pdbx_host_org_tissue_fraction      ? 
_entity_src_gen.pdbx_host_org_strain               'E.coli Rosetta (DE3)' 
_entity_src_gen.pdbx_host_org_variant              ? 
_entity_src_gen.pdbx_host_org_cell_line            ? 
_entity_src_gen.pdbx_host_org_atcc                 ? 
_entity_src_gen.pdbx_host_org_culture_collection   ? 
_entity_src_gen.pdbx_host_org_cell                 ? 
_entity_src_gen.pdbx_host_org_organelle            ? 
_entity_src_gen.pdbx_host_org_cellular_location    ? 
_entity_src_gen.pdbx_host_org_vector_type          plasmid 
_entity_src_gen.pdbx_host_org_vector               ? 
_entity_src_gen.host_org_details                   ? 
_entity_src_gen.expression_system_id               ? 
_entity_src_gen.plasmid_name                       pET28a 
_entity_src_gen.plasmid_details                    ? 
_entity_src_gen.pdbx_description                   ? 
# 
_struct_ref.id                         1 
_struct_ref.db_name                    UNP 
_struct_ref.db_code                    FAF1_HUMAN 
_struct_ref.pdbx_db_accession          Q9UNN5 
_struct_ref.entity_id                  1 
_struct_ref.pdbx_seq_one_letter_code   
;EPVSKLRIRTPSGEFLERRFLASNKLQIVFDFVASKGFPWDEYKLLSTFPRRDVTQLDPNKSLLEVKLFPQETLFLEAKE

;
_struct_ref.pdbx_align_begin           571 
_struct_ref.pdbx_db_isoform            ? 
# 
loop_
_struct_ref_seq.align_id 
_struct_ref_seq.ref_id 
_struct_ref_seq.pdbx_PDB_id_code 
_struct_ref_seq.pdbx_strand_id 
_struct_ref_seq.seq_align_beg 
_struct_ref_seq.pdbx_seq_align_beg_ins_code 
_struct_ref_seq.seq_align_end 
_struct_ref_seq.pdbx_seq_align_end_ins_code 
_struct_ref_seq.pdbx_db_accession 
_struct_ref_seq.db_align_beg 
_struct_ref_seq.pdbx_db_align_beg_ins_code 
_struct_ref_seq.db_align_end 
_struct_ref_seq.pdbx_db_align_end_ins_code 
_struct_ref_seq.pdbx_auth_seq_align_beg 
_struct_ref_seq.pdbx_auth_seq_align_end 
1 1 3QX1 A 5 ? 84 ? Q9UNN5 571 ? 650 ? 571 650 
2 1 3QX1 B 5 ? 84 ? Q9UNN5 571 ? 650 ? 571 650 
# 
loop_
_struct_ref_seq_dif.align_id 
_struct_ref_seq_dif.pdbx_pdb_id_code 
_struct_ref_seq_dif.mon_id 
_struct_ref_seq_dif.pdbx_pdb_strand_id 
_struct_ref_seq_dif.seq_num 
_struct_ref_seq_dif.pdbx_pdb_ins_code 
_struct_ref_seq_dif.pdbx_seq_db_name 
_struct_ref_seq_dif.pdbx_seq_db_accession_code 
_struct_ref_seq_dif.db_mon_id 
_struct_ref_seq_dif.pdbx_seq_db_seq_num 
_struct_ref_seq_dif.details 
_struct_ref_seq_dif.pdbx_auth_seq_num 
_struct_ref_seq_dif.pdbx_ordinal 
1 3QX1 GLY A 1 ? UNP Q9UNN5 ? ? 'expression tag' 567 1 
1 3QX1 SER A 2 ? UNP Q9UNN5 ? ? 'expression tag' 568 2 
1 3QX1 HIS A 3 ? UNP Q9UNN5 ? ? 'expression tag' 569 3 
1 3QX1 MET A 4 ? UNP Q9UNN5 ? ? 'expression tag' 570 4 
2 3QX1 GLY B 1 ? UNP Q9UNN5 ? ? 'expression tag' 567 5 
2 3QX1 SER B 2 ? UNP Q9UNN5 ? ? 'expression tag' 568 6 
2 3QX1 HIS B 3 ? UNP Q9UNN5 ? ? 'expression tag' 569 7 
2 3QX1 MET B 4 ? UNP Q9UNN5 ? ? 'expression tag' 570 8 
# 
loop_
_chem_comp.id 
_chem_comp.type 
_chem_comp.mon_nstd_flag 
_chem_comp.name 
_chem_comp.pdbx_synonyms 
_chem_comp.formula 
_chem_comp.formula_weight 
ALA 'L-peptide linking' y ALANINE         ? 'C3 H7 N O2'     89.093  
ARG 'L-peptide linking' y ARGININE        ? 'C6 H15 N4 O2 1' 175.209 
ASN 'L-peptide linking' y ASPARAGINE      ? 'C4 H8 N2 O3'    132.118 
ASP 'L-peptide linking' y 'ASPARTIC ACID' ? 'C4 H7 N O4'     133.103 
GLN 'L-peptide linking' y GLUTAMINE       ? 'C5 H10 N2 O3'   146.144 
GLU 'L-peptide linking' y 'GLUTAMIC ACID' ? 'C5 H9 N O4'     147.129 
GLY 'peptide linking'   y GLYCINE         ? 'C2 H5 N O2'     75.067  
HIS 'L-peptide linking' y HISTIDINE       ? 'C6 H10 N3 O2 1' 156.162 
HOH non-polymer         . WATER           ? 'H2 O'           18.015  
ILE 'L-peptide linking' y ISOLEUCINE      ? 'C6 H13 N O2'    131.173 
LEU 'L-peptide linking' y LEUCINE         ? 'C6 H13 N O2'    131.173 
LYS 'L-peptide linking' y LYSINE          ? 'C6 H15 N2 O2 1' 147.195 
MET 'L-peptide linking' y METHIONINE      ? 'C5 H11 N O2 S'  149.211 
PHE 'L-peptide linking' y PHENYLALANINE   ? 'C9 H11 N O2'    165.189 
PRO 'L-peptide linking' y PROLINE         ? 'C5 H9 N O2'     115.130 
SER 'L-peptide linking' y SERINE          ? 'C3 H7 N O3'     105.093 
SO4 non-polymer         . 'SULFATE ION'   ? 'O4 S -2'        96.063  
THR 'L-peptide linking' y THREONINE       ? 'C4 H9 N O3'     119.119 
TRP 'L-peptide linking' y TRYPTOPHAN      ? 'C11 H12 N2 O2'  204.225 
TYR 'L-peptide linking' y TYROSINE        ? 'C9 H11 N O3'    181.189 
VAL 'L-peptide linking' y VALINE          ? 'C5 H11 N O2'    117.146 
# 
_exptl.entry_id          3QX1 
_exptl.method            'X-RAY DIFFRACTION' 
_exptl.crystals_number   1 
# 
_exptl_crystal.id                    1 
_exptl_crystal.density_meas          ? 
_exptl_crystal.density_Matthews      2.09 
_exptl_crystal.density_percent_sol   41.20 
_exptl_crystal.description           ? 
_exptl_crystal.F_000                 ? 
_exptl_crystal.preparation           ? 
# 
_exptl_crystal_grow.crystal_id      1 
_exptl_crystal_grow.method          'VAPOR DIFFUSION, HANGING DROP' 
_exptl_crystal_grow.temp            295 
_exptl_crystal_grow.temp_details    ? 
_exptl_crystal_grow.pH              7.5 
_exptl_crystal_grow.pdbx_pH_range   ? 
_exptl_crystal_grow.pdbx_details    
'30% PEG 3350, 0.2M Lithium sulfate, 0.1M HEPES pH7.5, VAPOR DIFFUSION, HANGING DROP, temperature 295K' 
# 
_diffrn.id                     1 
_diffrn.ambient_temp           100 
_diffrn.ambient_temp_details   ? 
_diffrn.crystal_id             1 
# 
_diffrn_detector.diffrn_id              1 
_diffrn_detector.detector               CCD 
_diffrn_detector.type                   'ADSC QUANTUM 315' 
_diffrn_detector.pdbx_collection_date   2007-10-17 
_diffrn_detector.details                ? 
# 
_diffrn_radiation.diffrn_id                        1 
_diffrn_radiation.wavelength_id                    1 
_diffrn_radiation.pdbx_monochromatic_or_laue_m_l   M 
_diffrn_radiation.monochromator                    ? 
_diffrn_radiation.pdbx_diffrn_protocol             'SINGLE WAVELENGTH' 
_diffrn_radiation.pdbx_scattering_type             x-ray 
# 
_diffrn_radiation_wavelength.id           1 
_diffrn_radiation_wavelength.wavelength   1.0000 
_diffrn_radiation_wavelength.wt           1.0 
# 
_diffrn_source.diffrn_id                   1 
_diffrn_source.source                      SYNCHROTRON 
_diffrn_source.type                        'PAL/PLS BEAMLINE 4A' 
_diffrn_source.pdbx_synchrotron_site       PAL/PLS 
_diffrn_source.pdbx_synchrotron_beamline   4A 
_diffrn_source.pdbx_wavelength             ? 
_diffrn_source.pdbx_wavelength_list        1.0000 
# 
_reflns.entry_id                     3QX1 
_reflns.observed_criterion_sigma_I   1.0 
_reflns.observed_criterion_sigma_F   1.0 
_reflns.d_resolution_low             20.0 
_reflns.d_resolution_high            1.6 
_reflns.number_obs                   21633 
_reflns.number_all                   ? 
_reflns.percent_possible_obs         98.4 
_reflns.pdbx_Rmerge_I_obs            0.079 
_reflns.pdbx_Rsym_value              ? 
_reflns.pdbx_netI_over_sigmaI        ? 
_reflns.B_iso_Wilson_estimate        18.50 
_reflns.pdbx_redundancy              ? 
_reflns.R_free_details               ? 
_reflns.limit_h_max                  ? 
_reflns.limit_h_min                  ? 
_reflns.limit_k_max                  ? 
_reflns.limit_k_min                  ? 
_reflns.limit_l_max                  ? 
_reflns.limit_l_min                  ? 
_reflns.observed_criterion_F_max     ? 
_reflns.observed_criterion_F_min     ? 
_reflns.pdbx_chi_squared             ? 
_reflns.pdbx_scaling_rejects         ? 
_reflns.pdbx_ordinal                 1 
_reflns.pdbx_diffrn_id               1 
# 
_reflns_shell.d_res_high             1.60 
_reflns_shell.d_res_low              1.66 
_reflns_shell.percent_possible_all   96.4 
_reflns_shell.Rmerge_I_obs           0.276 
_reflns_shell.pdbx_Rsym_value        ? 
_reflns_shell.meanI_over_sigI_obs    5.4 
_reflns_shell.pdbx_redundancy        ? 
_reflns_shell.percent_possible_obs   ? 
_reflns_shell.number_unique_all      ? 
_reflns_shell.number_measured_all    ? 
_reflns_shell.number_measured_obs    ? 
_reflns_shell.number_unique_obs      ? 
_reflns_shell.pdbx_chi_squared       ? 
_reflns_shell.pdbx_ordinal           1 
_reflns_shell.pdbx_diffrn_id         1 
# 
_refine.pdbx_refine_id                           'X-RAY DIFFRACTION' 
_refine.entry_id                                 3QX1 
_refine.ls_number_reflns_obs                     21224 
_refine.ls_number_reflns_all                     ? 
_refine.pdbx_ls_sigma_I                          ? 
_refine.pdbx_ls_sigma_F                          0.000 
_refine.pdbx_data_cutoff_high_absF               119062.480 
_refine.pdbx_data_cutoff_low_absF                0.0000 
_refine.pdbx_data_cutoff_high_rms_absF           ? 
_refine.ls_d_res_low                             19.95 
_refine.ls_d_res_high                            1.60 
_refine.ls_percent_reflns_obs                    98.3 
_refine.ls_R_factor_obs                          0.206 
_refine.ls_R_factor_all                          ? 
_refine.ls_R_factor_R_work                       0.206 
_refine.ls_R_factor_R_free                       0.218 
_refine.ls_R_factor_R_free_error                 0.007 
_refine.ls_R_factor_R_free_error_details         ? 
_refine.ls_percent_reflns_R_free                 4.900 
_refine.ls_number_reflns_R_free                  1031 
_refine.ls_number_parameters                     ? 
_refine.ls_number_restraints                     ? 
_refine.occupancy_min                            ? 
_refine.occupancy_max                            ? 
_refine.correlation_coeff_Fo_to_Fc               ? 
_refine.correlation_coeff_Fo_to_Fc_free          ? 
_refine.B_iso_mean                               22.40 
_refine.aniso_B[1][1]                            1.33000 
_refine.aniso_B[2][2]                            -3.88000 
_refine.aniso_B[3][3]                            2.55000 
_refine.aniso_B[1][2]                            0.00000 
_refine.aniso_B[1][3]                            3.48000 
_refine.aniso_B[2][3]                            0.00000 
_refine.solvent_model_details                    'FLAT MODEL' 
_refine.solvent_model_param_ksol                 0.38 
_refine.solvent_model_param_bsol                 45.42 
_refine.pdbx_solvent_vdw_probe_radii             ? 
_refine.pdbx_solvent_ion_probe_radii             ? 
_refine.pdbx_solvent_shrinkage_radii             ? 
_refine.pdbx_ls_cross_valid_method               THROUGHOUT 
_refine.details                                  ? 
_refine.pdbx_starting_model                      'PDB ENTRY 3QWZ' 
_refine.pdbx_method_to_determine_struct          'MOLECULAR REPLACEMENT' 
_refine.pdbx_isotropic_thermal_model             RESTRAINED 
_refine.pdbx_stereochemistry_target_values       'ENGH & HUBER' 
_refine.pdbx_stereochem_target_val_spec_case     ? 
_refine.pdbx_R_Free_selection_details            RANDOM 
_refine.pdbx_overall_ESU_R_Free                  ? 
_refine.overall_SU_ML                            ? 
_refine.pdbx_overall_phase_error                 ? 
_refine.overall_SU_B                             ? 
_refine.overall_SU_R_Cruickshank_DPI             ? 
_refine.pdbx_overall_SU_R_free_Cruickshank_DPI   ? 
_refine.pdbx_overall_SU_R_Blow_DPI               ? 
_refine.pdbx_overall_SU_R_free_Blow_DPI          ? 
_refine.ls_redundancy_reflns_obs                 ? 
_refine.pdbx_overall_ESU_R                       ? 
_refine.B_iso_min                                ? 
_refine.B_iso_max                                ? 
_refine.overall_SU_R_free                        ? 
_refine.ls_wR_factor_R_free                      ? 
_refine.ls_wR_factor_R_work                      ? 
_refine.overall_FOM_free_R_set                   ? 
_refine.overall_FOM_work_R_set                   ? 
_refine.pdbx_diffrn_id                           1 
_refine.pdbx_TLS_residual_ADP_flag               ? 
# 
_refine_analyze.pdbx_refine_id                  'X-RAY DIFFRACTION' 
_refine_analyze.entry_id                        3QX1 
_refine_analyze.Luzzati_coordinate_error_obs    0.20 
_refine_analyze.Luzzati_sigma_a_obs             0.17 
_refine_analyze.Luzzati_d_res_low_obs           5.00 
_refine_analyze.Luzzati_coordinate_error_free   0.21 
_refine_analyze.Luzzati_sigma_a_free            0.14 
_refine_analyze.Luzzati_d_res_low_free          ? 
_refine_analyze.number_disordered_residues      ? 
_refine_analyze.occupancy_sum_hydrogen          ? 
_refine_analyze.occupancy_sum_non_hydrogen      ? 
_refine_analyze.pdbx_Luzzati_d_res_high_obs     ? 
# 
_refine_hist.pdbx_refine_id                   'X-RAY DIFFRACTION' 
_refine_hist.cycle_id                         LAST 
_refine_hist.pdbx_number_atoms_protein        1350 
_refine_hist.pdbx_number_atoms_nucleic_acid   0 
_refine_hist.pdbx_number_atoms_ligand         10 
_refine_hist.number_atoms_solvent             228 
_refine_hist.number_atoms_total               1588 
_refine_hist.d_res_high                       1.60 
_refine_hist.d_res_low                        19.95 
# 
loop_
_refine_ls_restr.type 
_refine_ls_restr.dev_ideal 
_refine_ls_restr.dev_ideal_target 
_refine_ls_restr.weight 
_refine_ls_restr.number 
_refine_ls_restr.pdbx_refine_id 
_refine_ls_restr.pdbx_restraint_function 
c_bond_d                0.035 ?     ? ? 'X-RAY DIFFRACTION' ? 
c_bond_d_na             ?     ?     ? ? 'X-RAY DIFFRACTION' ? 
c_bond_d_prot           ?     ?     ? ? 'X-RAY DIFFRACTION' ? 
c_angle_d               ?     ?     ? ? 'X-RAY DIFFRACTION' ? 
c_angle_d_na            ?     ?     ? ? 'X-RAY DIFFRACTION' ? 
c_angle_d_prot          ?     ?     ? ? 'X-RAY DIFFRACTION' ? 
c_angle_deg             1.80  ?     ? ? 'X-RAY DIFFRACTION' ? 
c_angle_deg_na          ?     ?     ? ? 'X-RAY DIFFRACTION' ? 
c_angle_deg_prot        ?     ?     ? ? 'X-RAY DIFFRACTION' ? 
c_dihedral_angle_d      26.30 ?     ? ? 'X-RAY DIFFRACTION' ? 
c_dihedral_angle_d_na   ?     ?     ? ? 'X-RAY DIFFRACTION' ? 
c_dihedral_angle_d_prot ?     ?     ? ? 'X-RAY DIFFRACTION' ? 
c_improper_angle_d      8.16  ?     ? ? 'X-RAY DIFFRACTION' ? 
c_improper_angle_d_na   ?     ?     ? ? 'X-RAY DIFFRACTION' ? 
c_improper_angle_d_prot ?     ?     ? ? 'X-RAY DIFFRACTION' ? 
c_mcbond_it             1.680 1.500 ? ? 'X-RAY DIFFRACTION' ? 
c_mcangle_it            2.680 2.000 ? ? 'X-RAY DIFFRACTION' ? 
c_scbond_it             3.020 2.000 ? ? 'X-RAY DIFFRACTION' ? 
c_scangle_it            4.790 2.500 ? ? 'X-RAY DIFFRACTION' ? 
# 
_refine_ls_restr_ncs.pdbx_refine_id      'X-RAY DIFFRACTION' 
_refine_ls_restr_ncs.dom_id              1 
_refine_ls_restr_ncs.ncs_model_details   NONE 
_refine_ls_restr_ncs.rms_dev_position    ? 
_refine_ls_restr_ncs.weight_position     ? 
_refine_ls_restr_ncs.rms_dev_B_iso       ? 
_refine_ls_restr_ncs.weight_B_iso        ? 
_refine_ls_restr_ncs.pdbx_ordinal        1 
_refine_ls_restr_ncs.pdbx_type           . 
_refine_ls_restr_ncs.pdbx_auth_asym_id   . 
_refine_ls_restr_ncs.pdbx_ens_id         1 
_refine_ls_restr_ncs.pdbx_number         ? 
_refine_ls_restr_ncs.pdbx_asym_id        ? 
_refine_ls_restr_ncs.pdbx_rms            ? 
_refine_ls_restr_ncs.pdbx_weight         ? 
# 
_refine_ls_shell.pdbx_refine_id                   'X-RAY DIFFRACTION' 
_refine_ls_shell.pdbx_total_number_of_bins_used   6 
_refine_ls_shell.d_res_high                       1.60 
_refine_ls_shell.d_res_low                        1.70 
_refine_ls_shell.number_reflns_R_work             3300 
_refine_ls_shell.R_factor_R_work                  0.2700 
_refine_ls_shell.percent_reflns_obs               96.40 
_refine_ls_shell.R_factor_R_free                  0.2670 
_refine_ls_shell.R_factor_R_free_error            0.021 
_refine_ls_shell.percent_reflns_R_free            4.50 
_refine_ls_shell.number_reflns_R_free             157 
_refine_ls_shell.number_reflns_all                ? 
_refine_ls_shell.R_factor_all                     ? 
_refine_ls_shell.redundancy_reflns_obs            ? 
_refine_ls_shell.number_reflns_obs                ? 
# 
loop_
_pdbx_xplor_file.pdbx_refine_id 
_pdbx_xplor_file.serial_no 
_pdbx_xplor_file.param_file 
_pdbx_xplor_file.topol_file 
'X-RAY DIFFRACTION' 1 PROTEIN_REP.PARAM PROTEIN.TOP 
'X-RAY DIFFRACTION' 2 WATER_REP.PARAM   WATER.TOP   
'X-RAY DIFFRACTION' 3 ION.PARAM         ION.TOP     
# 
_struct_ncs_dom.id            1 
_struct_ncs_dom.details       ? 
_struct_ncs_dom.pdbx_ens_id   1 
# 
_struct_ncs_ens.id        1 
_struct_ncs_ens.details   ? 
# 
_struct.entry_id                  3QX1 
_struct.title                     'Crystal structure of FAF1 UBX domain' 
_struct.pdbx_model_details        ? 
_struct.pdbx_CASP_flag            ? 
_struct.pdbx_model_type_details   ? 
# 
_struct_keywords.entry_id        3QX1 
_struct_keywords.pdbx_keywords   'PROTEIN BINDING' 
_struct_keywords.text            'UBX, Protein Binding, p97 Binding' 
# 
loop_
_struct_asym.id 
_struct_asym.pdbx_blank_PDB_chainid_flag 
_struct_asym.pdbx_modified 
_struct_asym.entity_id 
_struct_asym.details 
A N N 1 ? 
B N N 1 ? 
C N N 2 ? 
D N N 2 ? 
E N N 3 ? 
F N N 3 ? 
# 
_struct_biol.id        1 
_struct_biol.details   ? 
# 
loop_
_struct_conf.conf_type_id 
_struct_conf.id 
_struct_conf.pdbx_PDB_helix_id 
_struct_conf.beg_label_comp_id 
_struct_conf.beg_label_asym_id 
_struct_conf.beg_label_seq_id 
_struct_conf.pdbx_beg_PDB_ins_code 
_struct_conf.end_label_comp_id 
_struct_conf.end_label_asym_id 
_struct_conf.end_label_seq_id 
_struct_conf.pdbx_end_PDB_ins_code 
_struct_conf.beg_auth_comp_id 
_struct_conf.beg_auth_asym_id 
_struct_conf.beg_auth_seq_id 
_struct_conf.end_auth_comp_id 
_struct_conf.end_auth_asym_id 
_struct_conf.end_auth_seq_id 
_struct_conf.pdbx_PDB_helix_class 
_struct_conf.details 
_struct_conf.pdbx_PDB_helix_length 
HELX_P HELX_P1 1 LYS A 29 ? LYS A 40 ? LYS A 595 LYS A 606 1 ? 12 
HELX_P HELX_P2 2 ASP A 57 ? LEU A 61 ? ASP A 623 LEU A 627 5 ? 5  
HELX_P HELX_P3 3 LYS B 29 ? LYS B 40 ? LYS B 595 LYS B 606 1 ? 12 
HELX_P HELX_P4 4 THR B 59 ? LEU B 61 ? THR B 625 LEU B 627 5 ? 3  
# 
_struct_conf_type.id          HELX_P 
_struct_conf_type.criteria    ? 
_struct_conf_type.reference   ? 
# 
loop_
_struct_mon_prot_cis.pdbx_id 
_struct_mon_prot_cis.label_comp_id 
_struct_mon_prot_cis.label_seq_id 
_struct_mon_prot_cis.label_asym_id 
_struct_mon_prot_cis.label_alt_id 
_struct_mon_prot_cis.pdbx_PDB_ins_code 
_struct_mon_prot_cis.auth_comp_id 
_struct_mon_prot_cis.auth_seq_id 
_struct_mon_prot_cis.auth_asym_id 
_struct_mon_prot_cis.pdbx_label_comp_id_2 
_struct_mon_prot_cis.pdbx_label_seq_id_2 
_struct_mon_prot_cis.pdbx_label_asym_id_2 
_struct_mon_prot_cis.pdbx_PDB_ins_code_2 
_struct_mon_prot_cis.pdbx_auth_comp_id_2 
_struct_mon_prot_cis.pdbx_auth_seq_id_2 
_struct_mon_prot_cis.pdbx_auth_asym_id_2 
_struct_mon_prot_cis.pdbx_PDB_model_num 
_struct_mon_prot_cis.pdbx_omega_angle 
1 PHE 53 A . ? PHE 619 A PRO 54 A ? PRO 620 A 1 0.51  
2 PHE 73 A . ? PHE 639 A PRO 74 A ? PRO 640 A 1 11.27 
3 PHE 53 B . ? PHE 619 B PRO 54 B ? PRO 620 B 1 6.85  
4 PHE 73 B . ? PHE 639 B PRO 74 B ? PRO 640 B 1 3.81  
# 
loop_
_struct_sheet.id 
_struct_sheet.type 
_struct_sheet.number_strands 
_struct_sheet.details 
A ? 4 ? 
B ? 5 ? 
# 
loop_
_struct_sheet_order.sheet_id 
_struct_sheet_order.range_id_1 
_struct_sheet_order.range_id_2 
_struct_sheet_order.offset 
_struct_sheet_order.sense 
A 1 2 ? anti-parallel 
A 2 3 ? parallel      
A 3 4 ? anti-parallel 
B 1 2 ? anti-parallel 
B 2 3 ? parallel      
B 3 4 ? anti-parallel 
B 4 5 ? anti-parallel 
# 
loop_
_struct_sheet_range.sheet_id 
_struct_sheet_range.id 
_struct_sheet_range.beg_label_comp_id 
_struct_sheet_range.beg_label_asym_id 
_struct_sheet_range.beg_label_seq_id 
_struct_sheet_range.pdbx_beg_PDB_ins_code 
_struct_sheet_range.end_label_comp_id 
_struct_sheet_range.end_label_asym_id 
_struct_sheet_range.end_label_seq_id 
_struct_sheet_range.pdbx_end_PDB_ins_code 
_struct_sheet_range.beg_auth_comp_id 
_struct_sheet_range.beg_auth_asym_id 
_struct_sheet_range.beg_auth_seq_id 
_struct_sheet_range.end_auth_comp_id 
_struct_sheet_range.end_auth_asym_id 
_struct_sheet_range.end_auth_seq_id 
A 1 PHE A 19 ? LEU A 25 ? PHE A 585 LEU A 591 
A 2 VAL A 7  ? ARG A 13 ? VAL A 573 ARG A 579 
A 3 GLN A 75 ? ALA A 82 ? GLN A 641 ALA A 648 
A 4 TYR A 47 ? LEU A 50 ? TYR A 613 LEU A 616 
B 1 PHE B 19 ? LEU B 25 ? PHE B 585 LEU B 591 
B 2 VAL B 7  ? ARG B 13 ? VAL B 573 ARG B 579 
B 3 GLN B 75 ? ALA B 82 ? GLN B 641 ALA B 648 
B 4 TYR B 47 ? SER B 51 ? TYR B 613 SER B 617 
B 5 ARG B 56 ? ASP B 57 ? ARG B 622 ASP B 623 
# 
loop_
_pdbx_struct_sheet_hbond.sheet_id 
_pdbx_struct_sheet_hbond.range_id_1 
_pdbx_struct_sheet_hbond.range_id_2 
_pdbx_struct_sheet_hbond.range_1_label_atom_id 
_pdbx_struct_sheet_hbond.range_1_label_comp_id 
_pdbx_struct_sheet_hbond.range_1_label_asym_id 
_pdbx_struct_sheet_hbond.range_1_label_seq_id 
_pdbx_struct_sheet_hbond.range_1_PDB_ins_code 
_pdbx_struct_sheet_hbond.range_1_auth_atom_id 
_pdbx_struct_sheet_hbond.range_1_auth_comp_id 
_pdbx_struct_sheet_hbond.range_1_auth_asym_id 
_pdbx_struct_sheet_hbond.range_1_auth_seq_id 
_pdbx_struct_sheet_hbond.range_2_label_atom_id 
_pdbx_struct_sheet_hbond.range_2_label_comp_id 
_pdbx_struct_sheet_hbond.range_2_label_asym_id 
_pdbx_struct_sheet_hbond.range_2_label_seq_id 
_pdbx_struct_sheet_hbond.range_2_PDB_ins_code 
_pdbx_struct_sheet_hbond.range_2_auth_atom_id 
_pdbx_struct_sheet_hbond.range_2_auth_comp_id 
_pdbx_struct_sheet_hbond.range_2_auth_asym_id 
_pdbx_struct_sheet_hbond.range_2_auth_seq_id 
A 1 2 O PHE A 24 ? O PHE A 590 N SER A 8  ? N SER A 574 
A 2 3 N ARG A 13 ? N ARG A 579 O LEU A 78 ? O LEU A 644 
A 3 4 O GLU A 81 ? O GLU A 647 N LYS A 48 ? N LYS A 614 
B 1 2 O PHE B 24 ? O PHE B 590 N SER B 8  ? N SER B 574 
B 2 3 N ARG B 11 ? N ARG B 577 O LEU B 78 ? O LEU B 644 
B 3 4 O PHE B 79 ? O PHE B 645 N LEU B 50 ? N LEU B 616 
B 4 5 N SER B 51 ? N SER B 617 O ARG B 56 ? O ARG B 622 
# 
loop_
_struct_site.id 
_struct_site.pdbx_evidence_code 
_struct_site.pdbx_auth_asym_id 
_struct_site.pdbx_auth_comp_id 
_struct_site.pdbx_auth_seq_id 
_struct_site.pdbx_auth_ins_code 
_struct_site.pdbx_num_residues 
_struct_site.details 
AC1 Software A SO4 400 ? 6 'BINDING SITE FOR RESIDUE SO4 A 400' 
AC2 Software B SO4 401 ? 8 'BINDING SITE FOR RESIDUE SO4 B 401' 
# 
loop_
_struct_site_gen.id 
_struct_site_gen.site_id 
_struct_site_gen.pdbx_num_res 
_struct_site_gen.label_comp_id 
_struct_site_gen.label_asym_id 
_struct_site_gen.label_seq_id 
_struct_site_gen.pdbx_auth_ins_code 
_struct_site_gen.auth_comp_id 
_struct_site_gen.auth_asym_id 
_struct_site_gen.auth_seq_id 
_struct_site_gen.label_atom_id 
_struct_site_gen.label_alt_id 
_struct_site_gen.symmetry 
_struct_site_gen.details 
1  AC1 6 HOH E .  ? HOH A 35  . ? 2_556 ? 
2  AC1 6 HOH E .  ? HOH A 46  . ? 1_555 ? 
3  AC1 6 HOH E .  ? HOH A 70  . ? 1_555 ? 
4  AC1 6 HOH E .  ? HOH A 123 . ? 1_555 ? 
5  AC1 6 HOH E .  ? HOH A 124 . ? 1_555 ? 
6  AC1 6 ARG A 23 ? ARG A 589 . ? 1_555 ? 
7  AC2 8 HOH F .  ? HOH B 8   . ? 1_555 ? 
8  AC2 8 HOH F .  ? HOH B 30  . ? 1_555 ? 
9  AC2 8 HOH F .  ? HOH B 37  . ? 1_555 ? 
10 AC2 8 HOH F .  ? HOH B 126 . ? 1_555 ? 
11 AC2 8 HOH F .  ? HOH B 191 . ? 1_555 ? 
12 AC2 8 ARG B 22 ? ARG B 588 . ? 1_555 ? 
13 AC2 8 ARG B 23 ? ARG B 589 . ? 1_555 ? 
14 AC2 8 ASN B 28 ? ASN B 594 . ? 2_455 ? 
# 
_atom_sites.entry_id                    3QX1 
_atom_sites.fract_transf_matrix[1][1]   0.00393449 
_atom_sites.fract_transf_matrix[1][2]   0.00777977 
_atom_sites.fract_transf_matrix[1][3]   0.01082977 
_atom_sites.fract_transf_matrix[2][1]   0.01810343 
_atom_sites.fract_transf_matrix[2][2]   0.00579238 
_atom_sites.fract_transf_matrix[2][3]   -0.01073810 
_atom_sites.fract_transf_matrix[3][1]   -0.00584157 
_atom_sites.fract_transf_matrix[3][2]   0.02326520 
_atom_sites.fract_transf_matrix[3][3]   0.00270145 
_atom_sites.fract_transf_vector[1]      -0.263353 
_atom_sites.fract_transf_vector[2]      0.491118 
_atom_sites.fract_transf_vector[3]      0.242194 
# 
loop_
_atom_type.symbol 
C 
N 
O 
S 
# 
loop_
_atom_site.group_PDB 
_atom_site.id 
_atom_site.type_symbol 
_atom_site.label_atom_id 
_atom_site.label_alt_id 
_atom_site.label_comp_id 
_atom_site.label_asym_id 
_atom_site.label_entity_id 
_atom_site.label_seq_id 
_atom_site.pdbx_PDB_ins_code 
_atom_site.Cartn_x 
_atom_site.Cartn_y 
_atom_site.Cartn_z 
_atom_site.occupancy 
_atom_site.B_iso_or_equiv 
_atom_site.pdbx_formal_charge 
_atom_site.auth_seq_id 
_atom_site.auth_comp_id 
_atom_site.auth_asym_id 
_atom_site.auth_atom_id 
_atom_site.pdbx_PDB_model_num 
ATOM   1    N N   . MET A 1 4  ? 18.205  18.101  9.750   1.00 28.38 ? 570 MET A N   1 
ATOM   2    C CA  . MET A 1 4  ? 17.843  16.825  9.144   1.00 27.75 ? 570 MET A CA  1 
ATOM   3    C C   . MET A 1 4  ? 18.024  15.676  10.130  1.00 26.79 ? 570 MET A C   1 
ATOM   4    O O   . MET A 1 4  ? 18.953  15.679  10.937  1.00 27.00 ? 570 MET A O   1 
ATOM   5    C CB  . MET A 1 4  ? 18.676  16.575  7.886   1.00 27.36 ? 570 MET A CB  1 
ATOM   6    C CG  . MET A 1 4  ? 18.562  17.670  6.837   1.00 28.76 ? 570 MET A CG  1 
ATOM   7    S SD  . MET A 1 4  ? 16.866  17.923  6.278   1.00 32.16 ? 570 MET A SD  1 
ATOM   8    C CE  . MET A 1 4  ? 16.909  17.105  4.686   1.00 28.30 ? 570 MET A CE  1 
ATOM   9    N N   . GLU A 1 5  ? 17.129  14.695  10.058  1.00 18.07 ? 571 GLU A N   1 
ATOM   10   C CA  . GLU A 1 5  ? 17.283  13.462  10.820  1.00 17.30 ? 571 GLU A CA  1 
ATOM   11   C C   . GLU A 1 5  ? 17.003  12.240  9.951   1.00 14.87 ? 571 GLU A C   1 
ATOM   12   O O   . GLU A 1 5  ? 16.316  12.333  8.934   1.00 13.54 ? 571 GLU A O   1 
ATOM   13   C CB  . GLU A 1 5  ? 16.356  13.465  12.037  1.00 21.85 ? 571 GLU A CB  1 
ATOM   14   C CG  . GLU A 1 5  ? 16.722  14.495  13.093  1.00 23.95 ? 571 GLU A CG  1 
ATOM   15   C CD  . GLU A 1 5  ? 15.831  14.417  14.316  1.00 28.03 ? 571 GLU A CD  1 
ATOM   16   O OE1 . GLU A 1 5  ? 15.185  13.367  14.518  1.00 28.59 ? 571 GLU A OE1 1 
ATOM   17   O OE2 . GLU A 1 5  ? 15.777  15.405  15.078  1.00 30.40 ? 571 GLU A OE2 1 
ATOM   18   N N   . PRO A 1 6  ? 17.540  11.095  10.359  1.00 17.71 ? 572 PRO A N   1 
ATOM   19   C CA  . PRO A 1 6  ? 17.247  9.824   9.690   1.00 16.68 ? 572 PRO A CA  1 
ATOM   20   C C   . PRO A 1 6  ? 15.781  9.430   9.839   1.00 15.31 ? 572 PRO A C   1 
ATOM   21   O O   . PRO A 1 6  ? 15.236  9.490   10.941  1.00 17.03 ? 572 PRO A O   1 
ATOM   22   C CB  . PRO A 1 6  ? 18.137  8.828   10.434  1.00 22.07 ? 572 PRO A CB  1 
ATOM   23   C CG  . PRO A 1 6  ? 18.292  9.413   11.792  1.00 24.26 ? 572 PRO A CG  1 
ATOM   24   C CD  . PRO A 1 6  ? 18.316  10.903  11.598  1.00 22.56 ? 572 PRO A CD  1 
ATOM   25   N N   . VAL A 1 7  ? 15.155  9.031   8.736   1.00 15.35 ? 573 VAL A N   1 
ATOM   26   C CA  . VAL A 1 7  ? 13.771  8.612   8.757   1.00 13.23 ? 573 VAL A CA  1 
ATOM   27   C C   . VAL A 1 7  ? 13.685  7.175   8.278   1.00 13.98 ? 573 VAL A C   1 
ATOM   28   O O   . VAL A 1 7  ? 14.366  6.802   7.373   1.00 14.28 ? 573 VAL A O   1 
ATOM   29   C CB  . VAL A 1 7  ? 12.886  9.545   7.914   1.00 18.42 ? 573 VAL A CB  1 
ATOM   30   C CG1 . VAL A 1 7  ? 11.558  9.018   7.728   1.00 19.98 ? 573 VAL A CG1 1 
ATOM   31   C CG2 . VAL A 1 7  ? 12.749  10.855  8.555   1.00 18.54 ? 573 VAL A CG2 1 
ATOM   32   N N   . SER A 1 8  ? 12.859  6.395   8.970   1.00 13.37 ? 574 SER A N   1 
ATOM   33   C CA  . SER A 1 8  ? 12.460  5.080   8.510   1.00 14.29 ? 574 SER A CA  1 
ATOM   34   C C   . SER A 1 8  ? 11.121  5.098   7.797   1.00 14.03 ? 574 SER A C   1 
ATOM   35   O O   . SER A 1 8  ? 10.150  5.525   8.317   1.00 12.81 ? 574 SER A O   1 
ATOM   36   C CB  . SER A 1 8  ? 12.469  4.076   9.641   1.00 12.63 ? 574 SER A CB  1 
ATOM   37   O OG  . SER A 1 8  ? 13.624  4.059   10.397  1.00 14.93 ? 574 SER A OG  1 
ATOM   38   N N   . LYS A 1 9  ? 11.169  4.667   6.568   1.00 13.21 ? 575 LYS A N   1 
ATOM   39   C CA  . LYS A 1 9  ? 9.992   4.502   5.767   1.00 15.30 ? 575 LYS A CA  1 
ATOM   40   C C   . LYS A 1 9  ? 9.515   3.046   5.891   1.00 15.19 ? 575 LYS A C   1 
ATOM   41   O O   . LYS A 1 9  ? 10.174  2.179   5.447   1.00 13.15 ? 575 LYS A O   1 
ATOM   42   C CB  . LYS A 1 9  ? 10.312  4.761   4.286   1.00 24.55 ? 575 LYS A CB  1 
ATOM   43   C CG  . LYS A 1 9  ? 10.895  6.134   4.017   1.00 29.74 ? 575 LYS A CG  1 
ATOM   44   C CD  . LYS A 1 9  ? 11.221  6.451   2.505   1.00 33.31 ? 575 LYS A CD  1 
ATOM   45   C CE  . LYS A 1 9  ? 11.907  7.915   2.322   1.00 36.83 ? 575 LYS A CE  1 
ATOM   46   N NZ  . LYS A 1 9  ? 12.759  8.187   1.055   1.00 38.89 ? 575 LYS A NZ  1 
ATOM   47   N N   . LEU A 1 10 ? 8.348   2.865   6.492   1.00 12.70 ? 576 LEU A N   1 
ATOM   48   C CA  . LEU A 1 10 ? 7.775   1.557   6.655   1.00 11.44 ? 576 LEU A CA  1 
ATOM   49   C C   . LEU A 1 10 ? 6.549   1.351   5.785   1.00 11.85 ? 576 LEU A C   1 
ATOM   50   O O   . LEU A 1 10 ? 5.738   2.178   5.660   1.00 11.74 ? 576 LEU A O   1 
ATOM   51   C CB  . LEU A 1 10 ? 7.440   1.259   8.111   1.00 11.77 ? 576 LEU A CB  1 
ATOM   52   C CG  . LEU A 1 10 ? 8.584   1.306   9.110   1.00 14.65 ? 576 LEU A CG  1 
ATOM   53   C CD1 . LEU A 1 10 ? 8.237   0.795   10.477  1.00 16.45 ? 576 LEU A CD1 1 
ATOM   54   C CD2 . LEU A 1 10 ? 9.859   0.833   8.683   1.00 15.29 ? 576 LEU A CD2 1 
ATOM   55   N N   . ARG A 1 11 ? 6.480   0.182   5.186   1.00 10.31 ? 577 ARG A N   1 
ATOM   56   C CA  . ARG A 1 11 ? 5.303   -0.271  4.529   1.00 10.10 ? 577 ARG A CA  1 
ATOM   57   C C   . ARG A 1 11 ? 4.908   -1.591  5.186   1.00 11.06 ? 577 ARG A C   1 
ATOM   58   O O   . ARG A 1 11 ? 5.729   -2.428  5.386   1.00 12.74 ? 577 ARG A O   1 
ATOM   59   C CB  . ARG A 1 11 ? 5.643   -0.599  3.071   1.00 12.98 ? 577 ARG A CB  1 
ATOM   60   C CG  . ARG A 1 11 ? 5.740   0.562   2.173   1.00 14.10 ? 577 ARG A CG  1 
ATOM   61   C CD  . ARG A 1 11 ? 6.509   0.298   0.955   1.00 17.31 ? 577 ARG A CD  1 
ATOM   62   N NE  . ARG A 1 11 ? 6.028   -0.793  0.152   1.00 17.06 ? 577 ARG A NE  1 
ATOM   63   C CZ  . ARG A 1 11 ? 5.045   -0.739  -0.694  1.00 18.75 ? 577 ARG A CZ  1 
ATOM   64   N NH1 . ARG A 1 11 ? 4.321   0.329   -0.835  1.00 18.85 ? 577 ARG A NH1 1 
ATOM   65   N NH2 . ARG A 1 11 ? 4.794   -1.766  -1.425  1.00 17.03 ? 577 ARG A NH2 1 
ATOM   66   N N   . ILE A 1 12 ? 3.631   -1.701  5.510   1.00 11.04 ? 578 ILE A N   1 
ATOM   67   C CA  . ILE A 1 12 ? 3.137   -2.841  6.252   1.00 10.59 ? 578 ILE A CA  1 
ATOM   68   C C   . ILE A 1 12 ? 1.991   -3.453  5.457   1.00 10.40 ? 578 ILE A C   1 
ATOM   69   O O   . ILE A 1 12 ? 1.023   -2.853  5.230   1.00 11.38 ? 578 ILE A O   1 
ATOM   70   C CB  . ILE A 1 12 ? 2.678   -2.422  7.667   1.00 12.52 ? 578 ILE A CB  1 
ATOM   71   C CG1 . ILE A 1 12 ? 3.895   -1.927  8.430   1.00 13.54 ? 578 ILE A CG1 1 
ATOM   72   C CG2 . ILE A 1 12 ? 2.136   -3.583  8.398   1.00 12.93 ? 578 ILE A CG2 1 
ATOM   73   C CD1 . ILE A 1 12 ? 3.656   -1.211  9.603   1.00 16.69 ? 578 ILE A CD1 1 
ATOM   74   N N   . ARG A 1 13 ? 2.188   -4.683  5.013   1.00 10.34 ? 579 ARG A N   1 
ATOM   75   C CA  . ARG A 1 13 ? 1.198   -5.382  4.220   1.00 11.64 ? 579 ARG A CA  1 
ATOM   76   C C   . ARG A 1 13 ? 0.156   -6.145  5.067   1.00 10.82 ? 579 ARG A C   1 
ATOM   77   O O   . ARG A 1 13 ? 0.506   -6.929  5.869   1.00 11.44 ? 579 ARG A O   1 
ATOM   78   C CB  . ARG A 1 13 ? 1.887   -6.360  3.293   1.00 17.59 ? 579 ARG A CB  1 
ATOM   79   C CG  . ARG A 1 13 ? 1.071   -6.848  2.123   1.00 21.95 ? 579 ARG A CG  1 
ATOM   80   C CD  . ARG A 1 13 ? 1.703   -7.960  1.288   1.00 26.49 ? 579 ARG A CD  1 
ATOM   81   N NE  . ARG A 1 13 ? 1.854   -9.152  2.052   1.00 32.53 ? 579 ARG A NE  1 
ATOM   82   C CZ  . ARG A 1 13 ? 2.408   -10.264 1.628   1.00 35.06 ? 579 ARG A CZ  1 
ATOM   83   N NH1 . ARG A 1 13 ? 2.836   -10.359 0.400   1.00 37.42 ? 579 ARG A NH1 1 
ATOM   84   N NH2 . ARG A 1 13 ? 2.510   -11.289 2.437   1.00 37.54 ? 579 ARG A NH2 1 
ATOM   85   N N   . THR A 1 14 ? -1.108  -5.863  4.817   1.00 11.59 ? 580 THR A N   1 
ATOM   86   C CA  . THR A 1 14 ? -2.171  -6.503  5.547   1.00 14.90 ? 580 THR A CA  1 
ATOM   87   C C   . THR A 1 14 ? -2.314  -7.882  4.979   1.00 14.22 ? 580 THR A C   1 
ATOM   88   O O   . THR A 1 14 ? -1.891  -8.128  3.939   1.00 15.28 ? 580 THR A O   1 
ATOM   89   C CB  . THR A 1 14 ? -3.480  -5.814  5.351   1.00 17.45 ? 580 THR A CB  1 
ATOM   90   O OG1 . THR A 1 14 ? -3.903  -5.943  4.013   1.00 17.78 ? 580 THR A OG1 1 
ATOM   91   C CG2 . THR A 1 14 ? -3.370  -4.367  5.599   1.00 18.38 ? 580 THR A CG2 1 
ATOM   92   N N   . PRO A 1 15 ? -2.958  -8.740  5.740   1.00 17.39 ? 581 PRO A N   1 
ATOM   93   C CA  . PRO A 1 15 ? -3.186  -10.099 5.318   1.00 18.45 ? 581 PRO A CA  1 
ATOM   94   C C   . PRO A 1 15 ? -3.804  -10.213 3.944   1.00 20.09 ? 581 PRO A C   1 
ATOM   95   O O   . PRO A 1 15 ? -3.457  -11.126 3.234   1.00 23.04 ? 581 PRO A O   1 
ATOM   96   C CB  . PRO A 1 15 ? -4.065  -10.662 6.434   1.00 18.30 ? 581 PRO A CB  1 
ATOM   97   C CG  . PRO A 1 15 ? -3.705  -9.883  7.584   1.00 18.43 ? 581 PRO A CG  1 
ATOM   98   C CD  . PRO A 1 15 ? -3.450  -8.524  7.086   1.00 15.58 ? 581 PRO A CD  1 
ATOM   99   N N   . SER A 1 16 ? -4.636  -9.282  3.552   1.00 20.42 ? 582 SER A N   1 
ATOM   100  C CA  . SER A 1 16 ? -5.266  -9.333  2.243   1.00 21.59 ? 582 SER A CA  1 
ATOM   101  C C   . SER A 1 16 ? -4.448  -8.699  1.120   1.00 20.87 ? 582 SER A C   1 
ATOM   102  O O   . SER A 1 16 ? -4.780  -8.809  -0.001  1.00 20.06 ? 582 SER A O   1 
ATOM   103  C CB  . SER A 1 16 ? -6.670  -8.760  2.287   1.00 23.68 ? 582 SER A CB  1 
ATOM   104  O OG  . SER A 1 16 ? -6.766  -7.621  3.047   1.00 25.39 ? 582 SER A OG  1 
ATOM   105  N N   . GLY A 1 17 ? -3.405  -7.957  1.463   1.00 18.66 ? 583 GLY A N   1 
ATOM   106  C CA  . GLY A 1 17 ? -2.518  -7.461  0.464   1.00 18.48 ? 583 GLY A CA  1 
ATOM   107  C C   . GLY A 1 17 ? -2.465  -5.956  0.224   1.00 18.87 ? 583 GLY A C   1 
ATOM   108  O O   . GLY A 1 17 ? -1.832  -5.517  -0.688  1.00 20.40 ? 583 GLY A O   1 
ATOM   109  N N   . GLU A 1 18 ? -3.134  -5.211  1.063   1.00 14.95 ? 584 GLU A N   1 
ATOM   110  C CA  . GLU A 1 18 ? -3.071  -3.754  1.010   1.00 14.65 ? 584 GLU A CA  1 
ATOM   111  C C   . GLU A 1 18 ? -1.898  -3.245  1.865   1.00 13.73 ? 584 GLU A C   1 
ATOM   112  O O   . GLU A 1 18 ? -1.406  -3.947  2.674   1.00 14.77 ? 584 GLU A O   1 
ATOM   113  C CB  . GLU A 1 18 ? -4.386  -3.136  1.493   1.00 20.09 ? 584 GLU A CB  1 
ATOM   114  C CG  . GLU A 1 18 ? -5.635  -3.658  0.794   1.00 23.03 ? 584 GLU A CG  1 
ATOM   115  C CD  . GLU A 1 18 ? -6.047  -5.017  1.320   1.00 26.52 ? 584 GLU A CD  1 
ATOM   116  O OE1 . GLU A 1 18 ? -6.020  -5.203  2.527   1.00 29.45 ? 584 GLU A OE1 1 
ATOM   117  O OE2 . GLU A 1 18 ? -6.379  -5.908  0.548   1.00 27.76 ? 584 GLU A OE2 1 
ATOM   118  N N   . PHE A 1 19 ? -1.473  -2.012  1.618   1.00 11.45 ? 585 PHE A N   1 
ATOM   119  C CA  . PHE A 1 19 ? -0.357  -1.468  2.319   1.00 10.55 ? 585 PHE A CA  1 
ATOM   120  C C   . PHE A 1 19 ? -0.696  -0.267  3.212   1.00 11.43 ? 585 PHE A C   1 
ATOM   121  O O   . PHE A 1 19 ? -1.263  0.662   2.784   1.00 11.43 ? 585 PHE A O   1 
ATOM   122  C CB  . PHE A 1 19 ? 0.744   -1.088  1.381   1.00 13.09 ? 585 PHE A CB  1 
ATOM   123  C CG  . PHE A 1 19 ? 1.372   -2.256  0.666   1.00 12.80 ? 585 PHE A CG  1 
ATOM   124  C CD1 . PHE A 1 19 ? 0.991   -2.594  -0.588  1.00 18.52 ? 585 PHE A CD1 1 
ATOM   125  C CD2 . PHE A 1 19 ? 2.349   -2.986  1.252   1.00 14.78 ? 585 PHE A CD2 1 
ATOM   126  C CE1 . PHE A 1 19 ? 1.586   -3.662  -1.200  1.00 19.75 ? 585 PHE A CE1 1 
ATOM   127  C CE2 . PHE A 1 19 ? 2.917   -4.026  0.612   1.00 18.81 ? 585 PHE A CE2 1 
ATOM   128  C CZ  . PHE A 1 19 ? 2.535   -4.347  -0.590  1.00 18.52 ? 585 PHE A CZ  1 
ATOM   129  N N   . LEU A 1 20 ? -0.260  -0.388  4.467   1.00 12.37 ? 586 LEU A N   1 
ATOM   130  C CA  . LEU A 1 20 ? -0.224  0.680   5.408   1.00 14.14 ? 586 LEU A CA  1 
ATOM   131  C C   . LEU A 1 20 ? 1.130   1.319   5.330   1.00 14.51 ? 586 LEU A C   1 
ATOM   132  O O   . LEU A 1 20 ? 2.120   0.678   5.445   1.00 16.03 ? 586 LEU A O   1 
ATOM   133  C CB  . LEU A 1 20 ? -0.356  0.114   6.810   1.00 17.34 ? 586 LEU A CB  1 
ATOM   134  C CG  . LEU A 1 20 ? -1.675  -0.308  7.341   1.00 22.67 ? 586 LEU A CG  1 
ATOM   135  C CD1 . LEU A 1 20 ? -2.651  -0.467  6.403   1.00 23.26 ? 586 LEU A CD1 1 
ATOM   136  C CD2 . LEU A 1 20 ? -1.635  -1.463  8.283   1.00 25.06 ? 586 LEU A CD2 1 
ATOM   137  N N   . GLU A 1 21 ? 1.179   2.645   5.227   1.00 11.35 ? 587 GLU A N   1 
ATOM   138  C CA  . GLU A 1 21 ? 2.441   3.335   5.066   1.00 13.31 ? 587 GLU A CA  1 
ATOM   139  C C   . GLU A 1 21 ? 2.590   4.494   6.033   1.00 13.52 ? 587 GLU A C   1 
ATOM   140  O O   . GLU A 1 21 ? 1.721   5.288   6.181   1.00 13.82 ? 587 GLU A O   1 
ATOM   141  C CB  . GLU A 1 21 ? 2.615   3.843   3.632   1.00 19.04 ? 587 GLU A CB  1 
ATOM   142  C CG  . GLU A 1 21 ? 2.795   2.719   2.673   1.00 22.89 ? 587 GLU A CG  1 
ATOM   143  C CD  . GLU A 1 21 ? 2.874   3.151   1.236   1.00 27.28 ? 587 GLU A CD  1 
ATOM   144  O OE1 . GLU A 1 21 ? 3.298   4.282   1.034   1.00 28.90 ? 587 GLU A OE1 1 
ATOM   145  O OE2 . GLU A 1 21 ? 2.487   2.329   0.396   1.00 29.29 ? 587 GLU A OE2 1 
ATOM   146  N N   . ARG A 1 22 ? 3.736   4.541   6.646   1.00 13.60 ? 588 ARG A N   1 
ATOM   147  C CA  . ARG A 1 22 ? 4.099   5.674   7.433   1.00 14.97 ? 588 ARG A CA  1 
ATOM   148  C C   . ARG A 1 22 ? 5.584   5.796   7.546   1.00 14.35 ? 588 ARG A C   1 
ATOM   149  O O   . ARG A 1 22 ? 6.261   4.843   7.590   1.00 12.77 ? 588 ARG A O   1 
ATOM   150  C CB  . ARG A 1 22 ? 3.483   5.623   8.818   1.00 15.99 ? 588 ARG A CB  1 
ATOM   151  C CG  . ARG A 1 22 ? 3.652   6.925   9.640   1.00 19.61 ? 588 ARG A CG  1 
ATOM   152  C CD  . ARG A 1 22 ? 2.704   7.095   10.787  1.00 22.59 ? 588 ARG A CD  1 
ATOM   153  N NE  . ARG A 1 22 ? 1.360   7.382   10.358  1.00 24.27 ? 588 ARG A NE  1 
ATOM   154  C CZ  . ARG A 1 22 ? 0.370   7.428   11.185  1.00 26.19 ? 588 ARG A CZ  1 
ATOM   155  N NH1 . ARG A 1 22 ? 0.586   7.266   12.440  1.00 27.49 ? 588 ARG A NH1 1 
ATOM   156  N NH2 . ARG A 1 22 ? -0.818  7.683   10.774  1.00 28.38 ? 588 ARG A NH2 1 
ATOM   157  N N   . ARG A 1 23 ? 6.025   7.058   7.616   1.00 13.63 ? 589 ARG A N   1 
ATOM   158  C CA  . ARG A 1 23 ? 7.380   7.397   7.903   1.00 14.71 ? 589 ARG A CA  1 
ATOM   159  C C   . ARG A 1 23 ? 7.550   7.746   9.375   1.00 14.10 ? 589 ARG A C   1 
ATOM   160  O O   . ARG A 1 23 ? 6.724   8.381   9.941   1.00 15.11 ? 589 ARG A O   1 
ATOM   161  C CB  . ARG A 1 23 ? 7.876   8.582   7.018   1.00 15.86 ? 589 ARG A CB  1 
ATOM   162  C CG  . ARG A 1 23 ? 7.946   8.287   5.522   1.00 18.09 ? 589 ARG A CG  1 
ATOM   163  C CD  . ARG A 1 23 ? 8.566   9.382   4.649   1.00 22.63 ? 589 ARG A CD  1 
ATOM   164  N NE  . ARG A 1 23 ? 8.355   9.218   3.217   1.00 28.92 ? 589 ARG A NE  1 
ATOM   165  C CZ  . ARG A 1 23 ? 8.999   9.875   2.251   1.00 31.76 ? 589 ARG A CZ  1 
ATOM   166  N NH1 . ARG A 1 23 ? 9.871   10.812  2.526   1.00 33.40 ? 589 ARG A NH1 1 
ATOM   167  N NH2 . ARG A 1 23 ? 8.741   9.625   0.997   1.00 32.60 ? 589 ARG A NH2 1 
ATOM   168  N N   . PHE A 1 24 ? 8.638   7.276   9.956   1.00 12.56 ? 590 PHE A N   1 
ATOM   169  C CA  . PHE A 1 24 ? 8.919   7.488   11.337  1.00 11.35 ? 590 PHE A CA  1 
ATOM   170  C C   . PHE A 1 24 ? 10.327  8.018   11.541  1.00 12.67 ? 590 PHE A C   1 
ATOM   171  O O   . PHE A 1 24 ? 11.176  7.670   10.818  1.00 12.73 ? 590 PHE A O   1 
ATOM   172  C CB  . PHE A 1 24 ? 8.849   6.160   12.092  1.00 15.05 ? 590 PHE A CB  1 
ATOM   173  C CG  . PHE A 1 24 ? 7.503   5.469   12.047  1.00 15.08 ? 590 PHE A CG  1 
ATOM   174  C CD1 . PHE A 1 24 ? 7.208   4.586   11.077  1.00 16.45 ? 590 PHE A CD1 1 
ATOM   175  C CD2 . PHE A 1 24 ? 6.594   5.657   13.029  1.00 17.35 ? 590 PHE A CD2 1 
ATOM   176  C CE1 . PHE A 1 24 ? 6.020   3.979   11.066  1.00 15.61 ? 590 PHE A CE1 1 
ATOM   177  C CE2 . PHE A 1 24 ? 5.427   5.065   13.025  1.00 17.24 ? 590 PHE A CE2 1 
ATOM   178  C CZ  . PHE A 1 24 ? 5.126   4.222   12.063  1.00 16.61 ? 590 PHE A CZ  1 
ATOM   179  N N   . LEU A 1 25 ? 10.524  8.906   12.492  1.00 12.58 ? 591 LEU A N   1 
ATOM   180  C CA  . LEU A 1 25 ? 11.864  9.193   12.898  1.00 13.19 ? 591 LEU A CA  1 
ATOM   181  C C   . LEU A 1 25 ? 12.632  7.911   13.250  1.00 12.83 ? 591 LEU A C   1 
ATOM   182  O O   . LEU A 1 25 ? 12.134  7.103   13.953  1.00 11.77 ? 591 LEU A O   1 
ATOM   183  C CB  . LEU A 1 25 ? 11.914  10.178  14.058  1.00 17.11 ? 591 LEU A CB  1 
ATOM   184  C CG  . LEU A 1 25 ? 11.337  11.554  13.721  1.00 18.74 ? 591 LEU A CG  1 
ATOM   185  C CD1 . LEU A 1 25 ? 11.446  12.420  14.891  1.00 20.99 ? 591 LEU A CD1 1 
ATOM   186  C CD2 . LEU A 1 25 ? 12.090  12.183  12.641  1.00 20.22 ? 591 LEU A CD2 1 
ATOM   187  N N   . ALA A 1 26 ? 13.848  7.780   12.794  1.00 14.40 ? 592 ALA A N   1 
ATOM   188  C CA  . ALA A 1 26 ? 14.583  6.601   13.142  1.00 14.81 ? 592 ALA A CA  1 
ATOM   189  C C   . ALA A 1 26 ? 14.846  6.484   14.618  1.00 15.85 ? 592 ALA A C   1 
ATOM   190  O O   . ALA A 1 26 ? 15.074  5.448   15.122  1.00 16.31 ? 592 ALA A O   1 
ATOM   191  C CB  . ALA A 1 26 ? 15.855  6.570   12.411  1.00 18.73 ? 592 ALA A CB  1 
ATOM   192  N N   . SER A 1 27 ? 14.834  7.636   15.273  1.00 16.92 ? 593 SER A N   1 
ATOM   193  C CA  . SER A 1 27 ? 14.911  7.718   16.687  1.00 16.89 ? 593 SER A CA  1 
ATOM   194  C C   . SER A 1 27 ? 13.652  7.266   17.450  1.00 17.32 ? 593 SER A C   1 
ATOM   195  O O   . SER A 1 27 ? 13.730  6.959   18.609  1.00 18.03 ? 593 SER A O   1 
ATOM   196  C CB  . SER A 1 27 ? 15.273  9.159   17.115  1.00 18.41 ? 593 SER A CB  1 
ATOM   197  O OG  . SER A 1 27 ? 14.238  10.045  16.809  1.00 18.43 ? 593 SER A OG  1 
ATOM   198  N N   . ASN A 1 28 ? 12.524  7.189   16.796  1.00 16.98 ? 594 ASN A N   1 
ATOM   199  C CA  . ASN A 1 28 ? 11.346  6.719   17.500  1.00 16.21 ? 594 ASN A CA  1 
ATOM   200  C C   . ASN A 1 28 ? 11.544  5.330   18.064  1.00 17.18 ? 594 ASN A C   1 
ATOM   201  O O   . ASN A 1 28 ? 12.185  4.513   17.488  1.00 15.77 ? 594 ASN A O   1 
ATOM   202  C CB  . ASN A 1 28 ? 10.084  6.702   16.623  1.00 18.33 ? 594 ASN A CB  1 
ATOM   203  C CG  . ASN A 1 28 ? 9.539   8.089   16.285  1.00 19.78 ? 594 ASN A CG  1 
ATOM   204  O OD1 . ASN A 1 28 ? 9.915   9.066   16.858  1.00 23.30 ? 594 ASN A OD1 1 
ATOM   205  N ND2 . ASN A 1 28 ? 8.690   8.136   15.348  1.00 20.92 ? 594 ASN A ND2 1 
ATOM   206  N N   . LYS A 1 29 ? 10.923  5.107   19.222  1.00 15.82 ? 595 LYS A N   1 
ATOM   207  C CA  . LYS A 1 29 ? 10.803  3.779   19.789  1.00 14.52 ? 595 LYS A CA  1 
ATOM   208  C C   . LYS A 1 29 ? 9.864   2.842   19.008  1.00 13.02 ? 595 LYS A C   1 
ATOM   209  O O   . LYS A 1 29 ? 8.928   3.267   18.461  1.00 11.40 ? 595 LYS A O   1 
ATOM   210  C CB  . LYS A 1 29 ? 10.388  3.827   21.241  1.00 24.06 ? 595 LYS A CB  1 
ATOM   211  C CG  . LYS A 1 29 ? 11.295  4.673   22.079  1.00 28.90 ? 595 LYS A CG  1 
ATOM   212  C CD  . LYS A 1 29 ? 10.884  4.820   23.495  1.00 33.68 ? 595 LYS A CD  1 
ATOM   213  C CE  . LYS A 1 29 ? 11.819  5.769   24.282  1.00 35.68 ? 595 LYS A CE  1 
ATOM   214  N NZ  . LYS A 1 29 ? 12.821  4.958   25.079  1.00 37.56 ? 595 LYS A NZ  1 
ATOM   215  N N   . LEU A 1 30 ? 10.144  1.555   19.040  1.00 13.51 ? 596 LEU A N   1 
ATOM   216  C CA  . LEU A 1 30 ? 9.316   0.620   18.307  1.00 13.33 ? 596 LEU A CA  1 
ATOM   217  C C   . LEU A 1 30 ? 7.864   0.696   18.712  1.00 12.57 ? 596 LEU A C   1 
ATOM   218  O O   . LEU A 1 30 ? 7.009   0.461   17.962  1.00 11.00 ? 596 LEU A O   1 
ATOM   219  C CB  . LEU A 1 30 ? 9.860   -0.791  18.484  1.00 15.04 ? 596 LEU A CB  1 
ATOM   220  C CG  . LEU A 1 30 ? 9.464   -1.955  17.647  1.00 17.44 ? 596 LEU A CG  1 
ATOM   221  C CD1 . LEU A 1 30 ? 9.471   -1.686  16.193  1.00 16.05 ? 596 LEU A CD1 1 
ATOM   222  C CD2 . LEU A 1 30 ? 10.334  -3.029  18.047  1.00 16.97 ? 596 LEU A CD2 1 
ATOM   223  N N   . GLN A 1 31 ? 7.635   1.046   19.973  1.00 14.09 ? 597 GLN A N   1 
ATOM   224  C CA  . GLN A 1 31 ? 6.282   1.227   20.485  1.00 16.67 ? 597 GLN A CA  1 
ATOM   225  C C   . GLN A 1 31 ? 5.447   2.091   19.547  1.00 15.82 ? 597 GLN A C   1 
ATOM   226  O O   . GLN A 1 31 ? 4.264   1.830   19.334  1.00 14.27 ? 597 GLN A O   1 
ATOM   227  C CB  . GLN A 1 31 ? 6.316   1.849   21.883  1.00 28.34 ? 597 GLN A CB  1 
ATOM   228  C CG  . GLN A 1 31 ? 5.640   1.008   22.953  1.00 35.97 ? 597 GLN A CG  1 
ATOM   229  C CD  . GLN A 1 31 ? 5.811   1.589   24.344  1.00 39.00 ? 597 GLN A CD  1 
ATOM   230  O OE1 . GLN A 1 31 ? 4.838   1.736   25.083  1.00 42.43 ? 597 GLN A OE1 1 
ATOM   231  N NE2 . GLN A 1 31 ? 7.045   1.921   24.702  1.00 40.61 ? 597 GLN A NE2 1 
ATOM   232  N N   . ILE A 1 32 ? 6.073   3.122   18.988  1.00 15.26 ? 598 ILE A N   1 
ATOM   233  C CA  . ILE A 1 32 ? 5.376   4.058   18.112  1.00 14.61 ? 598 ILE A CA  1 
ATOM   234  C C   . ILE A 1 32 ? 4.865   3.362   16.855  1.00 12.71 ? 598 ILE A C   1 
ATOM   235  O O   . ILE A 1 32 ? 3.803   3.702   16.334  1.00 13.15 ? 598 ILE A O   1 
ATOM   236  C CB  . ILE A 1 32 ? 6.299   5.230   17.732  1.00 16.94 ? 598 ILE A CB  1 
ATOM   237  C CG1 . ILE A 1 32 ? 6.787   5.955   18.987  1.00 20.78 ? 598 ILE A CG1 1 
ATOM   238  C CG2 . ILE A 1 32 ? 5.580   6.193   16.799  1.00 18.50 ? 598 ILE A CG2 1 
ATOM   239  C CD1 . ILE A 1 32 ? 5.718   6.783   19.668  1.00 26.15 ? 598 ILE A CD1 1 
ATOM   240  N N   . VAL A 1 33 ? 5.629   2.387   16.373  1.00 11.47 ? 599 VAL A N   1 
ATOM   241  C CA  . VAL A 1 33 ? 5.217   1.587   15.226  1.00 10.52 ? 599 VAL A CA  1 
ATOM   242  C C   . VAL A 1 33 ? 4.080   0.639   15.596  1.00 11.15 ? 599 VAL A C   1 
ATOM   243  O O   . VAL A 1 33 ? 3.165   0.412   14.804  1.00 12.03 ? 599 VAL A O   1 
ATOM   244  C CB  . VAL A 1 33 ? 6.391   0.768   14.658  1.00 8.50  ? 599 VAL A CB  1 
ATOM   245  C CG1 . VAL A 1 33 ? 5.899   -0.197  13.590  1.00 10.66 ? 599 VAL A CG1 1 
ATOM   246  C CG2 . VAL A 1 33 ? 7.463   1.691   14.100  1.00 13.06 ? 599 VAL A CG2 1 
ATOM   247  N N   . PHE A 1 34 ? 4.144   0.089   16.804  1.00 10.69 ? 600 PHE A N   1 
ATOM   248  C CA  . PHE A 1 34 ? 3.062   -0.739  17.329  1.00 12.03 ? 600 PHE A CA  1 
ATOM   249  C C   . PHE A 1 34 ? 1.743   0.072   17.422  1.00 13.49 ? 600 PHE A C   1 
ATOM   250  O O   . PHE A 1 34 ? 0.692   -0.418  17.142  1.00 13.56 ? 600 PHE A O   1 
ATOM   251  C CB  . PHE A 1 34 ? 3.405   -1.345  18.692  1.00 12.46 ? 600 PHE A CB  1 
ATOM   252  C CG  . PHE A 1 34 ? 4.538   -2.347  18.680  1.00 13.69 ? 600 PHE A CG  1 
ATOM   253  C CD1 . PHE A 1 34 ? 5.029   -2.843  17.518  1.00 14.22 ? 600 PHE A CD1 1 
ATOM   254  C CD2 . PHE A 1 34 ? 5.079   -2.801  19.837  1.00 13.24 ? 600 PHE A CD2 1 
ATOM   255  C CE1 . PHE A 1 34 ? 6.019   -3.700  17.519  1.00 13.55 ? 600 PHE A CE1 1 
ATOM   256  C CE2 . PHE A 1 34 ? 6.052   -3.693  19.823  1.00 15.88 ? 600 PHE A CE2 1 
ATOM   257  C CZ  . PHE A 1 34 ? 6.532   -4.127  18.667  1.00 15.76 ? 600 PHE A CZ  1 
ATOM   258  N N   . ASP A 1 35 ? 1.870   1.323   17.862  1.00 14.16 ? 601 ASP A N   1 
ATOM   259  C CA  . ASP A 1 35 ? 0.727   2.198   18.006  1.00 16.33 ? 601 ASP A CA  1 
ATOM   260  C C   . ASP A 1 35 ? 0.063   2.433   16.655  1.00 14.86 ? 601 ASP A C   1 
ATOM   261  O O   . ASP A 1 35 ? -1.105  2.497   16.550  1.00 15.29 ? 601 ASP A O   1 
ATOM   262  C CB  . ASP A 1 35 ? 1.126   3.570   18.580  1.00 18.79 ? 601 ASP A CB  1 
ATOM   263  C CG  . ASP A 1 35 ? 1.506   3.540   20.051  1.00 21.42 ? 601 ASP A CG  1 
ATOM   264  O OD1 . ASP A 1 35 ? 2.100   4.505   20.502  1.00 23.14 ? 601 ASP A OD1 1 
ATOM   265  O OD2 . ASP A 1 35 ? 1.259   2.620   20.784  1.00 22.20 ? 601 ASP A OD2 1 
ATOM   266  N N   . PHE A 1 36 ? 0.864   2.614   15.628  1.00 11.89 ? 602 PHE A N   1 
ATOM   267  C CA  . PHE A 1 36 ? 0.338   2.804   14.296  1.00 11.56 ? 602 PHE A CA  1 
ATOM   268  C C   . PHE A 1 36 ? -0.441  1.571   13.832  1.00 11.71 ? 602 PHE A C   1 
ATOM   269  O O   . PHE A 1 36 ? -1.522  1.708   13.391  1.00 12.29 ? 602 PHE A O   1 
ATOM   270  C CB  . PHE A 1 36 ? 1.483   3.070   13.298  1.00 11.70 ? 602 PHE A CB  1 
ATOM   271  C CG  . PHE A 1 36 ? 1.081   3.107   11.874  1.00 11.09 ? 602 PHE A CG  1 
ATOM   272  C CD1 . PHE A 1 36 ? 1.668   2.287   10.940  1.00 12.98 ? 602 PHE A CD1 1 
ATOM   273  C CD2 . PHE A 1 36 ? 0.154   3.991   11.435  1.00 14.20 ? 602 PHE A CD2 1 
ATOM   274  C CE1 . PHE A 1 36 ? 1.336   2.364   9.653   1.00 13.81 ? 602 PHE A CE1 1 
ATOM   275  C CE2 . PHE A 1 36 ? -0.181  4.051   10.138  1.00 12.27 ? 602 PHE A CE2 1 
ATOM   276  C CZ  . PHE A 1 36 ? 0.416   3.205   9.237   1.00 15.64 ? 602 PHE A CZ  1 
ATOM   277  N N   . VAL A 1 37 ? 0.144   0.409   13.934  1.00 11.30 ? 603 VAL A N   1 
ATOM   278  C CA  . VAL A 1 37 ? -0.574  -0.710  13.457  1.00 12.93 ? 603 VAL A CA  1 
ATOM   279  C C   . VAL A 1 37 ? -1.824  -0.976  14.270  1.00 12.34 ? 603 VAL A C   1 
ATOM   280  O O   . VAL A 1 37 ? -2.805  -1.342  13.716  1.00 14.22 ? 603 VAL A O   1 
ATOM   281  C CB  . VAL A 1 37 ? 0.289   -1.987  13.282  1.00 12.04 ? 603 VAL A CB  1 
ATOM   282  C CG1 . VAL A 1 37 ? 1.299   -1.792  12.248  1.00 12.07 ? 603 VAL A CG1 1 
ATOM   283  C CG2 . VAL A 1 37 ? 0.931   -2.450  14.547  1.00 11.17 ? 603 VAL A CG2 1 
ATOM   284  N N   . ALA A 1 38 ? -1.758  -0.758  15.566  1.00 12.26 ? 604 ALA A N   1 
ATOM   285  C CA  . ALA A 1 38 ? -2.951  -0.861  16.368  1.00 14.19 ? 604 ALA A CA  1 
ATOM   286  C C   . ALA A 1 38 ? -4.058  0.072   15.905  1.00 16.08 ? 604 ALA A C   1 
ATOM   287  O O   . ALA A 1 38 ? -5.187  -0.315  15.791  1.00 15.86 ? 604 ALA A O   1 
ATOM   288  C CB  . ALA A 1 38 ? -2.670  -0.623  17.858  1.00 14.75 ? 604 ALA A CB  1 
ATOM   289  N N   . SER A 1 39 ? -3.682  1.316   15.684  1.00 17.81 ? 605 SER A N   1 
ATOM   290  C CA  . SER A 1 39 ? -4.599  2.273   15.119  1.00 20.03 ? 605 SER A CA  1 
ATOM   291  C C   . SER A 1 39 ? -5.316  1.900   13.821  1.00 21.02 ? 605 SER A C   1 
ATOM   292  O O   . SER A 1 39 ? -6.331  2.457   13.507  1.00 23.07 ? 605 SER A O   1 
ATOM   293  C CB  . SER A 1 39 ? -3.934  3.642   15.001  1.00 20.42 ? 605 SER A CB  1 
ATOM   294  O OG  . SER A 1 39 ? -3.266  3.743   13.791  1.00 21.17 ? 605 SER A OG  1 
ATOM   295  N N   . LYS A 1 40 ? -4.758  0.948   13.089  1.00 18.16 ? 606 LYS A N   1 
ATOM   296  C CA  . LYS A 1 40 ? -5.295  0.474   11.857  1.00 17.71 ? 606 LYS A CA  1 
ATOM   297  C C   . LYS A 1 40 ? -5.948  -0.900  11.974  1.00 18.67 ? 606 LYS A C   1 
ATOM   298  O O   . LYS A 1 40 ? -6.332  -1.489  11.001  1.00 20.09 ? 606 LYS A O   1 
ATOM   299  C CB  . LYS A 1 40 ? -4.212  0.427   10.779  1.00 22.22 ? 606 LYS A CB  1 
ATOM   300  C CG  . LYS A 1 40 ? -3.464  1.733   10.572  1.00 22.11 ? 606 LYS A CG  1 
ATOM   301  C CD  . LYS A 1 40 ? -4.349  2.752   10.014  1.00 27.21 ? 606 LYS A CD  1 
ATOM   302  C CE  . LYS A 1 40 ? -3.801  4.137   10.071  1.00 29.88 ? 606 LYS A CE  1 
ATOM   303  N NZ  . LYS A 1 40 ? -4.782  5.266   9.909   1.00 32.36 ? 606 LYS A NZ  1 
ATOM   304  N N   . GLY A 1 41 ? -6.032  -1.383  13.195  1.00 19.06 ? 607 GLY A N   1 
ATOM   305  C CA  . GLY A 1 41 ? -6.772  -2.602  13.435  1.00 19.49 ? 607 GLY A CA  1 
ATOM   306  C C   . GLY A 1 41 ? -5.957  -3.840  13.535  1.00 18.07 ? 607 GLY A C   1 
ATOM   307  O O   . GLY A 1 41 ? -6.490  -4.906  13.577  1.00 17.12 ? 607 GLY A O   1 
ATOM   308  N N   . PHE A 1 42 ? -4.639  -3.665  13.600  1.00 14.19 ? 608 PHE A N   1 
ATOM   309  C CA  . PHE A 1 42 ? -3.728  -4.803  13.592  1.00 11.91 ? 608 PHE A CA  1 
ATOM   310  C C   . PHE A 1 42 ? -2.720  -4.744  14.769  1.00 11.85 ? 608 PHE A C   1 
ATOM   311  O O   . PHE A 1 42 ? -1.559  -4.571  14.572  1.00 11.65 ? 608 PHE A O   1 
ATOM   312  C CB  . PHE A 1 42 ? -2.960  -4.918  12.247  1.00 12.78 ? 608 PHE A CB  1 
ATOM   313  C CG  . PHE A 1 42 ? -3.832  -5.063  11.050  1.00 13.98 ? 608 PHE A CG  1 
ATOM   314  C CD1 . PHE A 1 42 ? -4.121  -3.998  10.263  1.00 14.36 ? 608 PHE A CD1 1 
ATOM   315  C CD2 . PHE A 1 42 ? -4.349  -6.289  10.710  1.00 15.48 ? 608 PHE A CD2 1 
ATOM   316  C CE1 . PHE A 1 42 ? -4.903  -4.130  9.209   1.00 16.38 ? 608 PHE A CE1 1 
ATOM   317  C CE2 . PHE A 1 42 ? -5.127  -6.422  9.630   1.00 14.48 ? 608 PHE A CE2 1 
ATOM   318  C CZ  . PHE A 1 42 ? -5.410  -5.404  8.891   1.00 16.27 ? 608 PHE A CZ  1 
ATOM   319  N N   . PRO A 1 43 ? -3.223  -4.901  15.981  1.00 12.76 ? 609 PRO A N   1 
ATOM   320  C CA  . PRO A 1 43 ? -2.388  -4.677  17.143  1.00 13.05 ? 609 PRO A CA  1 
ATOM   321  C C   . PRO A 1 43 ? -1.324  -5.746  17.339  1.00 13.57 ? 609 PRO A C   1 
ATOM   322  O O   . PRO A 1 43 ? -1.487  -6.852  16.949  1.00 12.56 ? 609 PRO A O   1 
ATOM   323  C CB  . PRO A 1 43 ? -3.387  -4.717  18.314  1.00 19.19 ? 609 PRO A CB  1 
ATOM   324  C CG  . PRO A 1 43 ? -4.466  -5.534  17.803  1.00 17.53 ? 609 PRO A CG  1 
ATOM   325  C CD  . PRO A 1 43 ? -4.576  -5.290  16.388  1.00 16.94 ? 609 PRO A CD  1 
ATOM   326  N N   . TRP A 1 44 ? -0.256  -5.349  18.015  1.00 12.79 ? 610 TRP A N   1 
ATOM   327  C CA  . TRP A 1 44 ? 0.938   -6.117  18.153  1.00 13.64 ? 610 TRP A CA  1 
ATOM   328  C C   . TRP A 1 44 ? 0.763   -7.471  18.826  1.00 15.08 ? 610 TRP A C   1 
ATOM   329  O O   . TRP A 1 44 ? 1.530   -8.361  18.645  1.00 14.31 ? 610 TRP A O   1 
ATOM   330  C CB  . TRP A 1 44 ? 2.015   -5.313  18.880  1.00 14.69 ? 610 TRP A CB  1 
ATOM   331  C CG  . TRP A 1 44 ? 1.787   -5.303  20.364  1.00 12.46 ? 610 TRP A CG  1 
ATOM   332  C CD1 . TRP A 1 44 ? 0.736   -4.795  20.996  1.00 13.48 ? 610 TRP A CD1 1 
ATOM   333  C CD2 . TRP A 1 44 ? 2.630   -5.846  21.372  1.00 14.74 ? 610 TRP A CD2 1 
ATOM   334  N NE1 . TRP A 1 44 ? 0.837   -4.985  22.351  1.00 13.77 ? 610 TRP A NE1 1 
ATOM   335  C CE2 . TRP A 1 44 ? 2.008   -5.629  22.600  1.00 15.29 ? 610 TRP A CE2 1 
ATOM   336  C CE3 . TRP A 1 44 ? 3.852   -6.492  21.365  1.00 16.13 ? 610 TRP A CE3 1 
ATOM   337  C CZ2 . TRP A 1 44 ? 2.548   -6.039  23.751  1.00 16.72 ? 610 TRP A CZ2 1 
ATOM   338  C CZ3 . TRP A 1 44 ? 4.368   -6.879  22.508  1.00 17.28 ? 610 TRP A CZ3 1 
ATOM   339  C CH2 . TRP A 1 44 ? 3.708   -6.672  23.689  1.00 17.60 ? 610 TRP A CH2 1 
ATOM   340  N N   . ASP A 1 45 ? -0.265  -7.552  19.641  1.00 15.91 ? 611 ASP A N   1 
ATOM   341  C CA  . ASP A 1 45 ? -0.514  -8.749  20.389  1.00 18.70 ? 611 ASP A CA  1 
ATOM   342  C C   . ASP A 1 45 ? -1.346  -9.777  19.640  1.00 18.76 ? 611 ASP A C   1 
ATOM   343  O O   . ASP A 1 45 ? -1.515  -10.844 20.117  1.00 20.39 ? 611 ASP A O   1 
ATOM   344  C CB  . ASP A 1 45 ? -1.193  -8.481  21.737  1.00 18.46 ? 611 ASP A CB  1 
ATOM   345  C CG  . ASP A 1 45 ? -2.491  -7.781  21.607  1.00 21.33 ? 611 ASP A CG  1 
ATOM   346  O OD1 . ASP A 1 45 ? -3.398  -8.103  22.381  1.00 19.88 ? 611 ASP A OD1 1 
ATOM   347  O OD2 . ASP A 1 45 ? -2.675  -6.877  20.825  1.00 21.26 ? 611 ASP A OD2 1 
ATOM   348  N N   . GLU A 1 46 ? -1.852  -9.383  18.488  1.00 13.98 ? 612 GLU A N   1 
ATOM   349  C CA  . GLU A 1 46 ? -2.771  -10.172 17.684  1.00 15.66 ? 612 GLU A CA  1 
ATOM   350  C C   . GLU A 1 46 ? -2.199  -10.501 16.295  1.00 14.93 ? 612 GLU A C   1 
ATOM   351  O O   . GLU A 1 46 ? -2.577  -11.453 15.683  1.00 13.87 ? 612 GLU A O   1 
ATOM   352  C CB  . GLU A 1 46 ? -4.086  -9.467  17.548  1.00 19.65 ? 612 GLU A CB  1 
ATOM   353  C CG  . GLU A 1 46 ? -4.841  -9.374  18.869  1.00 23.60 ? 612 GLU A CG  1 
ATOM   354  C CD  . GLU A 1 46 ? -6.182  -8.699  18.785  1.00 27.19 ? 612 GLU A CD  1 
ATOM   355  O OE1 . GLU A 1 46 ? -6.614  -8.328  17.709  1.00 28.93 ? 612 GLU A OE1 1 
ATOM   356  O OE2 . GLU A 1 46 ? -6.766  -8.559  19.858  1.00 28.95 ? 612 GLU A OE2 1 
ATOM   357  N N   . TYR A 1 47 ? -1.239  -9.682  15.863  1.00 15.25 ? 613 TYR A N   1 
ATOM   358  C CA  . TYR A 1 47 ? -0.618  -9.816  14.560  1.00 14.54 ? 613 TYR A CA  1 
ATOM   359  C C   . TYR A 1 47 ? 0.903   -9.721  14.615  1.00 14.95 ? 613 TYR A C   1 
ATOM   360  O O   . TYR A 1 47 ? 1.419   -8.835  15.189  1.00 14.55 ? 613 TYR A O   1 
ATOM   361  C CB  . TYR A 1 47 ? -1.148  -8.768  13.564  1.00 14.72 ? 613 TYR A CB  1 
ATOM   362  C CG  . TYR A 1 47 ? -2.589  -8.948  13.220  1.00 14.35 ? 613 TYR A CG  1 
ATOM   363  C CD1 . TYR A 1 47 ? -3.544  -8.414  13.988  1.00 13.85 ? 613 TYR A CD1 1 
ATOM   364  C CD2 . TYR A 1 47 ? -2.970  -9.717  12.161  1.00 15.83 ? 613 TYR A CD2 1 
ATOM   365  C CE1 . TYR A 1 47 ? -4.817  -8.589  13.714  1.00 17.64 ? 613 TYR A CE1 1 
ATOM   366  C CE2 . TYR A 1 47 ? -4.277  -9.908  11.874  1.00 15.08 ? 613 TYR A CE2 1 
ATOM   367  C CZ  . TYR A 1 47 ? -5.213  -9.361  12.664  1.00 16.29 ? 613 TYR A CZ  1 
ATOM   368  O OH  . TYR A 1 47 ? -6.545  -9.488  12.441  1.00 17.69 ? 613 TYR A OH  1 
ATOM   369  N N   . LYS A 1 48 ? 1.565   -10.702 13.986  1.00 13.33 ? 614 LYS A N   1 
ATOM   370  C CA  . LYS A 1 48 ? 2.983   -10.633 13.755  1.00 13.96 ? 614 LYS A CA  1 
ATOM   371  C C   . LYS A 1 48 ? 3.327   -9.555  12.731  1.00 12.55 ? 614 LYS A C   1 
ATOM   372  O O   . LYS A 1 48 ? 2.558   -9.242  11.909  1.00 12.71 ? 614 LYS A O   1 
ATOM   373  C CB  . LYS A 1 48 ? 3.528   -11.952 13.216  1.00 14.05 ? 614 LYS A CB  1 
ATOM   374  C CG  . LYS A 1 48 ? 3.242   -13.147 14.027  1.00 19.05 ? 614 LYS A CG  1 
ATOM   375  C CD  . LYS A 1 48 ? 3.699   -14.453 13.367  1.00 24.15 ? 614 LYS A CD  1 
ATOM   376  C CE  . LYS A 1 48 ? 2.595   -15.512 13.385  1.00 27.46 ? 614 LYS A CE  1 
ATOM   377  N NZ  . LYS A 1 48 ? 2.975   -16.885 12.945  1.00 29.15 ? 614 LYS A NZ  1 
ATOM   378  N N   . LEU A 1 49 ? 4.531   -9.023  12.864  1.00 11.75 ? 615 LEU A N   1 
ATOM   379  C CA  . LEU A 1 49 ? 5.110   -8.144  11.881  1.00 12.89 ? 615 LEU A CA  1 
ATOM   380  C C   . LEU A 1 49 ? 6.399   -8.722  11.328  1.00 12.88 ? 615 LEU A C   1 
ATOM   381  O O   . LEU A 1 49 ? 7.422   -8.559  11.849  1.00 13.68 ? 615 LEU A O   1 
ATOM   382  C CB  . LEU A 1 49 ? 5.382   -6.760  12.448  1.00 12.80 ? 615 LEU A CB  1 
ATOM   383  C CG  . LEU A 1 49 ? 4.293   -5.747  12.655  1.00 14.62 ? 615 LEU A CG  1 
ATOM   384  C CD1 . LEU A 1 49 ? 4.792   -4.587  13.434  1.00 15.41 ? 615 LEU A CD1 1 
ATOM   385  C CD2 . LEU A 1 49 ? 3.681   -5.278  11.384  1.00 15.68 ? 615 LEU A CD2 1 
ATOM   386  N N   . LEU A 1 50 ? 6.259   -9.409  10.214  1.00 13.99 ? 616 LEU A N   1 
ATOM   387  C CA  . LEU A 1 50 ? 7.321   -10.236 9.693   1.00 16.21 ? 616 LEU A CA  1 
ATOM   388  C C   . LEU A 1 50 ? 8.211   -9.464  8.728   1.00 14.66 ? 616 LEU A C   1 
ATOM   389  O O   . LEU A 1 50 ? 7.746   -8.839  7.831   1.00 15.06 ? 616 LEU A O   1 
ATOM   390  C CB  . LEU A 1 50 ? 6.720   -11.441 9.015   1.00 18.22 ? 616 LEU A CB  1 
ATOM   391  C CG  . LEU A 1 50 ? 5.902   -12.316 9.923   1.00 19.58 ? 616 LEU A CG  1 
ATOM   392  C CD1 . LEU A 1 50 ? 5.455   -13.453 9.069   1.00 23.06 ? 616 LEU A CD1 1 
ATOM   393  C CD2 . LEU A 1 50 ? 6.661   -12.859 11.058  1.00 21.63 ? 616 LEU A CD2 1 
ATOM   394  N N   . SER A 1 51 ? 9.501   -9.586  8.942   1.00 18.03 ? 617 SER A N   1 
ATOM   395  C CA  . SER A 1 51 ? 10.452  -8.920  8.103   1.00 18.68 ? 617 SER A CA  1 
ATOM   396  C C   . SER A 1 51 ? 11.004  -9.797  6.991   1.00 21.45 ? 617 SER A C   1 
ATOM   397  O O   . SER A 1 51 ? 10.737  -10.933 6.954   1.00 21.96 ? 617 SER A O   1 
ATOM   398  C CB  . SER A 1 51 ? 11.604  -8.350  8.899   1.00 18.19 ? 617 SER A CB  1 
ATOM   399  O OG  . SER A 1 51 ? 12.467  -9.353  9.261   1.00 19.08 ? 617 SER A OG  1 
ATOM   400  N N   . THR A 1 52 ? 11.709  -9.181  6.064   1.00 22.65 ? 618 THR A N   1 
ATOM   401  C CA  . THR A 1 52 ? 12.450  -9.935  5.070   1.00 25.23 ? 618 THR A CA  1 
ATOM   402  C C   . THR A 1 52 ? 13.573  -10.747 5.693   1.00 26.85 ? 618 THR A C   1 
ATOM   403  O O   . THR A 1 52 ? 13.853  -10.563 6.848   1.00 27.26 ? 618 THR A O   1 
ATOM   404  C CB  . THR A 1 52 ? 12.940  -9.035  4.002   1.00 24.12 ? 618 THR A CB  1 
ATOM   405  O OG1 . THR A 1 52 ? 13.810  -8.085  4.556   1.00 23.76 ? 618 THR A OG1 1 
ATOM   406  C CG2 . THR A 1 52 ? 11.824  -8.256  3.425   1.00 24.05 ? 618 THR A CG2 1 
ATOM   407  N N   . PHE A 1 53 ? 14.166  -11.640 4.949   1.00 24.09 ? 619 PHE A N   1 
ATOM   408  C CA  . PHE A 1 53 ? 15.187  -12.515 5.478   1.00 25.19 ? 619 PHE A CA  1 
ATOM   409  C C   . PHE A 1 53 ? 16.312  -11.704 6.019   1.00 25.18 ? 619 PHE A C   1 
ATOM   410  O O   . PHE A 1 53 ? 16.694  -10.790 5.405   1.00 23.91 ? 619 PHE A O   1 
ATOM   411  C CB  . PHE A 1 53 ? 15.798  -13.344 4.351   1.00 34.04 ? 619 PHE A CB  1 
ATOM   412  C CG  . PHE A 1 53 ? 17.034  -14.077 4.775   1.00 35.51 ? 619 PHE A CG  1 
ATOM   413  C CD1 . PHE A 1 53 ? 16.932  -15.304 5.383   1.00 36.58 ? 619 PHE A CD1 1 
ATOM   414  C CD2 . PHE A 1 53 ? 18.291  -13.507 4.623   1.00 35.45 ? 619 PHE A CD2 1 
ATOM   415  C CE1 . PHE A 1 53 ? 18.077  -15.969 5.800   1.00 36.00 ? 619 PHE A CE1 1 
ATOM   416  C CE2 . PHE A 1 53 ? 19.422  -14.175 5.063   1.00 35.63 ? 619 PHE A CE2 1 
ATOM   417  C CZ  . PHE A 1 53 ? 19.299  -15.389 5.654   1.00 36.16 ? 619 PHE A CZ  1 
ATOM   418  N N   . PRO A 1 54 ? 16.831  -12.089 7.180   1.00 28.33 ? 620 PRO A N   1 
ATOM   419  C CA  . PRO A 1 54 ? 16.335  -13.254 7.888   1.00 30.05 ? 620 PRO A CA  1 
ATOM   420  C C   . PRO A 1 54 ? 15.116  -12.910 8.674   1.00 30.07 ? 620 PRO A C   1 
ATOM   421  O O   . PRO A 1 54 ? 15.031  -11.906 9.302   1.00 30.24 ? 620 PRO A O   1 
ATOM   422  C CB  . PRO A 1 54 ? 17.493  -13.591 8.848   1.00 33.34 ? 620 PRO A CB  1 
ATOM   423  C CG  . PRO A 1 54 ? 18.074  -12.285 9.197   1.00 33.47 ? 620 PRO A CG  1 
ATOM   424  C CD  . PRO A 1 54 ? 17.769  -11.346 8.013   1.00 33.25 ? 620 PRO A CD  1 
ATOM   425  N N   . ARG A 1 55 ? 14.193  -13.826 8.623   1.00 36.15 ? 621 ARG A N   1 
ATOM   426  C CA  . ARG A 1 55 ? 12.898  -13.555 9.051   1.00 36.72 ? 621 ARG A CA  1 
ATOM   427  C C   . ARG A 1 55 ? 12.846  -13.382 10.493  1.00 34.47 ? 621 ARG A C   1 
ATOM   428  O O   . ARG A 1 55 ? 13.379  -14.110 11.267  1.00 34.91 ? 621 ARG A O   1 
ATOM   429  C CB  . ARG A 1 55 ? 11.933  -14.633 8.643   1.00 41.22 ? 621 ARG A CB  1 
ATOM   430  C CG  . ARG A 1 55 ? 10.702  -14.669 9.490   1.00 48.00 ? 621 ARG A CG  1 
ATOM   431  C CD  . ARG A 1 55 ? 9.396   -14.477 8.732   1.00 52.15 ? 621 ARG A CD  1 
ATOM   432  N NE  . ARG A 1 55 ? 9.364   -15.358 7.585   1.00 57.09 ? 621 ARG A NE  1 
ATOM   433  C CZ  . ARG A 1 55 ? 8.823   -15.059 6.424   1.00 59.08 ? 621 ARG A CZ  1 
ATOM   434  N NH1 . ARG A 1 55 ? 8.222   -13.918 6.232   1.00 60.92 ? 621 ARG A NH1 1 
ATOM   435  N NH2 . ARG A 1 55 ? 8.850   -15.928 5.457   1.00 60.07 ? 621 ARG A NH2 1 
ATOM   436  N N   . ARG A 1 56 ? 12.102  -12.392 10.868  1.00 26.92 ? 622 ARG A N   1 
ATOM   437  C CA  . ARG A 1 56 ? 11.990  -12.093 12.287  1.00 23.29 ? 622 ARG A CA  1 
ATOM   438  C C   . ARG A 1 56 ? 10.680  -11.363 12.521  1.00 21.02 ? 622 ARG A C   1 
ATOM   439  O O   . ARG A 1 56 ? 10.213  -10.607 11.666  1.00 19.61 ? 622 ARG A O   1 
ATOM   440  C CB  . ARG A 1 56 ? 13.165  -11.242 12.782  1.00 24.35 ? 622 ARG A CB  1 
ATOM   441  C CG  . ARG A 1 56 ? 13.295  -9.906  12.105  1.00 24.45 ? 622 ARG A CG  1 
ATOM   442  C CD  . ARG A 1 56 ? 14.336  -9.034  12.774  1.00 25.66 ? 622 ARG A CD  1 
ATOM   443  N NE  . ARG A 1 56 ? 14.498  -7.780  12.047  1.00 25.07 ? 622 ARG A NE  1 
ATOM   444  C CZ  . ARG A 1 56 ? 15.045  -6.680  12.553  1.00 21.91 ? 622 ARG A CZ  1 
ATOM   445  N NH1 . ARG A 1 56 ? 15.148  -5.591  11.803  1.00 22.44 ? 622 ARG A NH1 1 
ATOM   446  N NH2 . ARG A 1 56 ? 15.476  -6.664  13.806  1.00 21.53 ? 622 ARG A NH2 1 
ATOM   447  N N   . ASP A 1 57 ? 10.086  -11.601 13.652  1.00 18.26 ? 623 ASP A N   1 
ATOM   448  C CA  . ASP A 1 57 ? 8.864   -10.972 14.007  1.00 16.40 ? 623 ASP A CA  1 
ATOM   449  C C   . ASP A 1 57 ? 9.166   -9.771  14.897  1.00 14.19 ? 623 ASP A C   1 
ATOM   450  O O   . ASP A 1 57 ? 9.535   -9.913  15.997  1.00 14.68 ? 623 ASP A O   1 
ATOM   451  C CB  . ASP A 1 57 ? 7.969   -11.967 14.740  1.00 16.30 ? 623 ASP A CB  1 
ATOM   452  C CG  . ASP A 1 57 ? 6.646   -11.419 15.119  1.00 18.64 ? 623 ASP A CG  1 
ATOM   453  O OD1 . ASP A 1 57 ? 6.367   -10.255 14.860  1.00 16.75 ? 623 ASP A OD1 1 
ATOM   454  O OD2 . ASP A 1 57 ? 5.828   -12.138 15.674  1.00 17.85 ? 623 ASP A OD2 1 
ATOM   455  N N   . VAL A 1 58 ? 8.978   -8.590  14.336  1.00 13.66 ? 624 VAL A N   1 
ATOM   456  C CA  . VAL A 1 58 ? 9.315   -7.410  15.071  1.00 15.80 ? 624 VAL A CA  1 
ATOM   457  C C   . VAL A 1 58 ? 8.447   -7.150  16.281  1.00 15.27 ? 624 VAL A C   1 
ATOM   458  O O   . VAL A 1 58 ? 8.831   -6.450  17.132  1.00 14.46 ? 624 VAL A O   1 
ATOM   459  C CB  . VAL A 1 58 ? 9.634   -6.189  14.203  1.00 24.22 ? 624 VAL A CB  1 
ATOM   460  C CG1 . VAL A 1 58 ? 10.354  -6.531  12.899  1.00 26.27 ? 624 VAL A CG1 1 
ATOM   461  C CG2 . VAL A 1 58 ? 8.563   -5.409  13.963  1.00 27.17 ? 624 VAL A CG2 1 
ATOM   462  N N   . THR A 1 59 ? 7.291   -7.807  16.373  1.00 13.15 ? 625 THR A N   1 
ATOM   463  C CA  . THR A 1 59 ? 6.492   -7.636  17.569  1.00 13.37 ? 625 THR A CA  1 
ATOM   464  C C   . THR A 1 59 ? 7.079   -8.341  18.776  1.00 13.48 ? 625 THR A C   1 
ATOM   465  O O   . THR A 1 59 ? 6.612   -8.165  19.844  1.00 14.52 ? 625 THR A O   1 
ATOM   466  C CB  . THR A 1 59 ? 5.043   -8.125  17.400  1.00 13.00 ? 625 THR A CB  1 
ATOM   467  O OG1 . THR A 1 59 ? 5.013   -9.520  17.130  1.00 16.87 ? 625 THR A OG1 1 
ATOM   468  C CG2 . THR A 1 59 ? 4.386   -7.514  16.254  1.00 14.64 ? 625 THR A CG2 1 
ATOM   469  N N   . GLN A 1 60 ? 8.119   -9.110  18.556  1.00 15.52 ? 626 GLN A N   1 
ATOM   470  C CA  . GLN A 1 60 ? 8.793   -9.781  19.655  1.00 18.71 ? 626 GLN A CA  1 
ATOM   471  C C   . GLN A 1 60 ? 10.013  -9.033  20.176  1.00 18.72 ? 626 GLN A C   1 
ATOM   472  O O   . GLN A 1 60 ? 10.660  -9.497  21.039  1.00 18.25 ? 626 GLN A O   1 
ATOM   473  C CB  . GLN A 1 60 ? 9.246   -11.167 19.253  1.00 25.04 ? 626 GLN A CB  1 
ATOM   474  C CG  . GLN A 1 60 ? 8.149   -11.981 18.666  1.00 30.10 ? 626 GLN A CG  1 
ATOM   475  C CD  . GLN A 1 60 ? 8.517   -13.442 18.391  1.00 33.62 ? 626 GLN A CD  1 
ATOM   476  O OE1 . GLN A 1 60 ? 9.449   -13.759 17.689  1.00 34.76 ? 626 GLN A OE1 1 
ATOM   477  N NE2 . GLN A 1 60 ? 7.767   -14.316 18.986  1.00 36.16 ? 626 GLN A NE2 1 
ATOM   478  N N   . LEU A 1 61 ? 10.284  -7.893  19.588  1.00 16.46 ? 627 LEU A N   1 
ATOM   479  C CA  . LEU A 1 61 ? 11.385  -7.066  20.040  1.00 16.50 ? 627 LEU A CA  1 
ATOM   480  C C   . LEU A 1 61 ? 11.023  -6.100  21.127  1.00 16.82 ? 627 LEU A C   1 
ATOM   481  O O   . LEU A 1 61 ? 9.904   -5.873  21.401  1.00 15.62 ? 627 LEU A O   1 
ATOM   482  C CB  . LEU A 1 61 ? 11.985  -6.293  18.878  1.00 17.28 ? 627 LEU A CB  1 
ATOM   483  C CG  . LEU A 1 61 ? 12.462  -7.137  17.708  1.00 18.28 ? 627 LEU A CG  1 
ATOM   484  C CD1 . LEU A 1 61 ? 12.880  -6.304  16.574  1.00 19.02 ? 627 LEU A CD1 1 
ATOM   485  C CD2 . LEU A 1 61 ? 13.511  -8.129  18.092  1.00 18.57 ? 627 LEU A CD2 1 
ATOM   486  N N   . ASP A 1 62 ? 12.045  -5.534  21.735  1.00 17.73 ? 628 ASP A N   1 
ATOM   487  C CA  . ASP A 1 62 ? 11.842  -4.635  22.836  1.00 17.00 ? 628 ASP A CA  1 
ATOM   488  C C   . ASP A 1 62 ? 11.187  -3.361  22.372  1.00 16.79 ? 628 ASP A C   1 
ATOM   489  O O   . ASP A 1 62 ? 11.737  -2.627  21.619  1.00 15.15 ? 628 ASP A O   1 
ATOM   490  C CB  . ASP A 1 62 ? 13.191  -4.301  23.495  1.00 15.92 ? 628 ASP A CB  1 
ATOM   491  C CG  . ASP A 1 62 ? 13.062  -3.455  24.728  1.00 17.84 ? 628 ASP A CG  1 
ATOM   492  O OD1 . ASP A 1 62 ? 14.054  -3.423  25.469  1.00 20.48 ? 628 ASP A OD1 1 
ATOM   493  O OD2 . ASP A 1 62 ? 12.073  -2.858  25.017  1.00 16.08 ? 628 ASP A OD2 1 
ATOM   494  N N   . PRO A 1 63 ? 10.024  -3.083  22.921  1.00 14.16 ? 629 PRO A N   1 
ATOM   495  C CA  . PRO A 1 63 ? 9.268   -1.957  22.430  1.00 14.42 ? 629 PRO A CA  1 
ATOM   496  C C   . PRO A 1 63 ? 9.900   -0.606  22.746  1.00 15.48 ? 629 PRO A C   1 
ATOM   497  O O   . PRO A 1 63 ? 9.548   0.365   22.167  1.00 13.25 ? 629 PRO A O   1 
ATOM   498  C CB  . PRO A 1 63 ? 7.921   -2.067  23.158  1.00 22.00 ? 629 PRO A CB  1 
ATOM   499  C CG  . PRO A 1 63 ? 8.012   -3.027  24.018  1.00 22.57 ? 629 PRO A CG  1 
ATOM   500  C CD  . PRO A 1 63 ? 9.208   -3.892  23.814  1.00 22.71 ? 629 PRO A CD  1 
ATOM   501  N N   . ASN A 1 64 ? 10.835  -0.615  23.680  1.00 17.78 ? 630 ASN A N   1 
ATOM   502  C CA  . ASN A 1 64 ? 11.506  0.619   24.019  1.00 21.05 ? 630 ASN A CA  1 
ATOM   503  C C   . ASN A 1 64 ? 12.803  0.968   23.260  1.00 20.76 ? 630 ASN A C   1 
ATOM   504  O O   . ASN A 1 64 ? 13.394  1.984   23.495  1.00 21.80 ? 630 ASN A O   1 
ATOM   505  C CB  . ASN A 1 64 ? 11.712  0.717   25.514  1.00 27.77 ? 630 ASN A CB  1 
ATOM   506  C CG  . ASN A 1 64 ? 10.753  1.685   26.147  1.00 33.14 ? 630 ASN A CG  1 
ATOM   507  O OD1 . ASN A 1 64 ? 9.562   1.463   26.192  1.00 34.89 ? 630 ASN A OD1 1 
ATOM   508  N ND2 . ASN A 1 64 ? 11.285  2.823   26.565  1.00 35.69 ? 630 ASN A ND2 1 
ATOM   509  N N   . LYS A 1 65 ? 13.216  0.065   22.393  1.00 16.75 ? 631 LYS A N   1 
ATOM   510  C CA  . LYS A 1 65 ? 14.333  0.248   21.494  1.00 16.08 ? 631 LYS A CA  1 
ATOM   511  C C   . LYS A 1 65 ? 13.965  1.090   20.260  1.00 13.74 ? 631 LYS A C   1 
ATOM   512  O O   . LYS A 1 65 ? 12.900  0.984   19.759  1.00 13.32 ? 631 LYS A O   1 
ATOM   513  C CB  . LYS A 1 65 ? 14.897  -1.095  21.099  1.00 19.75 ? 631 LYS A CB  1 
ATOM   514  C CG  . LYS A 1 65 ? 15.684  -1.740  22.246  1.00 21.76 ? 631 LYS A CG  1 
ATOM   515  C CD  . LYS A 1 65 ? 16.427  -2.971  21.754  1.00 22.95 ? 631 LYS A CD  1 
ATOM   516  C CE  . LYS A 1 65 ? 17.081  -3.747  22.867  1.00 24.72 ? 631 LYS A CE  1 
ATOM   517  N NZ  . LYS A 1 65 ? 17.962  -2.850  23.633  1.00 26.62 ? 631 LYS A NZ  1 
ATOM   518  N N   . SER A 1 66 ? 14.872  1.951   19.849  1.00 13.07 ? 632 SER A N   1 
ATOM   519  C CA  . SER A 1 66 ? 14.676  2.737   18.676  1.00 14.12 ? 632 SER A CA  1 
ATOM   520  C C   . SER A 1 66 ? 14.636  1.938   17.390  1.00 13.68 ? 632 SER A C   1 
ATOM   521  O O   . SER A 1 66 ? 15.148  0.875   17.343  1.00 12.66 ? 632 SER A O   1 
ATOM   522  C CB  . SER A 1 66 ? 15.734  3.833   18.559  1.00 13.92 ? 632 SER A CB  1 
ATOM   523  O OG  . SER A 1 66 ? 16.978  3.331   18.291  1.00 13.63 ? 632 SER A OG  1 
ATOM   524  N N   . LEU A 1 67 ? 14.004  2.473   16.380  1.00 12.78 ? 633 LEU A N   1 
ATOM   525  C CA  . LEU A 1 67 ? 14.014  1.817   15.086  1.00 11.67 ? 633 LEU A CA  1 
ATOM   526  C C   . LEU A 1 67 ? 15.442  1.606   14.577  1.00 14.08 ? 633 LEU A C   1 
ATOM   527  O O   . LEU A 1 67 ? 15.790  0.607   14.036  1.00 14.03 ? 633 LEU A O   1 
ATOM   528  C CB  . LEU A 1 67 ? 13.200  2.599   14.093  1.00 11.97 ? 633 LEU A CB  1 
ATOM   529  C CG  . LEU A 1 67 ? 11.714  2.718   14.313  1.00 13.12 ? 633 LEU A CG  1 
ATOM   530  C CD1 . LEU A 1 67 ? 10.999  3.344   13.217  1.00 14.07 ? 633 LEU A CD1 1 
ATOM   531  C CD2 . LEU A 1 67 ? 11.032  1.522   14.803  1.00 13.20 ? 633 LEU A CD2 1 
ATOM   532  N N   . LEU A 1 68 ? 16.287  2.594   14.806  1.00 11.37 ? 634 LEU A N   1 
ATOM   533  C CA  . LEU A 1 68 ? 17.671  2.456   14.428  1.00 13.51 ? 634 LEU A CA  1 
ATOM   534  C C   . LEU A 1 68 ? 18.338  1.297   15.153  1.00 12.68 ? 634 LEU A C   1 
ATOM   535  O O   . LEU A 1 68 ? 19.045  0.516   14.553  1.00 14.68 ? 634 LEU A O   1 
ATOM   536  C CB  . LEU A 1 68 ? 18.450  3.775   14.661  1.00 17.54 ? 634 LEU A CB  1 
ATOM   537  C CG  . LEU A 1 68 ? 19.930  3.738   14.281  1.00 20.93 ? 634 LEU A CG  1 
ATOM   538  C CD1 . LEU A 1 68 ? 20.024  3.693   12.778  1.00 24.62 ? 634 LEU A CD1 1 
ATOM   539  C CD2 . LEU A 1 68 ? 20.689  4.924   14.860  1.00 24.26 ? 634 LEU A CD2 1 
ATOM   540  N N   . GLU A 1 69 ? 18.075  1.181   16.437  1.00 14.24 ? 635 GLU A N   1 
ATOM   541  C CA  . GLU A 1 69 ? 18.689  0.104   17.186  1.00 15.44 ? 635 GLU A CA  1 
ATOM   542  C C   . GLU A 1 69 ? 18.243  -1.264  16.744  1.00 16.13 ? 635 GLU A C   1 
ATOM   543  O O   . GLU A 1 69 ? 19.006  -2.161  16.758  1.00 17.56 ? 635 GLU A O   1 
ATOM   544  C CB  . GLU A 1 69 ? 18.522  0.257   18.686  1.00 20.71 ? 635 GLU A CB  1 
ATOM   545  C CG  . GLU A 1 69 ? 19.238  -0.797  19.483  1.00 24.85 ? 635 GLU A CG  1 
ATOM   546  C CD  . GLU A 1 69 ? 19.104  -0.623  20.979  1.00 28.64 ? 635 GLU A CD  1 
ATOM   547  O OE1 . GLU A 1 69 ? 19.409  -1.547  21.702  1.00 33.68 ? 635 GLU A OE1 1 
ATOM   548  O OE2 . GLU A 1 69 ? 18.677  0.434   21.425  1.00 31.85 ? 635 GLU A OE2 1 
ATOM   549  N N   . VAL A 1 70 ? 16.983  -1.400  16.403  1.00 14.90 ? 636 VAL A N   1 
ATOM   550  C CA  . VAL A 1 70 ? 16.511  -2.679  15.920  1.00 15.75 ? 636 VAL A CA  1 
ATOM   551  C C   . VAL A 1 70 ? 16.669  -2.853  14.416  1.00 16.43 ? 636 VAL A C   1 
ATOM   552  O O   . VAL A 1 70 ? 16.158  -3.785  13.866  1.00 18.81 ? 636 VAL A O   1 
ATOM   553  C CB  . VAL A 1 70 ? 15.051  -2.982  16.350  1.00 15.84 ? 636 VAL A CB  1 
ATOM   554  C CG1 . VAL A 1 70 ? 14.932  -2.981  17.829  1.00 16.93 ? 636 VAL A CG1 1 
ATOM   555  C CG2 . VAL A 1 70 ? 14.069  -2.083  15.744  1.00 13.70 ? 636 VAL A CG2 1 
ATOM   556  N N   . LYS A 1 71 ? 17.368  -1.942  13.783  1.00 15.92 ? 637 LYS A N   1 
ATOM   557  C CA  . LYS A 1 71 ? 17.695  -2.076  12.383  1.00 17.74 ? 637 LYS A CA  1 
ATOM   558  C C   . LYS A 1 71 ? 16.476  -2.076  11.465  1.00 17.94 ? 637 LYS A C   1 
ATOM   559  O O   . LYS A 1 71 ? 16.386  -2.852  10.543  1.00 19.36 ? 637 LYS A O   1 
ATOM   560  C CB  . LYS A 1 71 ? 18.501  -3.350  12.175  1.00 30.56 ? 637 LYS A CB  1 
ATOM   561  C CG  . LYS A 1 71 ? 19.892  -3.179  12.384  1.00 34.98 ? 637 LYS A CG  1 
ATOM   562  C CD  . LYS A 1 71 ? 20.196  -3.264  13.776  1.00 38.78 ? 637 LYS A CD  1 
ATOM   563  C CE  . LYS A 1 71 ? 21.714  -3.306  14.015  1.00 41.11 ? 637 LYS A CE  1 
ATOM   564  N NZ  . LYS A 1 71 ? 22.489  -4.073  13.035  1.00 43.45 ? 637 LYS A NZ  1 
ATOM   565  N N   . LEU A 1 72 ? 15.546  -1.192  11.759  1.00 14.92 ? 638 LEU A N   1 
ATOM   566  C CA  . LEU A 1 72 ? 14.374  -1.009  10.912  1.00 15.41 ? 638 LEU A CA  1 
ATOM   567  C C   . LEU A 1 72 ? 14.567  0.373   10.315  1.00 14.99 ? 638 LEU A C   1 
ATOM   568  O O   . LEU A 1 72 ? 13.845  1.320   10.636  1.00 15.11 ? 638 LEU A O   1 
ATOM   569  C CB  . LEU A 1 72 ? 13.085  -1.067  11.738  1.00 16.98 ? 638 LEU A CB  1 
ATOM   570  C CG  . LEU A 1 72 ? 12.644  -2.461  12.191  1.00 19.39 ? 638 LEU A CG  1 
ATOM   571  C CD1 . LEU A 1 72 ? 11.339  -2.362  12.982  1.00 17.68 ? 638 LEU A CD1 1 
ATOM   572  C CD2 . LEU A 1 72 ? 12.445  -3.347  10.974  1.00 19.23 ? 638 LEU A CD2 1 
ATOM   573  N N   . PHE A 1 73 ? 15.498  0.448   9.377   1.00 15.58 ? 639 PHE A N   1 
ATOM   574  C CA  . PHE A 1 73 ? 15.983  1.700   8.847   1.00 15.52 ? 639 PHE A CA  1 
ATOM   575  C C   . PHE A 1 73 ? 16.935  1.468   7.660   1.00 16.42 ? 639 PHE A C   1 
ATOM   576  O O   . PHE A 1 73 ? 17.794  0.658   7.782   1.00 19.08 ? 639 PHE A O   1 
ATOM   577  C CB  . PHE A 1 73 ? 16.751  2.468   9.925   1.00 16.85 ? 639 PHE A CB  1 
ATOM   578  C CG  . PHE A 1 73 ? 17.496  3.667   9.390   1.00 16.88 ? 639 PHE A CG  1 
ATOM   579  C CD1 . PHE A 1 73 ? 18.845  3.609   9.139   1.00 18.05 ? 639 PHE A CD1 1 
ATOM   580  C CD2 . PHE A 1 73 ? 16.852  4.804   9.068   1.00 17.50 ? 639 PHE A CD2 1 
ATOM   581  C CE1 . PHE A 1 73 ? 19.476  4.665   8.579   1.00 17.86 ? 639 PHE A CE1 1 
ATOM   582  C CE2 . PHE A 1 73 ? 17.489  5.859   8.527   1.00 18.04 ? 639 PHE A CE2 1 
ATOM   583  C CZ  . PHE A 1 73 ? 18.812  5.786   8.302   1.00 18.74 ? 639 PHE A CZ  1 
ATOM   584  N N   . PRO A 1 74 ? 16.723  2.106   6.526   1.00 14.83 ? 640 PRO A N   1 
ATOM   585  C CA  . PRO A 1 74 ? 15.798  3.210   6.312   1.00 15.05 ? 640 PRO A CA  1 
ATOM   586  C C   . PRO A 1 74 ? 14.502  2.833   5.624   1.00 15.62 ? 640 PRO A C   1 
ATOM   587  O O   . PRO A 1 74 ? 13.641  3.640   5.547   1.00 15.70 ? 640 PRO A O   1 
ATOM   588  C CB  . PRO A 1 74 ? 16.580  4.125   5.359   1.00 16.91 ? 640 PRO A CB  1 
ATOM   589  C CG  . PRO A 1 74 ? 17.463  3.137   4.588   1.00 17.91 ? 640 PRO A CG  1 
ATOM   590  C CD  . PRO A 1 74 ? 17.835  2.127   5.572   1.00 17.17 ? 640 PRO A CD  1 
ATOM   591  N N   . GLN A 1 75 ? 14.414  1.633   5.095   1.00 14.59 ? 641 GLN A N   1 
ATOM   592  C CA  . GLN A 1 75 ? 13.236  1.226   4.387   1.00 15.70 ? 641 GLN A CA  1 
ATOM   593  C C   . GLN A 1 75 ? 12.963  -0.209  4.718   1.00 16.41 ? 641 GLN A C   1 
ATOM   594  O O   . GLN A 1 75 ? 13.801  -1.021  4.563   1.00 16.19 ? 641 GLN A O   1 
ATOM   595  C CB  . GLN A 1 75 ? 13.472  1.259   2.884   1.00 31.32 ? 641 GLN A CB  1 
ATOM   596  C CG  . GLN A 1 75 ? 12.965  2.383   2.196   1.00 37.99 ? 641 GLN A CG  1 
ATOM   597  C CD  . GLN A 1 75 ? 13.706  2.714   0.921   1.00 41.44 ? 641 GLN A CD  1 
ATOM   598  O OE1 . GLN A 1 75 ? 13.496  2.072   -0.093  1.00 45.46 ? 641 GLN A OE1 1 
ATOM   599  N NE2 . GLN A 1 75 ? 14.567  3.721   0.973   1.00 43.56 ? 641 GLN A NE2 1 
ATOM   600  N N   . GLU A 1 76 ? 11.767  -0.480  5.170   1.00 16.27 ? 642 GLU A N   1 
ATOM   601  C CA  . GLU A 1 76 ? 11.402  -1.817  5.480   1.00 15.09 ? 642 GLU A CA  1 
ATOM   602  C C   . GLU A 1 76 ? 9.971   -2.078  5.109   1.00 14.67 ? 642 GLU A C   1 
ATOM   603  O O   . GLU A 1 76 ? 9.139   -1.322  5.412   1.00 14.36 ? 642 GLU A O   1 
ATOM   604  C CB  . GLU A 1 76 ? 11.685  -2.160  6.910   1.00 17.49 ? 642 GLU A CB  1 
ATOM   605  C CG  . GLU A 1 76 ? 13.167  -2.179  7.259   1.00 21.56 ? 642 GLU A CG  1 
ATOM   606  C CD  . GLU A 1 76 ? 13.916  -3.418  6.787   1.00 23.49 ? 642 GLU A CD  1 
ATOM   607  O OE1 . GLU A 1 76 ? 13.325  -4.415  6.499   1.00 24.52 ? 642 GLU A OE1 1 
ATOM   608  O OE2 . GLU A 1 76 ? 15.118  -3.348  6.706   1.00 26.74 ? 642 GLU A OE2 1 
ATOM   609  N N   . THR A 1 77 ? 9.740   -3.191  4.418   1.00 10.68 ? 643 THR A N   1 
ATOM   610  C CA  . THR A 1 77 ? 8.417   -3.707  4.233   1.00 11.32 ? 643 THR A CA  1 
ATOM   611  C C   . THR A 1 77 ? 8.208   -4.902  5.171   1.00 12.43 ? 643 THR A C   1 
ATOM   612  O O   . THR A 1 77 ? 9.003   -5.785  5.206   1.00 14.58 ? 643 THR A O   1 
ATOM   613  C CB  . THR A 1 77 ? 8.194   -4.099  2.757   1.00 13.34 ? 643 THR A CB  1 
ATOM   614  O OG1 . THR A 1 77 ? 8.219   -2.936  1.941   1.00 13.91 ? 643 THR A OG1 1 
ATOM   615  C CG2 . THR A 1 77 ? 6.796   -4.737  2.588   1.00 14.12 ? 643 THR A CG2 1 
ATOM   616  N N   . LEU A 1 78 ? 7.138   -4.814  5.971   1.00 10.97 ? 644 LEU A N   1 
ATOM   617  C CA  . LEU A 1 78 ? 6.783   -5.846  6.945   1.00 11.64 ? 644 LEU A CA  1 
ATOM   618  C C   . LEU A 1 78 ? 5.439   -6.453  6.543   1.00 12.65 ? 644 LEU A C   1 
ATOM   619  O O   . LEU A 1 78 ? 4.590   -5.761  5.979   1.00 13.74 ? 644 LEU A O   1 
ATOM   620  C CB  . LEU A 1 78 ? 6.674   -5.213  8.347   1.00 12.73 ? 644 LEU A CB  1 
ATOM   621  C CG  . LEU A 1 78 ? 7.929   -4.529  8.897   1.00 12.00 ? 644 LEU A CG  1 
ATOM   622  C CD1 . LEU A 1 78 ? 7.640   -3.844  10.241  1.00 13.30 ? 644 LEU A CD1 1 
ATOM   623  C CD2 . LEU A 1 78 ? 9.013   -5.571  9.076   1.00 12.95 ? 644 LEU A CD2 1 
ATOM   624  N N   . PHE A 1 79 ? 5.247   -7.737  6.852   1.00 10.59 ? 645 PHE A N   1 
ATOM   625  C CA  . PHE A 1 79 ? 4.011   -8.453  6.529   1.00 12.05 ? 645 PHE A CA  1 
ATOM   626  C C   . PHE A 1 79 ? 3.255   -8.802  7.820   1.00 10.67 ? 645 PHE A C   1 
ATOM   627  O O   . PHE A 1 79 ? 3.791   -9.359  8.682   1.00 11.40 ? 645 PHE A O   1 
ATOM   628  C CB  . PHE A 1 79 ? 4.382   -9.787  5.898   1.00 21.93 ? 645 PHE A CB  1 
ATOM   629  C CG  . PHE A 1 79 ? 4.754   -9.690  4.511   1.00 29.24 ? 645 PHE A CG  1 
ATOM   630  C CD1 . PHE A 1 79 ? 5.031   -10.819 3.766   1.00 32.08 ? 645 PHE A CD1 1 
ATOM   631  C CD2 . PHE A 1 79 ? 4.816   -8.508  3.881   1.00 29.99 ? 645 PHE A CD2 1 
ATOM   632  C CE1 . PHE A 1 79 ? 5.328   -10.713 2.425   1.00 34.42 ? 645 PHE A CE1 1 
ATOM   633  C CE2 . PHE A 1 79 ? 5.123   -8.421  2.563   1.00 32.34 ? 645 PHE A CE2 1 
ATOM   634  C CZ  . PHE A 1 79 ? 5.375   -9.513  1.842   1.00 33.79 ? 645 PHE A CZ  1 
ATOM   635  N N   . LEU A 1 80 ? 1.994   -8.431  7.868   1.00 11.93 ? 646 LEU A N   1 
ATOM   636  C CA  . LEU A 1 80 ? 1.159   -8.803  8.959   1.00 11.58 ? 646 LEU A CA  1 
ATOM   637  C C   . LEU A 1 80 ? 0.623   -10.241 8.813   1.00 12.85 ? 646 LEU A C   1 
ATOM   638  O O   . LEU A 1 80 ? 0.186   -10.595 7.784   1.00 15.14 ? 646 LEU A O   1 
ATOM   639  C CB  . LEU A 1 80 ? -0.028  -7.878  9.051   1.00 14.00 ? 646 LEU A CB  1 
ATOM   640  C CG  . LEU A 1 80 ? 0.230   -6.497  9.644   1.00 13.75 ? 646 LEU A CG  1 
ATOM   641  C CD1 . LEU A 1 80 ? -0.771  -5.558  9.084   1.00 13.88 ? 646 LEU A CD1 1 
ATOM   642  C CD2 . LEU A 1 80 ? 0.175   -6.542  11.107  1.00 14.77 ? 646 LEU A CD2 1 
ATOM   643  N N   . GLU A 1 81 ? 0.626   -10.968 9.921   1.00 11.69 ? 647 GLU A N   1 
ATOM   644  C CA  . GLU A 1 81 ? 0.148   -12.310 9.981   1.00 13.02 ? 647 GLU A CA  1 
ATOM   645  C C   . GLU A 1 81 ? -0.444  -12.568 11.339  1.00 12.23 ? 647 GLU A C   1 
ATOM   646  O O   . GLU A 1 81 ? 0.154   -12.386 12.309  1.00 11.88 ? 647 GLU A O   1 
ATOM   647  C CB  . GLU A 1 81 ? 1.265   -13.296 9.681   1.00 18.04 ? 647 GLU A CB  1 
ATOM   648  C CG  . GLU A 1 81 ? 0.860   -14.770 9.614   1.00 22.84 ? 647 GLU A CG  1 
ATOM   649  C CD  . GLU A 1 81 ? 2.046   -15.692 9.387   1.00 24.09 ? 647 GLU A CD  1 
ATOM   650  O OE1 . GLU A 1 81 ? 2.538   -16.235 10.348  1.00 28.06 ? 647 GLU A OE1 1 
ATOM   651  O OE2 . GLU A 1 81 ? 2.461   -15.820 8.283   1.00 25.93 ? 647 GLU A OE2 1 
ATOM   652  N N   . ALA A 1 82 ? -1.663  -13.069 11.326  1.00 14.39 ? 648 ALA A N   1 
ATOM   653  C CA  . ALA A 1 82 ? -2.373  -13.304 12.553  1.00 14.06 ? 648 ALA A CA  1 
ATOM   654  C C   . ALA A 1 82 ? -1.651  -14.301 13.436  1.00 15.77 ? 648 ALA A C   1 
ATOM   655  O O   . ALA A 1 82 ? -1.145  -15.267 12.979  1.00 15.42 ? 648 ALA A O   1 
ATOM   656  C CB  . ALA A 1 82 ? -3.690  -13.771 12.245  1.00 17.15 ? 648 ALA A CB  1 
ATOM   657  N N   . LYS A 1 83 ? -1.612  -13.982 14.715  1.00 14.45 ? 649 LYS A N   1 
ATOM   658  C CA  . LYS A 1 83 ? -1.060  -14.869 15.690  1.00 15.03 ? 649 LYS A CA  1 
ATOM   659  C C   . LYS A 1 83 ? -2.057  -15.979 16.012  1.00 17.10 ? 649 LYS A C   1 
ATOM   660  O O   . LYS A 1 83 ? -3.212  -15.737 16.179  1.00 18.73 ? 649 LYS A O   1 
ATOM   661  C CB  . LYS A 1 83 ? -0.577  -14.138 16.930  1.00 14.98 ? 649 LYS A CB  1 
ATOM   662  C CG  . LYS A 1 83 ? 0.587   -13.206 16.617  1.00 15.05 ? 649 LYS A CG  1 
ATOM   663  C CD  . LYS A 1 83 ? 1.117   -12.435 17.820  1.00 16.63 ? 649 LYS A CD  1 
ATOM   664  C CE  . LYS A 1 83 ? 2.401   -11.681 17.551  1.00 17.70 ? 649 LYS A CE  1 
ATOM   665  N NZ  . LYS A 1 83 ? 2.866   -10.880 18.655  1.00 16.00 ? 649 LYS A NZ  1 
ATOM   666  N N   . GLU A 1 84 ? -1.558  -17.208 16.090  1.00 19.96 ? 650 GLU A N   1 
ATOM   667  C CA  . GLU A 1 84 ? -2.414  -18.371 16.287  1.00 22.42 ? 650 GLU A CA  1 
ATOM   668  C C   . GLU A 1 84 ? -3.045  -18.364 17.675  1.00 22.67 ? 650 GLU A C   1 
ATOM   669  O O   . GLU A 1 84 ? -4.252  -18.555 17.821  1.00 21.67 ? 650 GLU A O   1 
ATOM   670  C CB  . GLU A 1 84 ? -1.621  -19.662 16.076  1.00 31.14 ? 650 GLU A CB  1 
ATOM   671  C CG  . GLU A 1 84 ? -1.237  -19.926 14.628  1.00 36.53 ? 650 GLU A CG  1 
ATOM   672  C CD  . GLU A 1 84 ? -0.644  -21.306 14.426  1.00 40.45 ? 650 GLU A CD  1 
ATOM   673  O OE1 . GLU A 1 84 ? -0.756  -22.144 15.345  1.00 41.66 ? 650 GLU A OE1 1 
ATOM   674  O OE2 . GLU A 1 84 ? -0.066  -21.553 13.347  1.00 43.16 ? 650 GLU A OE2 1 
ATOM   675  O OXT . GLU A 1 84 ? -2.478  -17.741 18.611  1.00 22.41 ? 650 GLU A OXT 1 
ATOM   676  N N   . HIS B 1 3  ? 9.216   -11.166 -25.570 1.00 23.38 ? 569 HIS B N   1 
ATOM   677  C CA  . HIS B 1 3  ? 8.562   -11.394 -24.294 1.00 21.67 ? 569 HIS B CA  1 
ATOM   678  C C   . HIS B 1 3  ? 8.680   -10.305 -23.233 1.00 20.85 ? 569 HIS B C   1 
ATOM   679  O O   . HIS B 1 3  ? 8.287   -10.482 -22.116 1.00 20.82 ? 569 HIS B O   1 
ATOM   680  C CB  . HIS B 1 3  ? 8.935   -12.748 -23.717 1.00 21.26 ? 569 HIS B CB  1 
ATOM   681  C CG  . HIS B 1 3  ? 10.401  -12.985 -23.635 1.00 21.99 ? 569 HIS B CG  1 
ATOM   682  N ND1 . HIS B 1 3  ? 11.241  -12.246 -22.824 1.00 25.09 ? 569 HIS B ND1 1 
ATOM   683  C CD2 . HIS B 1 3  ? 11.195  -13.844 -24.305 1.00 23.49 ? 569 HIS B CD2 1 
ATOM   684  C CE1 . HIS B 1 3  ? 12.479  -12.635 -23.009 1.00 20.18 ? 569 HIS B CE1 1 
ATOM   685  N NE2 . HIS B 1 3  ? 12.474  -13.627 -23.870 1.00 23.25 ? 569 HIS B NE2 1 
ATOM   686  N N   . MET B 1 4  ? 9.259   -9.198  -23.623 1.00 16.72 ? 570 MET B N   1 
ATOM   687  C CA  . MET B 1 4  ? 9.271   -8.032  -22.806 1.00 16.00 ? 570 MET B CA  1 
ATOM   688  C C   . MET B 1 4  ? 8.148   -7.065  -23.212 1.00 15.36 ? 570 MET B C   1 
ATOM   689  O O   . MET B 1 4  ? 8.057   -6.713  -24.317 1.00 16.18 ? 570 MET B O   1 
ATOM   690  C CB  . MET B 1 4  ? 10.615  -7.333  -22.888 1.00 16.49 ? 570 MET B CB  1 
ATOM   691  C CG  . MET B 1 4  ? 11.812  -8.165  -22.583 1.00 18.00 ? 570 MET B CG  1 
ATOM   692  S SD  . MET B 1 4  ? 11.909  -8.658  -20.873 1.00 18.58 ? 570 MET B SD  1 
ATOM   693  C CE  . MET B 1 4  ? 12.507  -7.170  -20.142 1.00 18.81 ? 570 MET B CE  1 
ATOM   694  N N   . GLU B 1 5  ? 7.339   -6.652  -22.249 1.00 12.34 ? 571 GLU B N   1 
ATOM   695  C CA  . GLU B 1 5  ? 6.185   -5.812  -22.491 1.00 13.36 ? 571 GLU B CA  1 
ATOM   696  C C   . GLU B 1 5  ? 6.142   -4.632  -21.523 1.00 12.22 ? 571 GLU B C   1 
ATOM   697  O O   . GLU B 1 5  ? 6.636   -4.709  -20.456 1.00 11.85 ? 571 GLU B O   1 
ATOM   698  C CB  . GLU B 1 5  ? 4.894   -6.599  -22.315 1.00 16.75 ? 571 GLU B CB  1 
ATOM   699  C CG  . GLU B 1 5  ? 4.605   -7.616  -23.389 1.00 21.76 ? 571 GLU B CG  1 
ATOM   700  C CD  . GLU B 1 5  ? 3.145   -8.094  -23.407 1.00 24.82 ? 571 GLU B CD  1 
ATOM   701  O OE1 . GLU B 1 5  ? 2.228   -7.275  -23.328 1.00 27.31 ? 571 GLU B OE1 1 
ATOM   702  O OE2 . GLU B 1 5  ? 2.973   -9.261  -23.500 1.00 26.64 ? 571 GLU B OE2 1 
ATOM   703  N N   . PRO B 1 6  ? 5.487   -3.580  -21.939 1.00 10.93 ? 572 PRO B N   1 
ATOM   704  C CA  . PRO B 1 6  ? 5.366   -2.424  -21.077 1.00 10.89 ? 572 PRO B CA  1 
ATOM   705  C C   . PRO B 1 6  ? 4.368   -2.595  -19.915 1.00 11.48 ? 572 PRO B C   1 
ATOM   706  O O   . PRO B 1 6  ? 3.335   -3.138  -20.122 1.00 9.96  ? 572 PRO B O   1 
ATOM   707  C CB  . PRO B 1 6  ? 4.934   -1.319  -22.036 1.00 16.23 ? 572 PRO B CB  1 
ATOM   708  C CG  . PRO B 1 6  ? 4.245   -2.024  -23.151 1.00 15.44 ? 572 PRO B CG  1 
ATOM   709  C CD  . PRO B 1 6  ? 4.972   -3.323  -23.285 1.00 14.60 ? 572 PRO B CD  1 
ATOM   710  N N   . VAL B 1 7  ? 4.747   -2.100  -18.751 1.00 12.49 ? 573 VAL B N   1 
ATOM   711  C CA  . VAL B 1 7  ? 3.996   -2.358  -17.551 1.00 13.93 ? 573 VAL B CA  1 
ATOM   712  C C   . VAL B 1 7  ? 3.612   -1.039  -16.893 1.00 15.30 ? 573 VAL B C   1 
ATOM   713  O O   . VAL B 1 7  ? 4.389   -0.160  -16.850 1.00 16.40 ? 573 VAL B O   1 
ATOM   714  C CB  . VAL B 1 7  ? 4.802   -3.193  -16.548 1.00 16.01 ? 573 VAL B CB  1 
ATOM   715  C CG1 . VAL B 1 7  ? 4.138   -3.201  -15.192 1.00 17.75 ? 573 VAL B CG1 1 
ATOM   716  C CG2 . VAL B 1 7  ? 4.922   -4.506  -17.000 1.00 17.19 ? 573 VAL B CG2 1 
ATOM   717  N N   . SER B 1 8  ? 2.361   -0.955  -16.445 1.00 13.03 ? 574 SER B N   1 
ATOM   718  C CA  . SER B 1 8  ? 1.866   0.145   -15.675 1.00 12.56 ? 574 SER B CA  1 
ATOM   719  C C   . SER B 1 8  ? 1.795   -0.207  -14.179 1.00 13.95 ? 574 SER B C   1 
ATOM   720  O O   . SER B 1 8  ? 1.098   -1.066  -13.813 1.00 13.43 ? 574 SER B O   1 
ATOM   721  C CB  . SER B 1 8  ? 0.500   0.585   -16.164 1.00 12.71 ? 574 SER B CB  1 
ATOM   722  O OG  . SER B 1 8  ? 0.526   1.061   -17.464 1.00 13.49 ? 574 SER B OG  1 
ATOM   723  N N   . LYS B 1 9  ? 2.561   0.521   -13.368 1.00 14.12 ? 575 LYS B N   1 
ATOM   724  C CA  . LYS B 1 9  ? 2.574   0.317   -11.932 1.00 16.54 ? 575 LYS B CA  1 
ATOM   725  C C   . LYS B 1 9  ? 1.545   1.270   -11.322 1.00 15.52 ? 575 LYS B C   1 
ATOM   726  O O   . LYS B 1 9  ? 1.726   2.439   -11.360 1.00 16.73 ? 575 LYS B O   1 
ATOM   727  C CB  . LYS B 1 9  ? 3.947   0.677   -11.309 1.00 24.07 ? 575 LYS B CB  1 
ATOM   728  C CG  . LYS B 1 9  ? 5.105   -0.213  -11.544 1.00 29.76 ? 575 LYS B CG  1 
ATOM   729  C CD  . LYS B 1 9  ? 6.428   0.442   -10.983 1.00 32.98 ? 575 LYS B CD  1 
ATOM   730  C CE  . LYS B 1 9  ? 6.980   -0.148  -9.637  1.00 35.98 ? 575 LYS B CE  1 
ATOM   731  N NZ  . LYS B 1 9  ? 8.110   0.686   -8.932  1.00 37.05 ? 575 LYS B NZ  1 
ATOM   732  N N   . LEU B 1 10 ? 0.482   0.713   -10.770 1.00 11.26 ? 576 LEU B N   1 
ATOM   733  C CA  . LEU B 1 10 ? -0.574  1.508   -10.229 1.00 10.78 ? 576 LEU B CA  1 
ATOM   734  C C   . LEU B 1 10 ? -0.608  1.384   -8.720  1.00 11.00 ? 576 LEU B C   1 
ATOM   735  O O   . LEU B 1 10 ? -0.526  0.364   -8.191  1.00 11.01 ? 576 LEU B O   1 
ATOM   736  C CB  . LEU B 1 10 ? -1.948  1.176   -10.826 1.00 12.35 ? 576 LEU B CB  1 
ATOM   737  C CG  . LEU B 1 10 ? -2.154  1.371   -12.312 1.00 15.56 ? 576 LEU B CG  1 
ATOM   738  C CD1 . LEU B 1 10 ? -3.583  1.194   -12.697 1.00 15.31 ? 576 LEU B CD1 1 
ATOM   739  C CD2 . LEU B 1 10 ? -1.612  2.670   -12.814 1.00 15.27 ? 576 LEU B CD2 1 
ATOM   740  N N   . ARG B 1 11 ? -0.729  2.527   -8.077  1.00 12.49 ? 577 ARG B N   1 
ATOM   741  C CA  . ARG B 1 11 ? -0.953  2.605   -6.664  1.00 13.51 ? 577 ARG B CA  1 
ATOM   742  C C   . ARG B 1 11 ? -2.269  3.350   -6.445  1.00 13.40 ? 577 ARG B C   1 
ATOM   743  O O   . ARG B 1 11 ? -2.436  4.367   -7.022  1.00 15.76 ? 577 ARG B O   1 
ATOM   744  C CB  . ARG B 1 11 ? 0.131   3.461   -6.054  1.00 18.65 ? 577 ARG B CB  1 
ATOM   745  C CG  . ARG B 1 11 ? 1.302   2.784   -5.595  1.00 20.95 ? 577 ARG B CG  1 
ATOM   746  C CD  . ARG B 1 11 ? 2.374   3.749   -5.099  1.00 23.30 ? 577 ARG B CD  1 
ATOM   747  N NE  . ARG B 1 11 ? 2.122   4.649   -3.997  1.00 23.31 ? 577 ARG B NE  1 
ATOM   748  C CZ  . ARG B 1 11 ? 2.194   4.317   -2.722  1.00 24.26 ? 577 ARG B CZ  1 
ATOM   749  N NH1 . ARG B 1 11 ? 2.389   3.094   -2.351  1.00 23.49 ? 577 ARG B NH1 1 
ATOM   750  N NH2 . ARG B 1 11 ? 2.078   5.222   -1.819  1.00 24.95 ? 577 ARG B NH2 1 
ATOM   751  N N   . ILE B 1 12 ? -3.151  2.782   -5.627  1.00 12.48 ? 578 ILE B N   1 
ATOM   752  C CA  . ILE B 1 12 ? -4.500  3.278   -5.421  1.00 13.32 ? 578 ILE B CA  1 
ATOM   753  C C   . ILE B 1 12 ? -4.816  3.484   -3.919  1.00 13.91 ? 578 ILE B C   1 
ATOM   754  O O   . ILE B 1 12 ? -4.915  2.575   -3.184  1.00 13.66 ? 578 ILE B O   1 
ATOM   755  C CB  . ILE B 1 12 ? -5.542  2.373   -6.070  1.00 13.06 ? 578 ILE B CB  1 
ATOM   756  C CG1 . ILE B 1 12 ? -5.261  2.212   -7.527  1.00 13.57 ? 578 ILE B CG1 1 
ATOM   757  C CG2 . ILE B 1 12 ? -6.874  2.980   -5.977  1.00 13.64 ? 578 ILE B CG2 1 
ATOM   758  C CD1 . ILE B 1 12 ? -6.162  1.182   -8.257  1.00 12.87 ? 578 ILE B CD1 1 
ATOM   759  N N   . ARG B 1 13 ? -4.963  4.750   -3.531  1.00 12.84 ? 579 ARG B N   1 
ATOM   760  C CA  . ARG B 1 13 ? -5.171  5.072   -2.144  1.00 15.01 ? 579 ARG B CA  1 
ATOM   761  C C   . ARG B 1 13 ? -6.659  4.939   -1.824  1.00 15.29 ? 579 ARG B C   1 
ATOM   762  O O   . ARG B 1 13 ? -7.479  5.455   -2.505  1.00 16.16 ? 579 ARG B O   1 
ATOM   763  C CB  . ARG B 1 13 ? -4.689  6.493   -1.893  1.00 20.32 ? 579 ARG B CB  1 
ATOM   764  C CG  . ARG B 1 13 ? -4.653  6.962   -0.445  1.00 26.68 ? 579 ARG B CG  1 
ATOM   765  C CD  . ARG B 1 13 ? -4.527  8.471   -0.257  1.00 31.01 ? 579 ARG B CD  1 
ATOM   766  N NE  . ARG B 1 13 ? -4.714  8.796   1.135   1.00 36.02 ? 579 ARG B NE  1 
ATOM   767  C CZ  . ARG B 1 13 ? -5.876  9.065   1.716   1.00 36.68 ? 579 ARG B CZ  1 
ATOM   768  N NH1 . ARG B 1 13 ? -5.888  9.354   3.010   1.00 38.55 ? 579 ARG B NH1 1 
ATOM   769  N NH2 . ARG B 1 13 ? -6.995  9.064   1.024   1.00 36.50 ? 579 ARG B NH2 1 
ATOM   770  N N   . THR B 1 14 ? -6.969  4.181   -0.794  1.00 14.61 ? 580 THR B N   1 
ATOM   771  C CA  . THR B 1 14 ? -8.322  4.083   -0.318  1.00 18.54 ? 580 THR B CA  1 
ATOM   772  C C   . THR B 1 14 ? -8.701  5.265   0.577   1.00 20.52 ? 580 THR B C   1 
ATOM   773  O O   . THR B 1 14 ? -7.872  5.923   1.086   1.00 20.84 ? 580 THR B O   1 
ATOM   774  C CB  . THR B 1 14 ? -8.535  2.822   0.451   1.00 18.96 ? 580 THR B CB  1 
ATOM   775  O OG1 . THR B 1 14 ? -7.864  2.902   1.683   1.00 19.04 ? 580 THR B OG1 1 
ATOM   776  C CG2 . THR B 1 14 ? -7.930  1.657   -0.251  1.00 20.64 ? 580 THR B CG2 1 
ATOM   777  N N   . PRO B 1 15 ? -9.987  5.537   0.697   1.00 28.55 ? 581 PRO B N   1 
ATOM   778  C CA  . PRO B 1 15 ? -10.419 6.634   1.546   1.00 30.48 ? 581 PRO B CA  1 
ATOM   779  C C   . PRO B 1 15 ? -9.815  6.636   2.936   1.00 31.45 ? 581 PRO B C   1 
ATOM   780  O O   . PRO B 1 15 ? -9.603  7.697   3.482   1.00 32.55 ? 581 PRO B O   1 
ATOM   781  C CB  . PRO B 1 15 ? -11.929 6.496   1.547   1.00 26.79 ? 581 PRO B CB  1 
ATOM   782  C CG  . PRO B 1 15 ? -12.216 5.907   0.287   1.00 26.40 ? 581 PRO B CG  1 
ATOM   783  C CD  . PRO B 1 15 ? -11.132 4.904   0.061   1.00 25.11 ? 581 PRO B CD  1 
ATOM   784  N N   . SER B 1 16 ? -9.512  5.477   3.462   1.00 24.85 ? 582 SER B N   1 
ATOM   785  C CA  . SER B 1 16 ? -8.953  5.361   4.783   1.00 25.46 ? 582 SER B CA  1 
ATOM   786  C C   . SER B 1 16 ? -7.442  5.475   4.838   1.00 25.09 ? 582 SER B C   1 
ATOM   787  O O   . SER B 1 16 ? -6.876  5.600   5.886   1.00 24.48 ? 582 SER B O   1 
ATOM   788  C CB  . SER B 1 16 ? -9.436  4.115   5.485   1.00 31.49 ? 582 SER B CB  1 
ATOM   789  O OG  . SER B 1 16 ? -8.963  2.969   4.838   1.00 34.36 ? 582 SER B OG  1 
ATOM   790  N N   . GLY B 1 17 ? -6.842  5.452   3.674   1.00 21.79 ? 583 GLY B N   1 
ATOM   791  C CA  . GLY B 1 17 ? -5.457  5.779   3.532   1.00 22.11 ? 583 GLY B CA  1 
ATOM   792  C C   . GLY B 1 17 ? -4.518  4.614   3.257   1.00 20.14 ? 583 GLY B C   1 
ATOM   793  O O   . GLY B 1 17 ? -3.329  4.815   3.219   1.00 20.43 ? 583 GLY B O   1 
ATOM   794  N N   . GLU B 1 18 ? -5.080  3.416   3.153   1.00 18.91 ? 584 GLU B N   1 
ATOM   795  C CA  . GLU B 1 18 ? -4.320  2.270   2.715   1.00 17.89 ? 584 GLU B CA  1 
ATOM   796  C C   . GLU B 1 18 ? -4.074  2.348   1.214   1.00 16.33 ? 584 GLU B C   1 
ATOM   797  O O   . GLU B 1 18 ? -4.750  3.055   0.554   1.00 16.40 ? 584 GLU B O   1 
ATOM   798  C CB  . GLU B 1 18 ? -5.045  1.000   2.999   1.00 28.80 ? 584 GLU B CB  1 
ATOM   799  C CG  . GLU B 1 18 ? -5.239  0.613   4.459   1.00 35.83 ? 584 GLU B CG  1 
ATOM   800  C CD  . GLU B 1 18 ? -5.393  1.759   5.442   1.00 40.76 ? 584 GLU B CD  1 
ATOM   801  O OE1 . GLU B 1 18 ? -4.547  2.665   5.474   1.00 44.93 ? 584 GLU B OE1 1 
ATOM   802  O OE2 . GLU B 1 18 ? -6.330  1.725   6.295   1.00 44.27 ? 584 GLU B OE2 1 
ATOM   803  N N   . PHE B 1 19 ? -3.057  1.629   0.739   1.00 14.10 ? 585 PHE B N   1 
ATOM   804  C CA  . PHE B 1 19 ? -2.764  1.599   -0.673  1.00 13.55 ? 585 PHE B CA  1 
ATOM   805  C C   . PHE B 1 19 ? -2.997  0.223   -1.284  1.00 13.28 ? 585 PHE B C   1 
ATOM   806  O O   . PHE B 1 19 ? -2.553  -0.718  -0.779  1.00 14.50 ? 585 PHE B O   1 
ATOM   807  C CB  . PHE B 1 19 ? -1.350  2.076   -0.976  1.00 14.71 ? 585 PHE B CB  1 
ATOM   808  C CG  . PHE B 1 19 ? -1.125  3.538   -0.708  1.00 16.92 ? 585 PHE B CG  1 
ATOM   809  C CD1 . PHE B 1 19 ? -0.644  3.938   0.488   1.00 18.70 ? 585 PHE B CD1 1 
ATOM   810  C CD2 . PHE B 1 19 ? -1.431  4.479   -1.628  1.00 17.74 ? 585 PHE B CD2 1 
ATOM   811  C CE1 . PHE B 1 19 ? -0.459  5.251   0.750   1.00 18.42 ? 585 PHE B CE1 1 
ATOM   812  C CE2 . PHE B 1 19 ? -1.261  5.792   -1.351  1.00 17.81 ? 585 PHE B CE2 1 
ATOM   813  C CZ  . PHE B 1 19 ? -0.758  6.158   -0.152  1.00 18.56 ? 585 PHE B CZ  1 
ATOM   814  N N   . LEU B 1 20 ? -3.740  0.194   -2.364  1.00 14.50 ? 586 LEU B N   1 
ATOM   815  C CA  . LEU B 1 20 ? -3.803  -0.975  -3.218  1.00 15.49 ? 586 LEU B CA  1 
ATOM   816  C C   . LEU B 1 20 ? -2.725  -0.838  -4.271  1.00 16.54 ? 586 LEU B C   1 
ATOM   817  O O   . LEU B 1 20 ? -2.586  0.180   -4.850  1.00 19.17 ? 586 LEU B O   1 
ATOM   818  C CB  . LEU B 1 20 ? -5.157  -1.084  -3.923  1.00 13.63 ? 586 LEU B CB  1 
ATOM   819  C CG  . LEU B 1 20 ? -6.406  -0.858  -3.114  1.00 15.78 ? 586 LEU B CG  1 
ATOM   820  C CD1 . LEU B 1 20 ? -7.682  -0.902  -3.847  1.00 14.43 ? 586 LEU B CD1 1 
ATOM   821  C CD2 . LEU B 1 20 ? -6.420  -1.624  -1.877  1.00 18.21 ? 586 LEU B CD2 1 
ATOM   822  N N   . GLU B 1 21 ? -1.966  -1.897  -4.496  1.00 11.82 ? 587 GLU B N   1 
ATOM   823  C CA  . GLU B 1 21 ? -0.909  -1.849  -5.486  1.00 12.99 ? 587 GLU B CA  1 
ATOM   824  C C   . GLU B 1 21 ? -0.891  -3.034  -6.380  1.00 12.19 ? 587 GLU B C   1 
ATOM   825  O O   . GLU B 1 21 ? -0.936  -4.114  -5.934  1.00 13.52 ? 587 GLU B O   1 
ATOM   826  C CB  . GLU B 1 21 ? 0.457   -1.719  -4.860  1.00 17.26 ? 587 GLU B CB  1 
ATOM   827  C CG  . GLU B 1 21 ? 0.668   -0.447  -4.114  1.00 24.50 ? 587 GLU B CG  1 
ATOM   828  C CD  . GLU B 1 21 ? 2.045   -0.309  -3.487  1.00 28.06 ? 587 GLU B CD  1 
ATOM   829  O OE1 . GLU B 1 21 ? 2.988   -0.959  -3.916  1.00 29.33 ? 587 GLU B OE1 1 
ATOM   830  O OE2 . GLU B 1 21 ? 2.147   0.480   -2.571  1.00 32.33 ? 587 GLU B OE2 1 
ATOM   831  N N   . ARG B 1 22 ? -0.770  -2.750  -7.665  1.00 11.66 ? 588 ARG B N   1 
ATOM   832  C CA  . ARG B 1 22 ? -0.654  -3.786  -8.659  1.00 13.09 ? 588 ARG B CA  1 
ATOM   833  C C   . ARG B 1 22 ? -0.040  -3.292  -9.952  1.00 12.71 ? 588 ARG B C   1 
ATOM   834  O O   . ARG B 1 22 ? -0.340  -2.234  -10.397 1.00 10.44 ? 588 ARG B O   1 
ATOM   835  C CB  . ARG B 1 22 ? -1.998  -4.476  -8.911  1.00 15.49 ? 588 ARG B CB  1 
ATOM   836  C CG  . ARG B 1 22 ? -1.980  -5.611  -9.932  1.00 16.11 ? 588 ARG B CG  1 
ATOM   837  C CD  . ARG B 1 22 ? -3.119  -6.514  -9.829  1.00 18.77 ? 588 ARG B CD  1 
ATOM   838  N NE  . ARG B 1 22 ? -3.068  -7.248  -8.592  1.00 20.42 ? 588 ARG B NE  1 
ATOM   839  C CZ  . ARG B 1 22 ? -4.004  -8.065  -8.144  1.00 21.99 ? 588 ARG B CZ  1 
ATOM   840  N NH1 . ARG B 1 22 ? -3.846  -8.626  -6.991  1.00 23.39 ? 588 ARG B NH1 1 
ATOM   841  N NH2 . ARG B 1 22 ? -5.113  -8.272  -8.814  1.00 22.97 ? 588 ARG B NH2 1 
ATOM   842  N N   . ARG B 1 23 ? 0.826   -4.118  -10.518 1.00 11.86 ? 589 ARG B N   1 
ATOM   843  C CA  . ARG B 1 23 ? 1.390   -3.848  -11.808 1.00 13.58 ? 589 ARG B CA  1 
ATOM   844  C C   . ARG B 1 23 ? 0.530   -4.514  -12.875 1.00 13.79 ? 589 ARG B C   1 
ATOM   845  O O   . ARG B 1 23 ? 0.221   -5.639  -12.744 1.00 13.94 ? 589 ARG B O   1 
ATOM   846  C CB  . ARG B 1 23 ? 2.781   -4.428  -11.910 1.00 15.71 ? 589 ARG B CB  1 
ATOM   847  C CG  . ARG B 1 23 ? 3.853   -3.727  -11.175 1.00 18.75 ? 589 ARG B CG  1 
ATOM   848  C CD  . ARG B 1 23 ? 5.214   -4.425  -11.291 1.00 23.79 ? 589 ARG B CD  1 
ATOM   849  N NE  . ARG B 1 23 ? 5.277   -5.483  -10.311 1.00 28.37 ? 589 ARG B NE  1 
ATOM   850  C CZ  . ARG B 1 23 ? 6.167   -6.434  -10.256 1.00 31.46 ? 589 ARG B CZ  1 
ATOM   851  N NH1 . ARG B 1 23 ? 7.096   -6.560  -11.165 1.00 32.30 ? 589 ARG B NH1 1 
ATOM   852  N NH2 . ARG B 1 23 ? 6.125   -7.328  -9.294  1.00 32.54 ? 589 ARG B NH2 1 
ATOM   853  N N   . PHE B 1 24 ? 0.128   -3.734  -13.872 1.00 13.13 ? 590 PHE B N   1 
ATOM   854  C CA  . PHE B 1 24 ? -0.720  -4.199  -14.964 1.00 11.84 ? 590 PHE B CA  1 
ATOM   855  C C   . PHE B 1 24 ? 0.072   -4.124  -16.265 1.00 12.72 ? 590 PHE B C   1 
ATOM   856  O O   . PHE B 1 24 ? 0.838   -3.242  -16.419 1.00 11.75 ? 590 PHE B O   1 
ATOM   857  C CB  . PHE B 1 24 ? -1.967  -3.310  -15.063 1.00 12.78 ? 590 PHE B CB  1 
ATOM   858  C CG  . PHE B 1 24 ? -2.851  -3.339  -13.835 1.00 11.34 ? 590 PHE B CG  1 
ATOM   859  C CD1 . PHE B 1 24 ? -2.636  -2.514  -12.782 1.00 12.82 ? 590 PHE B CD1 1 
ATOM   860  C CD2 . PHE B 1 24 ? -3.902  -4.215  -13.751 1.00 14.00 ? 590 PHE B CD2 1 
ATOM   861  C CE1 . PHE B 1 24 ? -3.423  -2.589  -11.724 1.00 10.45 ? 590 PHE B CE1 1 
ATOM   862  C CE2 . PHE B 1 24 ? -4.664  -4.266  -12.662 1.00 14.51 ? 590 PHE B CE2 1 
ATOM   863  C CZ  . PHE B 1 24 ? -4.431  -3.434  -11.670 1.00 14.66 ? 590 PHE B CZ  1 
ATOM   864  N N   . LEU B 1 25 ? -0.165  -5.019  -17.197 1.00 13.12 ? 591 LEU B N   1 
ATOM   865  C CA  . LEU B 1 25 ? 0.314   -4.772  -18.509 1.00 13.27 ? 591 LEU B CA  1 
ATOM   866  C C   . LEU B 1 25 ? -0.283  -3.508  -19.096 1.00 14.21 ? 591 LEU B C   1 
ATOM   867  O O   . LEU B 1 25 ? -1.419  -3.276  -18.926 1.00 13.24 ? 591 LEU B O   1 
ATOM   868  C CB  . LEU B 1 25 ? 0.075   -5.960  -19.411 1.00 18.49 ? 591 LEU B CB  1 
ATOM   869  C CG  . LEU B 1 25 ? 0.674   -7.280  -18.955 1.00 20.18 ? 591 LEU B CG  1 
ATOM   870  C CD1 . LEU B 1 25 ? 0.481   -8.399  -19.878 1.00 20.97 ? 591 LEU B CD1 1 
ATOM   871  C CD2 . LEU B 1 25 ? 2.080   -7.123  -18.709 1.00 22.03 ? 591 LEU B CD2 1 
ATOM   872  N N   . ALA B 1 26 ? 0.505   -2.648  -19.742 1.00 12.05 ? 592 ALA B N   1 
ATOM   873  C CA  . ALA B 1 26 ? -0.052  -1.470  -20.367 1.00 12.13 ? 592 ALA B CA  1 
ATOM   874  C C   . ALA B 1 26 ? -1.086  -1.760  -21.429 1.00 13.70 ? 592 ALA B C   1 
ATOM   875  O O   . ALA B 1 26 ? -1.851  -0.961  -21.771 1.00 14.15 ? 592 ALA B O   1 
ATOM   876  C CB  . ALA B 1 26 ? 1.010   -0.562  -20.894 1.00 12.42 ? 592 ALA B CB  1 
ATOM   877  N N   . SER B 1 27 ? -1.027  -2.980  -21.918 1.00 13.91 ? 593 SER B N   1 
ATOM   878  C CA  . SER B 1 27 ? -1.975  -3.462  -22.893 1.00 15.09 ? 593 SER B CA  1 
ATOM   879  C C   . SER B 1 27 ? -3.301  -3.870  -22.285 1.00 15.09 ? 593 SER B C   1 
ATOM   880  O O   . SER B 1 27 ? -4.248  -4.074  -22.984 1.00 15.64 ? 593 SER B O   1 
ATOM   881  C CB  . SER B 1 27 ? -1.397  -4.650  -23.665 1.00 16.88 ? 593 SER B CB  1 
ATOM   882  O OG  . SER B 1 27 ? -1.268  -5.754  -22.847 1.00 20.12 ? 593 SER B OG  1 
ATOM   883  N N   . ASN B 1 28 ? -3.338  -4.013  -20.975 1.00 15.23 ? 594 ASN B N   1 
ATOM   884  C CA  . ASN B 1 28 ? -4.558  -4.420  -20.320 1.00 14.58 ? 594 ASN B CA  1 
ATOM   885  C C   . ASN B 1 28 ? -5.630  -3.402  -20.555 1.00 15.16 ? 594 ASN B C   1 
ATOM   886  O O   . ASN B 1 28 ? -5.398  -2.244  -20.525 1.00 15.02 ? 594 ASN B O   1 
ATOM   887  C CB  . ASN B 1 28 ? -4.344  -4.560  -18.808 1.00 16.99 ? 594 ASN B CB  1 
ATOM   888  C CG  . ASN B 1 28 ? -3.807  -5.928  -18.408 1.00 18.63 ? 594 ASN B CG  1 
ATOM   889  O OD1 . ASN B 1 28 ? -3.585  -6.765  -19.215 1.00 19.70 ? 594 ASN B OD1 1 
ATOM   890  N ND2 . ASN B 1 28 ? -3.617  -6.111  -17.160 1.00 19.27 ? 594 ASN B ND2 1 
ATOM   891  N N   . LYS B 1 29 ? -6.840  -3.871  -20.720 1.00 14.50 ? 595 LYS B N   1 
ATOM   892  C CA  . LYS B 1 29 ? -7.952  -2.957  -20.793 1.00 14.56 ? 595 LYS B CA  1 
ATOM   893  C C   . LYS B 1 29 ? -8.189  -2.295  -19.445 1.00 13.44 ? 595 LYS B C   1 
ATOM   894  O O   . LYS B 1 29 ? -7.941  -2.877  -18.465 1.00 13.46 ? 595 LYS B O   1 
ATOM   895  C CB  . LYS B 1 29 ? -9.206  -3.701  -21.229 1.00 17.82 ? 595 LYS B CB  1 
ATOM   896  C CG  . LYS B 1 29 ? -9.128  -4.242  -22.582 1.00 22.29 ? 595 LYS B CG  1 
ATOM   897  C CD  . LYS B 1 29 ? -9.036  -3.234  -23.618 1.00 22.01 ? 595 LYS B CD  1 
ATOM   898  C CE  . LYS B 1 29 ? -9.361  -3.810  -25.012 1.00 25.94 ? 595 LYS B CE  1 
ATOM   899  N NZ  . LYS B 1 29 ? -8.997  -2.900  -26.099 1.00 25.55 ? 595 LYS B NZ  1 
ATOM   900  N N   . LEU B 1 30 ? -8.676  -1.067  -19.450 1.00 13.17 ? 596 LEU B N   1 
ATOM   901  C CA  . LEU B 1 30 ? -8.969  -0.375  -18.217 1.00 13.98 ? 596 LEU B CA  1 
ATOM   902  C C   . LEU B 1 30 ? -9.944  -1.176  -17.329 1.00 14.64 ? 596 LEU B C   1 
ATOM   903  O O   . LEU B 1 30 ? -9.922  -1.102  -16.156 1.00 12.71 ? 596 LEU B O   1 
ATOM   904  C CB  . LEU B 1 30 ? -9.511  1.035   -18.453 1.00 14.20 ? 596 LEU B CB  1 
ATOM   905  C CG  . LEU B 1 30 ? -9.878  1.955   -17.304 1.00 15.27 ? 596 LEU B CG  1 
ATOM   906  C CD1 . LEU B 1 30 ? -8.844  2.204   -16.343 1.00 13.46 ? 596 LEU B CD1 1 
ATOM   907  C CD2 . LEU B 1 30 ? -10.469 3.201   -17.766 1.00 14.95 ? 596 LEU B CD2 1 
ATOM   908  N N   . GLN B 1 31 ? -10.753 -1.954  -17.976 1.00 15.97 ? 597 GLN B N   1 
ATOM   909  C CA  . GLN B 1 31 ? -11.623 -2.864  -17.306 1.00 16.08 ? 597 GLN B CA  1 
ATOM   910  C C   . GLN B 1 31 ? -10.948 -3.752  -16.267 1.00 16.21 ? 597 GLN B C   1 
ATOM   911  O O   . GLN B 1 31 ? -11.543 -4.121  -15.325 1.00 15.75 ? 597 GLN B O   1 
ATOM   912  C CB  . GLN B 1 31 ? -12.373 -3.729  -18.316 1.00 18.83 ? 597 GLN B CB  1 
ATOM   913  C CG  . GLN B 1 31 ? -13.319 -4.729  -17.670 1.00 19.38 ? 597 GLN B CG  1 
ATOM   914  C CD  . GLN B 1 31 ? -14.492 -4.069  -17.108 1.00 18.77 ? 597 GLN B CD  1 
ATOM   915  O OE1 . GLN B 1 31 ? -14.836 -4.281  -15.987 1.00 23.78 ? 597 GLN B OE1 1 
ATOM   916  N NE2 . GLN B 1 31 ? -15.080 -3.260  -17.864 1.00 16.65 ? 597 GLN B NE2 1 
ATOM   917  N N   . ILE B 1 32 ? -9.723  -4.151  -16.546 1.00 13.29 ? 598 ILE B N   1 
ATOM   918  C CA  . ILE B 1 32 ? -8.995  -5.019  -15.641 1.00 13.89 ? 598 ILE B CA  1 
ATOM   919  C C   . ILE B 1 32 ? -8.743  -4.290  -14.300 1.00 13.21 ? 598 ILE B C   1 
ATOM   920  O O   . ILE B 1 32 ? -8.697  -4.883  -13.264 1.00 13.78 ? 598 ILE B O   1 
ATOM   921  C CB  . ILE B 1 32 ? -7.677  -5.507  -16.288 1.00 13.77 ? 598 ILE B CB  1 
ATOM   922  C CG1 . ILE B 1 32 ? -7.932  -6.293  -17.579 1.00 14.94 ? 598 ILE B CG1 1 
ATOM   923  C CG2 . ILE B 1 32 ? -6.869  -6.307  -15.317 1.00 14.94 ? 598 ILE B CG2 1 
ATOM   924  C CD1 . ILE B 1 32 ? -9.007  -7.291  -17.491 1.00 18.09 ? 598 ILE B CD1 1 
ATOM   925  N N   . VAL B 1 33 ? -8.496  -2.983  -14.391 1.00 12.27 ? 599 VAL B N   1 
ATOM   926  C CA  . VAL B 1 33 ? -8.311  -2.168  -13.200 1.00 11.71 ? 599 VAL B CA  1 
ATOM   927  C C   . VAL B 1 33 ? -9.637  -1.972  -12.445 1.00 12.35 ? 599 VAL B C   1 
ATOM   928  O O   . VAL B 1 33 ? -9.675  -2.046  -11.268 1.00 11.91 ? 599 VAL B O   1 
ATOM   929  C CB  . VAL B 1 33 ? -7.667  -0.785  -13.547 1.00 12.79 ? 599 VAL B CB  1 
ATOM   930  C CG1 . VAL B 1 33 ? -7.564  0.122   -12.358 1.00 14.58 ? 599 VAL B CG1 1 
ATOM   931  C CG2 . VAL B 1 33 ? -6.328  -0.984  -14.148 1.00 12.47 ? 599 VAL B CG2 1 
ATOM   932  N N   . PHE B 1 34 ? -10.702 -1.782  -13.196 1.00 12.09 ? 600 PHE B N   1 
ATOM   933  C CA  . PHE B 1 34 ? -12.004 -1.734  -12.598 1.00 12.54 ? 600 PHE B CA  1 
ATOM   934  C C   . PHE B 1 34 ? -12.290 -3.055  -11.819 1.00 13.37 ? 600 PHE B C   1 
ATOM   935  O O   . PHE B 1 34 ? -12.794 -3.033  -10.740 1.00 14.19 ? 600 PHE B O   1 
ATOM   936  C CB  . PHE B 1 34 ? -13.125 -1.529  -13.642 1.00 14.31 ? 600 PHE B CB  1 
ATOM   937  C CG  . PHE B 1 34 ? -13.294 -0.092  -14.176 1.00 17.19 ? 600 PHE B CG  1 
ATOM   938  C CD1 . PHE B 1 34 ? -12.334 0.838   -14.093 1.00 17.51 ? 600 PHE B CD1 1 
ATOM   939  C CD2 . PHE B 1 34 ? -14.436 0.253   -14.837 1.00 16.41 ? 600 PHE B CD2 1 
ATOM   940  C CE1 . PHE B 1 34 ? -12.497 2.048   -14.637 1.00 18.01 ? 600 PHE B CE1 1 
ATOM   941  C CE2 . PHE B 1 34 ? -14.581 1.467   -15.363 1.00 18.31 ? 600 PHE B CE2 1 
ATOM   942  C CZ  . PHE B 1 34 ? -13.606 2.362   -15.264 1.00 19.02 ? 600 PHE B CZ  1 
ATOM   943  N N   . ASP B 1 35 ? -11.954 -4.173  -12.409 1.00 14.98 ? 601 ASP B N   1 
ATOM   944  C CA  . ASP B 1 35 ? -12.144 -5.440  -11.764 1.00 16.28 ? 601 ASP B CA  1 
ATOM   945  C C   . ASP B 1 35 ? -11.308 -5.612  -10.499 1.00 16.02 ? 601 ASP B C   1 
ATOM   946  O O   . ASP B 1 35 ? -11.759 -6.177  -9.566  1.00 18.26 ? 601 ASP B O   1 
ATOM   947  C CB  . ASP B 1 35 ? -11.849 -6.600  -12.719 1.00 18.23 ? 601 ASP B CB  1 
ATOM   948  C CG  . ASP B 1 35 ? -12.787 -6.654  -13.893 1.00 20.44 ? 601 ASP B CG  1 
ATOM   949  O OD1 . ASP B 1 35 ? -12.376 -7.245  -14.857 1.00 22.20 ? 601 ASP B OD1 1 
ATOM   950  O OD2 . ASP B 1 35 ? -13.858 -6.108  -13.910 1.00 20.79 ? 601 ASP B OD2 1 
ATOM   951  N N   . PHE B 1 36 ? -10.096 -5.087  -10.524 1.00 13.34 ? 602 PHE B N   1 
ATOM   952  C CA  . PHE B 1 36 ? -9.207  -5.089  -9.386  1.00 12.66 ? 602 PHE B CA  1 
ATOM   953  C C   . PHE B 1 36 ? -9.769  -4.332  -8.191  1.00 12.97 ? 602 PHE B C   1 
ATOM   954  O O   . PHE B 1 36 ? -9.822  -4.852  -7.128  1.00 12.60 ? 602 PHE B O   1 
ATOM   955  C CB  . PHE B 1 36 ? -7.835  -4.457  -9.764  1.00 15.63 ? 602 PHE B CB  1 
ATOM   956  C CG  . PHE B 1 36 ? -6.860  -4.318  -8.619  1.00 14.27 ? 602 PHE B CG  1 
ATOM   957  C CD1 . PHE B 1 36 ? -6.302  -3.122  -8.311  1.00 16.85 ? 602 PHE B CD1 1 
ATOM   958  C CD2 . PHE B 1 36 ? -6.490  -5.390  -7.888  1.00 15.66 ? 602 PHE B CD2 1 
ATOM   959  C CE1 . PHE B 1 36 ? -5.401  -3.021  -7.299  1.00 16.09 ? 602 PHE B CE1 1 
ATOM   960  C CE2 . PHE B 1 36 ? -5.599  -5.278  -6.900  1.00 14.93 ? 602 PHE B CE2 1 
ATOM   961  C CZ  . PHE B 1 36 ? -5.054  -4.122  -6.617  1.00 17.31 ? 602 PHE B CZ  1 
ATOM   962  N N   . VAL B 1 37 ? -10.088 -3.059  -8.404  1.00 13.56 ? 603 VAL B N   1 
ATOM   963  C CA  . VAL B 1 37 ? -10.658 -2.328  -7.329  1.00 14.87 ? 603 VAL B CA  1 
ATOM   964  C C   . VAL B 1 37 ? -11.987 -2.932  -6.833  1.00 14.72 ? 603 VAL B C   1 
ATOM   965  O O   . VAL B 1 37 ? -12.218 -2.946  -5.690  1.00 14.11 ? 603 VAL B O   1 
ATOM   966  C CB  . VAL B 1 37 ? -10.763 -0.819  -7.565  1.00 12.01 ? 603 VAL B CB  1 
ATOM   967  C CG1 . VAL B 1 37 ? -9.411  -0.231  -7.837  1.00 13.15 ? 603 VAL B CG1 1 
ATOM   968  C CG2 . VAL B 1 37 ? -11.651 -0.519  -8.698  1.00 14.23 ? 603 VAL B CG2 1 
ATOM   969  N N   . ALA B 1 38 ? -12.805 -3.457  -7.729  1.00 14.69 ? 604 ALA B N   1 
ATOM   970  C CA  . ALA B 1 38 ? -13.990 -4.207  -7.300  1.00 15.86 ? 604 ALA B CA  1 
ATOM   971  C C   . ALA B 1 38 ? -13.644 -5.391  -6.375  1.00 17.54 ? 604 ALA B C   1 
ATOM   972  O O   . ALA B 1 38 ? -14.333 -5.667  -5.408  1.00 16.26 ? 604 ALA B O   1 
ATOM   973  C CB  . ALA B 1 38 ? -14.791 -4.687  -8.435  1.00 16.74 ? 604 ALA B CB  1 
ATOM   974  N N   . SER B 1 39 ? -12.616 -6.124  -6.743  1.00 17.78 ? 605 SER B N   1 
ATOM   975  C CA  . SER B 1 39 ? -12.222 -7.256  -5.947  1.00 18.95 ? 605 SER B CA  1 
ATOM   976  C C   . SER B 1 39 ? -11.831 -6.886  -4.544  1.00 20.54 ? 605 SER B C   1 
ATOM   977  O O   . SER B 1 39 ? -11.858 -7.707  -3.675  1.00 21.44 ? 605 SER B O   1 
ATOM   978  C CB  . SER B 1 39 ? -11.114 -8.043  -6.609  1.00 19.07 ? 605 SER B CB  1 
ATOM   979  O OG  . SER B 1 39 ? -9.867  -7.450  -6.488  1.00 20.20 ? 605 SER B OG  1 
ATOM   980  N N   . LYS B 1 40 ? -11.406 -5.647  -4.361  1.00 19.29 ? 606 LYS B N   1 
ATOM   981  C CA  . LYS B 1 40 ? -10.881 -5.209  -3.095  1.00 20.10 ? 606 LYS B CA  1 
ATOM   982  C C   . LYS B 1 40 ? -11.985 -4.491  -2.303  1.00 20.22 ? 606 LYS B C   1 
ATOM   983  O O   . LYS B 1 40 ? -11.721 -3.946  -1.281  1.00 20.94 ? 606 LYS B O   1 
ATOM   984  C CB  . LYS B 1 40 ? -9.702  -4.250  -3.274  1.00 19.04 ? 606 LYS B CB  1 
ATOM   985  C CG  . LYS B 1 40 ? -8.435  -4.877  -3.693  1.00 18.62 ? 606 LYS B CG  1 
ATOM   986  C CD  . LYS B 1 40 ? -7.950  -5.814  -2.673  1.00 19.87 ? 606 LYS B CD  1 
ATOM   987  C CE  . LYS B 1 40 ? -6.565  -6.304  -2.933  1.00 22.04 ? 606 LYS B CE  1 
ATOM   988  N NZ  . LYS B 1 40 ? -6.107  -7.296  -1.982  1.00 22.94 ? 606 LYS B NZ  1 
ATOM   989  N N   . GLY B 1 41 ? -13.194 -4.490  -2.846  1.00 19.69 ? 607 GLY B N   1 
ATOM   990  C CA  . GLY B 1 41 ? -14.328 -3.870  -2.196  1.00 19.85 ? 607 GLY B CA  1 
ATOM   991  C C   . GLY B 1 41 ? -14.671 -2.427  -2.567  1.00 18.66 ? 607 GLY B C   1 
ATOM   992  O O   . GLY B 1 41 ? -15.364 -1.756  -1.863  1.00 18.69 ? 607 GLY B O   1 
ATOM   993  N N   . PHE B 1 42 ? -14.183 -1.993  -3.717  1.00 15.72 ? 608 PHE B N   1 
ATOM   994  C CA  . PHE B 1 42 ? -14.379 -0.642  -4.180  1.00 15.61 ? 608 PHE B CA  1 
ATOM   995  C C   . PHE B 1 42 ? -14.824 -0.579  -5.663  1.00 14.97 ? 608 PHE B C   1 
ATOM   996  O O   . PHE B 1 42 ? -14.158 -0.055  -6.484  1.00 13.25 ? 608 PHE B O   1 
ATOM   997  C CB  . PHE B 1 42 ? -13.059 0.145   -3.992  1.00 16.76 ? 608 PHE B CB  1 
ATOM   998  C CG  . PHE B 1 42 ? -12.528 0.152   -2.585  1.00 18.83 ? 608 PHE B CG  1 
ATOM   999  C CD1 . PHE B 1 42 ? -11.585 -0.737  -2.181  1.00 21.00 ? 608 PHE B CD1 1 
ATOM   1000 C CD2 . PHE B 1 42 ? -12.909 1.093   -1.717  1.00 19.43 ? 608 PHE B CD2 1 
ATOM   1001 C CE1 . PHE B 1 42 ? -11.106 -0.730  -0.947  1.00 20.63 ? 608 PHE B CE1 1 
ATOM   1002 C CE2 . PHE B 1 42 ? -12.418 1.120   -0.483  1.00 21.03 ? 608 PHE B CE2 1 
ATOM   1003 C CZ  . PHE B 1 42 ? -11.518 0.225   -0.103  1.00 21.01 ? 608 PHE B CZ  1 
ATOM   1004 N N   . PRO B 1 43 ? -15.964 -1.170  -5.951  1.00 14.88 ? 609 PRO B N   1 
ATOM   1005 C CA  . PRO B 1 43 ? -16.471 -1.174  -7.313  1.00 14.18 ? 609 PRO B CA  1 
ATOM   1006 C C   . PRO B 1 43 ? -17.001 0.202   -7.785  1.00 15.42 ? 609 PRO B C   1 
ATOM   1007 O O   . PRO B 1 43 ? -17.353 1.039   -7.047  1.00 14.07 ? 609 PRO B O   1 
ATOM   1008 C CB  . PRO B 1 43 ? -17.624 -2.206  -7.247  1.00 16.19 ? 609 PRO B CB  1 
ATOM   1009 C CG  . PRO B 1 43 ? -18.103 -2.052  -5.896  1.00 14.13 ? 609 PRO B CG  1 
ATOM   1010 C CD  . PRO B 1 43 ? -16.861 -1.875  -5.032  1.00 15.64 ? 609 PRO B CD  1 
ATOM   1011 N N   . TRP B 1 44 ? -17.029 0.291   -9.101  1.00 17.51 ? 610 TRP B N   1 
ATOM   1012 C CA  . TRP B 1 44 ? -17.298 1.477   -9.881  1.00 19.85 ? 610 TRP B CA  1 
ATOM   1013 C C   . TRP B 1 44 ? -18.623 2.081   -9.499  1.00 21.18 ? 610 TRP B C   1 
ATOM   1014 O O   . TRP B 1 44 ? -18.826 3.256   -9.520  1.00 20.13 ? 610 TRP B O   1 
ATOM   1015 C CB  . TRP B 1 44 ? -17.379 0.969   -11.320 1.00 27.97 ? 610 TRP B CB  1 
ATOM   1016 C CG  . TRP B 1 44 ? -17.642 1.877   -12.431 1.00 30.22 ? 610 TRP B CG  1 
ATOM   1017 C CD1 . TRP B 1 44 ? -17.461 3.198   -12.476 1.00 30.73 ? 610 TRP B CD1 1 
ATOM   1018 C CD2 . TRP B 1 44 ? -18.165 1.498   -13.695 1.00 30.53 ? 610 TRP B CD2 1 
ATOM   1019 N NE1 . TRP B 1 44 ? -17.839 3.695   -13.700 1.00 32.22 ? 610 TRP B NE1 1 
ATOM   1020 C CE2 . TRP B 1 44 ? -18.233 2.653   -14.484 1.00 30.78 ? 610 TRP B CE2 1 
ATOM   1021 C CE3 . TRP B 1 44 ? -18.552 0.278   -14.251 1.00 29.86 ? 610 TRP B CE3 1 
ATOM   1022 C CZ2 . TRP B 1 44 ? -18.708 2.636   -15.775 1.00 30.71 ? 610 TRP B CZ2 1 
ATOM   1023 C CZ3 . TRP B 1 44 ? -18.996 0.274   -15.515 1.00 30.20 ? 610 TRP B CZ3 1 
ATOM   1024 C CH2 . TRP B 1 44 ? -19.068 1.448   -16.281 1.00 30.67 ? 610 TRP B CH2 1 
ATOM   1025 N N   . ASP B 1 45 ? -19.550 1.180   -9.177  1.00 24.43 ? 611 ASP B N   1 
ATOM   1026 C CA  . ASP B 1 45 ? -20.889 1.586   -8.838  1.00 24.82 ? 611 ASP B CA  1 
ATOM   1027 C C   . ASP B 1 45 ? -20.987 2.256   -7.489  1.00 24.99 ? 611 ASP B C   1 
ATOM   1028 O O   . ASP B 1 45 ? -21.925 2.958   -7.226  1.00 26.79 ? 611 ASP B O   1 
ATOM   1029 C CB  . ASP B 1 45 ? -21.909 0.450   -9.011  1.00 22.79 ? 611 ASP B CB  1 
ATOM   1030 C CG  . ASP B 1 45 ? -21.662 -0.691  -8.058  1.00 22.41 ? 611 ASP B CG  1 
ATOM   1031 O OD1 . ASP B 1 45 ? -20.566 -1.152  -7.968  1.00 18.66 ? 611 ASP B OD1 1 
ATOM   1032 O OD2 . ASP B 1 45 ? -22.585 -1.138  -7.365  1.00 23.40 ? 611 ASP B OD2 1 
ATOM   1033 N N   . GLU B 1 46 ? -19.952 2.073   -6.683  1.00 20.22 ? 612 GLU B N   1 
ATOM   1034 C CA  . GLU B 1 46 ? -19.832 2.627   -5.355  1.00 19.02 ? 612 GLU B CA  1 
ATOM   1035 C C   . GLU B 1 46 ? -18.701 3.676   -5.192  1.00 18.60 ? 612 GLU B C   1 
ATOM   1036 O O   . GLU B 1 46 ? -18.778 4.470   -4.327  1.00 18.31 ? 612 GLU B O   1 
ATOM   1037 C CB  . GLU B 1 46 ? -19.579 1.520   -4.342  1.00 23.32 ? 612 GLU B CB  1 
ATOM   1038 C CG  . GLU B 1 46 ? -20.738 0.590   -4.176  1.00 26.06 ? 612 GLU B CG  1 
ATOM   1039 C CD  . GLU B 1 46 ? -20.483 -0.509  -3.192  1.00 28.84 ? 612 GLU B CD  1 
ATOM   1040 O OE1 . GLU B 1 46 ? -19.589 -0.384  -2.379  1.00 29.66 ? 612 GLU B OE1 1 
ATOM   1041 O OE2 . GLU B 1 46 ? -21.197 -1.488  -3.252  1.00 29.64 ? 612 GLU B OE2 1 
ATOM   1042 N N   . TYR B 1 47 ? -17.674 3.597   -6.021  1.00 17.83 ? 613 TYR B N   1 
ATOM   1043 C CA  . TYR B 1 47 ? -16.489 4.425   -5.838  1.00 17.22 ? 613 TYR B CA  1 
ATOM   1044 C C   . TYR B 1 47 ? -15.984 4.966   -7.153  1.00 16.57 ? 613 TYR B C   1 
ATOM   1045 O O   . TYR B 1 47 ? -16.006 4.332   -8.138  1.00 15.58 ? 613 TYR B O   1 
ATOM   1046 C CB  . TYR B 1 47 ? -15.334 3.692   -5.117  1.00 17.91 ? 613 TYR B CB  1 
ATOM   1047 C CG  . TYR B 1 47 ? -15.628 3.309   -3.715  1.00 20.27 ? 613 TYR B CG  1 
ATOM   1048 C CD1 . TYR B 1 47 ? -16.366 2.225   -3.442  1.00 21.02 ? 613 TYR B CD1 1 
ATOM   1049 C CD2 . TYR B 1 47 ? -15.182 4.068   -2.659  1.00 19.54 ? 613 TYR B CD2 1 
ATOM   1050 C CE1 . TYR B 1 47 ? -16.676 1.894   -2.174  1.00 22.18 ? 613 TYR B CE1 1 
ATOM   1051 C CE2 . TYR B 1 47 ? -15.449 3.730   -1.418  1.00 20.83 ? 613 TYR B CE2 1 
ATOM   1052 C CZ  . TYR B 1 47 ? -16.217 2.657   -1.156  1.00 22.42 ? 613 TYR B CZ  1 
ATOM   1053 O OH  . TYR B 1 47 ? -16.480 2.317   0.102   1.00 22.67 ? 613 TYR B OH  1 
ATOM   1054 N N   . LYS B 1 48 ? -15.606 6.251   -7.098  1.00 16.26 ? 614 LYS B N   1 
ATOM   1055 C CA  . LYS B 1 48 ? -14.841 6.882   -8.153  1.00 17.46 ? 614 LYS B CA  1 
ATOM   1056 C C   . LYS B 1 48 ? -13.340 6.599   -8.009  1.00 16.11 ? 614 LYS B C   1 
ATOM   1057 O O   . LYS B 1 48 ? -12.873 6.413   -6.959  1.00 16.79 ? 614 LYS B O   1 
ATOM   1058 C CB  . LYS B 1 48 ? -15.066 8.376   -8.174  1.00 22.39 ? 614 LYS B CB  1 
ATOM   1059 C CG  . LYS B 1 48 ? -16.487 8.756   -8.390  1.00 26.87 ? 614 LYS B CG  1 
ATOM   1060 C CD  . LYS B 1 48 ? -16.587 10.201  -8.636  1.00 30.99 ? 614 LYS B CD  1 
ATOM   1061 C CE  . LYS B 1 48 ? -16.168 10.953  -7.473  1.00 32.01 ? 614 LYS B CE  1 
ATOM   1062 N NZ  . LYS B 1 48 ? -17.059 12.181  -7.263  1.00 36.49 ? 614 LYS B NZ  1 
ATOM   1063 N N   . LEU B 1 49 ? -12.682 6.511   -9.149  1.00 16.59 ? 615 LEU B N   1 
ATOM   1064 C CA  . LEU B 1 49 ? -11.260 6.311   -9.238  1.00 17.41 ? 615 LEU B CA  1 
ATOM   1065 C C   . LEU B 1 49 ? -10.655 7.525   -9.921  1.00 18.32 ? 615 LEU B C   1 
ATOM   1066 O O   . LEU B 1 49 ? -10.846 7.723   -11.066 1.00 20.75 ? 615 LEU B O   1 
ATOM   1067 C CB  . LEU B 1 49 ? -10.967 5.063   -10.032 1.00 17.50 ? 615 LEU B CB  1 
ATOM   1068 C CG  . LEU B 1 49 ? -9.583  4.433   -10.098 1.00 19.52 ? 615 LEU B CG  1 
ATOM   1069 C CD1 . LEU B 1 49 ? -8.935  4.251   -8.803  1.00 17.65 ? 615 LEU B CD1 1 
ATOM   1070 C CD2 . LEU B 1 49 ? -9.484  3.193   -10.959 1.00 19.52 ? 615 LEU B CD2 1 
ATOM   1071 N N   . LEU B 1 50 ? -9.980  8.347   -9.135  1.00 16.21 ? 616 LEU B N   1 
ATOM   1072 C CA  . LEU B 1 50 ? -9.511  9.649   -9.619  1.00 18.67 ? 616 LEU B CA  1 
ATOM   1073 C C   . LEU B 1 50 ? -7.985  9.733   -9.739  1.00 19.84 ? 616 LEU B C   1 
ATOM   1074 O O   . LEU B 1 50 ? -7.284  9.202   -8.955  1.00 17.73 ? 616 LEU B O   1 
ATOM   1075 C CB  . LEU B 1 50 ? -10.003 10.737  -8.697  1.00 19.54 ? 616 LEU B CB  1 
ATOM   1076 C CG  . LEU B 1 50 ? -11.417 10.667  -8.249  1.00 21.80 ? 616 LEU B CG  1 
ATOM   1077 C CD1 . LEU B 1 50 ? -11.609 11.651  -7.137  1.00 23.95 ? 616 LEU B CD1 1 
ATOM   1078 C CD2 . LEU B 1 50 ? -12.269 11.074  -9.387  1.00 22.70 ? 616 LEU B CD2 1 
ATOM   1079 N N   . SER B 1 51 ? -7.540  10.442  -10.765 1.00 26.88 ? 617 SER B N   1 
ATOM   1080 C CA  . SER B 1 51 ? -6.130  10.787  -10.967 1.00 29.85 ? 617 SER B CA  1 
ATOM   1081 C C   . SER B 1 51 ? -5.818  12.246  -10.612 1.00 32.69 ? 617 SER B C   1 
ATOM   1082 O O   . SER B 1 51 ? -6.725  13.005  -10.380 1.00 33.37 ? 617 SER B O   1 
ATOM   1083 C CB  . SER B 1 51 ? -5.689  10.432  -12.359 1.00 28.11 ? 617 SER B CB  1 
ATOM   1084 O OG  . SER B 1 51 ? -6.334  11.199  -13.316 1.00 30.63 ? 617 SER B OG  1 
ATOM   1085 N N   . THR B 1 52 ? -4.542  12.590  -10.500 1.00 32.84 ? 618 THR B N   1 
ATOM   1086 C CA  . THR B 1 52 ? -4.079  13.977  -10.358 1.00 36.04 ? 618 THR B CA  1 
ATOM   1087 C C   . THR B 1 52 ? -3.243  14.383  -11.559 1.00 37.27 ? 618 THR B C   1 
ATOM   1088 O O   . THR B 1 52 ? -2.654  13.549  -12.208 1.00 36.62 ? 618 THR B O   1 
ATOM   1089 C CB  . THR B 1 52 ? -3.180  14.105  -9.179  1.00 40.16 ? 618 THR B CB  1 
ATOM   1090 O OG1 . THR B 1 52 ? -3.723  13.404  -8.094  1.00 42.63 ? 618 THR B OG1 1 
ATOM   1091 C CG2 . THR B 1 52 ? -3.162  15.494  -8.697  1.00 41.96 ? 618 THR B CG2 1 
ATOM   1092 N N   . PHE B 1 53 ? -3.193  15.680  -11.812 1.00 42.75 ? 619 PHE B N   1 
ATOM   1093 C CA  . PHE B 1 53 ? -2.219  16.233  -12.700 1.00 44.44 ? 619 PHE B CA  1 
ATOM   1094 C C   . PHE B 1 53 ? -2.181  15.521  -14.045 1.00 44.69 ? 619 PHE B C   1 
ATOM   1095 O O   . PHE B 1 53 ? -1.200  14.915  -14.403 1.00 45.88 ? 619 PHE B O   1 
ATOM   1096 C CB  . PHE B 1 53 ? -0.865  16.112  -12.084 1.00 47.25 ? 619 PHE B CB  1 
ATOM   1097 C CG  . PHE B 1 53 ? -0.677  16.962  -10.973 1.00 49.59 ? 619 PHE B CG  1 
ATOM   1098 C CD1 . PHE B 1 53 ? -0.933  16.519  -9.711  1.00 50.62 ? 619 PHE B CD1 1 
ATOM   1099 C CD2 . PHE B 1 53 ? -0.221  18.221  -11.160 1.00 50.78 ? 619 PHE B CD2 1 
ATOM   1100 C CE1 . PHE B 1 53 ? -0.762  17.331  -8.689  1.00 51.59 ? 619 PHE B CE1 1 
ATOM   1101 C CE2 . PHE B 1 53 ? -0.052  19.038  -10.130 1.00 51.49 ? 619 PHE B CE2 1 
ATOM   1102 C CZ  . PHE B 1 53 ? -0.298  18.606  -8.905  1.00 51.64 ? 619 PHE B CZ  1 
ATOM   1103 N N   . PRO B 1 54 ? -3.263  15.568  -14.771 1.00 39.27 ? 620 PRO B N   1 
ATOM   1104 C CA  . PRO B 1 54 ? -4.373  16.374  -14.387 1.00 38.57 ? 620 PRO B CA  1 
ATOM   1105 C C   . PRO B 1 54 ? -5.454  15.628  -13.698 1.00 38.16 ? 620 PRO B C   1 
ATOM   1106 O O   . PRO B 1 54 ? -5.481  14.418  -13.677 1.00 37.95 ? 620 PRO B O   1 
ATOM   1107 C CB  . PRO B 1 54 ? -4.928  16.803  -15.695 1.00 42.51 ? 620 PRO B CB  1 
ATOM   1108 C CG  . PRO B 1 54 ? -4.673  15.812  -16.515 1.00 43.11 ? 620 PRO B CG  1 
ATOM   1109 C CD  . PRO B 1 54 ? -3.332  15.233  -16.189 1.00 43.50 ? 620 PRO B CD  1 
ATOM   1110 N N   . ARG B 1 55 ? -6.394  16.377  -13.194 1.00 35.55 ? 621 ARG B N   1 
ATOM   1111 C CA  . ARG B 1 55 ? -7.465  15.750  -12.503 1.00 35.04 ? 621 ARG B CA  1 
ATOM   1112 C C   . ARG B 1 55 ? -8.420  15.083  -13.458 1.00 32.93 ? 621 ARG B C   1 
ATOM   1113 O O   . ARG B 1 55 ? -8.791  15.657  -14.439 1.00 32.84 ? 621 ARG B O   1 
ATOM   1114 C CB  . ARG B 1 55 ? -8.148  16.732  -11.635 1.00 45.07 ? 621 ARG B CB  1 
ATOM   1115 C CG  . ARG B 1 55 ? -8.959  16.082  -10.553 1.00 48.18 ? 621 ARG B CG  1 
ATOM   1116 C CD  . ARG B 1 55 ? -10.390 16.366  -10.684 1.00 51.07 ? 621 ARG B CD  1 
ATOM   1117 N NE  . ARG B 1 55 ? -11.213 16.046  -9.516  1.00 53.48 ? 621 ARG B NE  1 
ATOM   1118 C CZ  . ARG B 1 55 ? -12.279 15.285  -9.591  1.00 54.75 ? 621 ARG B CZ  1 
ATOM   1119 N NH1 . ARG B 1 55 ? -12.571 14.728  -10.759 1.00 55.15 ? 621 ARG B NH1 1 
ATOM   1120 N NH2 . ARG B 1 55 ? -13.029 15.060  -8.534  1.00 54.78 ? 621 ARG B NH2 1 
ATOM   1121 N N   . ARG B 1 56 ? -8.719  13.830  -13.193 1.00 31.17 ? 622 ARG B N   1 
ATOM   1122 C CA  . ARG B 1 56 ? -9.673  13.096  -13.952 1.00 28.91 ? 622 ARG B CA  1 
ATOM   1123 C C   . ARG B 1 56 ? -10.349 11.940  -13.274 1.00 26.83 ? 622 ARG B C   1 
ATOM   1124 O O   . ARG B 1 56 ? -9.800  11.315  -12.436 1.00 26.23 ? 622 ARG B O   1 
ATOM   1125 C CB  . ARG B 1 56 ? -9.203  12.750  -15.353 1.00 35.81 ? 622 ARG B CB  1 
ATOM   1126 C CG  . ARG B 1 56 ? -8.099  11.843  -15.469 1.00 37.85 ? 622 ARG B CG  1 
ATOM   1127 C CD  . ARG B 1 56 ? -7.194  12.135  -16.587 1.00 39.41 ? 622 ARG B CD  1 
ATOM   1128 N NE  . ARG B 1 56 ? -7.369  11.291  -17.726 1.00 40.16 ? 622 ARG B NE  1 
ATOM   1129 C CZ  . ARG B 1 56 ? -6.599  10.279  -18.038 1.00 39.56 ? 622 ARG B CZ  1 
ATOM   1130 N NH1 . ARG B 1 56 ? -5.590  9.913   -17.286 1.00 40.28 ? 622 ARG B NH1 1 
ATOM   1131 N NH2 . ARG B 1 56 ? -6.864  9.621   -19.102 1.00 38.92 ? 622 ARG B NH2 1 
ATOM   1132 N N   . ASP B 1 57 ? -11.571 11.714  -13.662 1.00 24.56 ? 623 ASP B N   1 
ATOM   1133 C CA  . ASP B 1 57 ? -12.331 10.576  -13.237 1.00 22.97 ? 623 ASP B CA  1 
ATOM   1134 C C   . ASP B 1 57 ? -12.138 9.375   -14.136 1.00 20.88 ? 623 ASP B C   1 
ATOM   1135 O O   . ASP B 1 57 ? -12.722 9.270   -15.139 1.00 19.27 ? 623 ASP B O   1 
ATOM   1136 C CB  . ASP B 1 57 ? -13.784 10.963  -13.232 1.00 28.08 ? 623 ASP B CB  1 
ATOM   1137 C CG  . ASP B 1 57 ? -14.616 10.028  -12.470 1.00 30.10 ? 623 ASP B CG  1 
ATOM   1138 O OD1 . ASP B 1 57 ? -14.344 8.839   -12.478 1.00 29.09 ? 623 ASP B OD1 1 
ATOM   1139 O OD2 . ASP B 1 57 ? -15.571 10.437  -11.818 1.00 31.12 ? 623 ASP B OD2 1 
ATOM   1140 N N   . VAL B 1 58 ? -11.255 8.503   -13.713 1.00 21.12 ? 624 VAL B N   1 
ATOM   1141 C CA  . VAL B 1 58 ? -10.906 7.341   -14.470 1.00 19.50 ? 624 VAL B CA  1 
ATOM   1142 C C   . VAL B 1 58 ? -12.063 6.390   -14.672 1.00 18.74 ? 624 VAL B C   1 
ATOM   1143 O O   . VAL B 1 58 ? -12.164 5.780   -15.649 1.00 17.25 ? 624 VAL B O   1 
ATOM   1144 C CB  . VAL B 1 58 ? -9.673  6.664   -13.820 1.00 18.08 ? 624 VAL B CB  1 
ATOM   1145 C CG1 . VAL B 1 58 ? -9.385  5.391   -14.427 1.00 17.93 ? 624 VAL B CG1 1 
ATOM   1146 C CG2 . VAL B 1 58 ? -8.547  7.556   -13.934 1.00 18.68 ? 624 VAL B CG2 1 
ATOM   1147 N N   . THR B 1 59 ? -12.962 6.354   -13.685 1.00 20.69 ? 625 THR B N   1 
ATOM   1148 C CA  . THR B 1 59 ? -14.173 5.586   -13.791 1.00 22.06 ? 625 THR B CA  1 
ATOM   1149 C C   . THR B 1 59 ? -15.147 6.021   -14.854 1.00 22.89 ? 625 THR B C   1 
ATOM   1150 O O   . THR B 1 59 ? -16.061 5.306   -15.157 1.00 23.16 ? 625 THR B O   1 
ATOM   1151 C CB  . THR B 1 59 ? -14.880 5.409   -12.393 1.00 20.81 ? 625 THR B CB  1 
ATOM   1152 O OG1 . THR B 1 59 ? -14.552 6.505   -11.533 1.00 21.33 ? 625 THR B OG1 1 
ATOM   1153 C CG2 . THR B 1 59 ? -14.258 4.228   -11.662 1.00 20.29 ? 625 THR B CG2 1 
ATOM   1154 N N   . GLN B 1 60 ? -14.900 7.188   -15.429 1.00 28.04 ? 626 GLN B N   1 
ATOM   1155 C CA  . GLN B 1 60 ? -15.670 7.702   -16.541 1.00 28.90 ? 626 GLN B CA  1 
ATOM   1156 C C   . GLN B 1 60 ? -15.050 7.480   -17.905 1.00 29.74 ? 626 GLN B C   1 
ATOM   1157 O O   . GLN B 1 60 ? -15.649 7.752   -18.931 1.00 29.74 ? 626 GLN B O   1 
ATOM   1158 C CB  . GLN B 1 60 ? -16.006 9.149   -16.350 1.00 28.37 ? 626 GLN B CB  1 
ATOM   1159 C CG  . GLN B 1 60 ? -16.869 9.401   -15.171 1.00 30.00 ? 626 GLN B CG  1 
ATOM   1160 C CD  . GLN B 1 60 ? -18.297 8.920   -15.436 1.00 32.87 ? 626 GLN B CD  1 
ATOM   1161 O OE1 . GLN B 1 60 ? -18.824 9.138   -16.491 1.00 34.54 ? 626 GLN B OE1 1 
ATOM   1162 N NE2 . GLN B 1 60 ? -18.885 8.277   -14.464 1.00 33.71 ? 626 GLN B NE2 1 
ATOM   1163 N N   . LEU B 1 61 ? -13.852 6.944   -17.923 1.00 24.41 ? 627 LEU B N   1 
ATOM   1164 C CA  . LEU B 1 61 ? -13.240 6.551   -19.179 1.00 25.29 ? 627 LEU B CA  1 
ATOM   1165 C C   . LEU B 1 61 ? -13.771 5.273   -19.724 1.00 24.53 ? 627 LEU B C   1 
ATOM   1166 O O   . LEU B 1 61 ? -14.349 4.531   -19.024 1.00 25.72 ? 627 LEU B O   1 
ATOM   1167 C CB  . LEU B 1 61 ? -11.737 6.492   -19.040 1.00 27.51 ? 627 LEU B CB  1 
ATOM   1168 C CG  . LEU B 1 61 ? -11.065 7.729   -18.492 1.00 28.62 ? 627 LEU B CG  1 
ATOM   1169 C CD1 . LEU B 1 61 ? -9.633  7.485   -18.405 1.00 29.06 ? 627 LEU B CD1 1 
ATOM   1170 C CD2 . LEU B 1 61 ? -11.365 8.988   -19.215 1.00 31.06 ? 627 LEU B CD2 1 
ATOM   1171 N N   . ASP B 1 62 ? -13.525 5.020   -20.984 1.00 26.88 ? 628 ASP B N   1 
ATOM   1172 C CA  . ASP B 1 62 ? -13.937 3.800   -21.624 1.00 24.77 ? 628 ASP B CA  1 
ATOM   1173 C C   . ASP B 1 62 ? -13.098 2.624   -21.145 1.00 24.87 ? 628 ASP B C   1 
ATOM   1174 O O   . ASP B 1 62 ? -11.953 2.525   -21.454 1.00 22.25 ? 628 ASP B O   1 
ATOM   1175 C CB  . ASP B 1 62 ? -13.798 3.980   -23.121 1.00 28.68 ? 628 ASP B CB  1 
ATOM   1176 C CG  . ASP B 1 62 ? -14.299 2.837   -23.921 1.00 29.66 ? 628 ASP B CG  1 
ATOM   1177 O OD1 . ASP B 1 62 ? -14.458 3.021   -25.107 1.00 31.56 ? 628 ASP B OD1 1 
ATOM   1178 O OD2 . ASP B 1 62 ? -14.523 1.730   -23.509 1.00 28.99 ? 628 ASP B OD2 1 
ATOM   1179 N N   . PRO B 1 63 ? -13.704 1.758   -20.375 1.00 21.24 ? 629 PRO B N   1 
ATOM   1180 C CA  . PRO B 1 63 ? -12.991 0.614   -19.851 1.00 20.37 ? 629 PRO B CA  1 
ATOM   1181 C C   . PRO B 1 63 ? -12.535 -0.367  -20.928 1.00 20.58 ? 629 PRO B C   1 
ATOM   1182 O O   . PRO B 1 63 ? -11.794 -1.244  -20.663 1.00 18.45 ? 629 PRO B O   1 
ATOM   1183 C CB  . PRO B 1 63 ? -14.016 -0.004  -18.933 1.00 22.15 ? 629 PRO B CB  1 
ATOM   1184 C CG  . PRO B 1 63 ? -15.318 0.377   -19.582 1.00 23.20 ? 629 PRO B CG  1 
ATOM   1185 C CD  . PRO B 1 63 ? -15.144 1.699   -20.086 1.00 23.23 ? 629 PRO B CD  1 
ATOM   1186 N N   . ASN B 1 64 ? -12.969 -0.221  -22.158 1.00 19.98 ? 630 ASN B N   1 
ATOM   1187 C CA  . ASN B 1 64 ? -12.461 -1.055  -23.215 1.00 19.90 ? 630 ASN B CA  1 
ATOM   1188 C C   . ASN B 1 64 ? -11.271 -0.461  -23.973 1.00 18.33 ? 630 ASN B C   1 
ATOM   1189 O O   . ASN B 1 64 ? -10.810 -1.012  -24.927 1.00 20.25 ? 630 ASN B O   1 
ATOM   1190 C CB  . ASN B 1 64 ? -13.592 -1.408  -24.165 1.00 27.33 ? 630 ASN B CB  1 
ATOM   1191 C CG  . ASN B 1 64 ? -13.252 -2.497  -25.126 1.00 28.56 ? 630 ASN B CG  1 
ATOM   1192 O OD1 . ASN B 1 64 ? -12.967 -3.631  -24.761 1.00 31.20 ? 630 ASN B OD1 1 
ATOM   1193 N ND2 . ASN B 1 64 ? -13.349 -2.173  -26.379 1.00 31.04 ? 630 ASN B ND2 1 
ATOM   1194 N N   . LYS B 1 65 ? -10.758 0.647   -23.482 1.00 15.48 ? 631 LYS B N   1 
ATOM   1195 C CA  . LYS B 1 65 ? -9.446  1.113   -23.877 1.00 15.68 ? 631 LYS B CA  1 
ATOM   1196 C C   . LYS B 1 65 ? -8.288  0.588   -23.007 1.00 13.45 ? 631 LYS B C   1 
ATOM   1197 O O   . LYS B 1 65 ? -8.454  0.405   -21.862 1.00 13.51 ? 631 LYS B O   1 
ATOM   1198 C CB  . LYS B 1 65 ? -9.425  2.629   -23.952 1.00 16.62 ? 631 LYS B CB  1 
ATOM   1199 C CG  . LYS B 1 65 ? -10.398 3.228   -24.969 1.00 19.93 ? 631 LYS B CG  1 
ATOM   1200 C CD  . LYS B 1 65 ? -10.341 4.716   -24.907 1.00 23.56 ? 631 LYS B CD  1 
ATOM   1201 C CE  . LYS B 1 65 ? -11.390 5.410   -25.786 1.00 26.83 ? 631 LYS B CE  1 
ATOM   1202 N NZ  . LYS B 1 65 ? -11.071 6.810   -26.052 1.00 32.23 ? 631 LYS B NZ  1 
ATOM   1203 N N   . SER B 1 66 ? -7.142  0.351   -23.632 1.00 12.59 ? 632 SER B N   1 
ATOM   1204 C CA  . SER B 1 66 ? -5.924  -0.002  -22.929 1.00 13.10 ? 632 SER B CA  1 
ATOM   1205 C C   . SER B 1 66 ? -5.417  1.085   -22.017 1.00 13.66 ? 632 SER B C   1 
ATOM   1206 O O   . SER B 1 66 ? -5.653  2.222   -22.212 1.00 14.62 ? 632 SER B O   1 
ATOM   1207 C CB  . SER B 1 66 ? -4.822  -0.425  -23.924 1.00 15.48 ? 632 SER B CB  1 
ATOM   1208 O OG  . SER B 1 66 ? -4.355  0.646   -24.636 1.00 15.03 ? 632 SER B OG  1 
ATOM   1209 N N   . LEU B 1 67 ? -4.691  0.647   -21.003 1.00 13.28 ? 633 LEU B N   1 
ATOM   1210 C CA  . LEU B 1 67 ? -4.066  1.556   -20.074 1.00 13.77 ? 633 LEU B CA  1 
ATOM   1211 C C   . LEU B 1 67 ? -3.187  2.556   -20.761 1.00 14.05 ? 633 LEU B C   1 
ATOM   1212 O O   . LEU B 1 67 ? -3.163  3.692   -20.420 1.00 14.66 ? 633 LEU B O   1 
ATOM   1213 C CB  . LEU B 1 67 ? -3.291  0.799   -19.030 1.00 13.75 ? 633 LEU B CB  1 
ATOM   1214 C CG  . LEU B 1 67 ? -4.060  0.132   -17.911 1.00 14.74 ? 633 LEU B CG  1 
ATOM   1215 C CD1 . LEU B 1 67 ? -3.314  -0.706  -16.931 1.00 12.12 ? 633 LEU B CD1 1 
ATOM   1216 C CD2 . LEU B 1 67 ? -5.315  0.709   -17.440 1.00 14.02 ? 633 LEU B CD2 1 
ATOM   1217 N N   . LEU B 1 68 ? -2.437  2.077   -21.728 1.00 14.61 ? 634 LEU B N   1 
ATOM   1218 C CA  . LEU B 1 68 ? -1.623  2.973   -22.520 1.00 16.01 ? 634 LEU B CA  1 
ATOM   1219 C C   . LEU B 1 68 ? -2.411  4.100   -23.163 1.00 17.90 ? 634 LEU B C   1 
ATOM   1220 O O   . LEU B 1 68 ? -2.039  5.251   -23.085 1.00 18.29 ? 634 LEU B O   1 
ATOM   1221 C CB  . LEU B 1 68 ? -0.784  2.216   -23.545 1.00 16.25 ? 634 LEU B CB  1 
ATOM   1222 C CG  . LEU B 1 68 ? 0.358   2.991   -24.174 1.00 19.51 ? 634 LEU B CG  1 
ATOM   1223 C CD1 . LEU B 1 68 ? 1.378   3.401   -23.144 1.00 19.64 ? 634 LEU B CD1 1 
ATOM   1224 C CD2 . LEU B 1 68 ? 1.037   2.122   -25.194 1.00 17.18 ? 634 LEU B CD2 1 
ATOM   1225 N N   . GLU B 1 69 ? -3.536  3.748   -23.752 1.00 18.46 ? 635 GLU B N   1 
ATOM   1226 C CA  . GLU B 1 69 ? -4.384  4.690   -24.440 1.00 20.19 ? 635 GLU B CA  1 
ATOM   1227 C C   . GLU B 1 69 ? -4.997  5.712   -23.529 1.00 20.96 ? 635 GLU B C   1 
ATOM   1228 O O   . GLU B 1 69 ? -5.110  6.856   -23.853 1.00 22.69 ? 635 GLU B O   1 
ATOM   1229 C CB  . GLU B 1 69 ? -5.456  3.962   -25.231 1.00 20.21 ? 635 GLU B CB  1 
ATOM   1230 C CG  . GLU B 1 69 ? -6.390  4.873   -25.991 1.00 22.89 ? 635 GLU B CG  1 
ATOM   1231 C CD  . GLU B 1 69 ? -7.263  4.178   -27.027 1.00 21.24 ? 635 GLU B CD  1 
ATOM   1232 O OE1 . GLU B 1 69 ? -8.082  4.868   -27.601 1.00 24.81 ? 635 GLU B OE1 1 
ATOM   1233 O OE2 . GLU B 1 69 ? -7.141  3.000   -27.278 1.00 23.29 ? 635 GLU B OE2 1 
ATOM   1234 N N   . VAL B 1 70 ? -5.424  5.289   -22.366 1.00 17.93 ? 636 VAL B N   1 
ATOM   1235 C CA  . VAL B 1 70 ? -5.942  6.249   -21.428 1.00 18.85 ? 636 VAL B CA  1 
ATOM   1236 C C   . VAL B 1 70 ? -4.883  6.979   -20.583 1.00 19.35 ? 636 VAL B C   1 
ATOM   1237 O O   . VAL B 1 70 ? -5.196  7.675   -19.649 1.00 20.24 ? 636 VAL B O   1 
ATOM   1238 C CB  . VAL B 1 70 ? -7.000  5.662   -20.537 1.00 18.81 ? 636 VAL B CB  1 
ATOM   1239 C CG1 . VAL B 1 70 ? -8.177  5.263   -21.339 1.00 19.24 ? 636 VAL B CG1 1 
ATOM   1240 C CG2 . VAL B 1 70 ? -6.474  4.552   -19.752 1.00 18.94 ? 636 VAL B CG2 1 
ATOM   1241 N N   . LYS B 1 71 ? -3.629  6.757   -20.940 1.00 22.78 ? 637 LYS B N   1 
ATOM   1242 C CA  . LYS B 1 71 ? -2.522  7.437   -20.312 1.00 23.29 ? 637 LYS B CA  1 
ATOM   1243 C C   . LYS B 1 71 ? -2.284  7.119   -18.847 1.00 23.44 ? 637 LYS B C   1 
ATOM   1244 O O   . LYS B 1 71 ? -1.882  7.957   -18.070 1.00 24.21 ? 637 LYS B O   1 
ATOM   1245 C CB  . LYS B 1 71 ? -2.538  8.945   -20.589 1.00 31.45 ? 637 LYS B CB  1 
ATOM   1246 C CG  . LYS B 1 71 ? -2.845  9.358   -22.018 1.00 34.04 ? 637 LYS B CG  1 
ATOM   1247 C CD  . LYS B 1 71 ? -1.727  9.270   -22.950 1.00 36.97 ? 637 LYS B CD  1 
ATOM   1248 C CE  . LYS B 1 71 ? -1.735  10.319  -24.079 1.00 39.22 ? 637 LYS B CE  1 
ATOM   1249 N NZ  . LYS B 1 71 ? -2.966  10.167  -24.914 1.00 40.91 ? 637 LYS B NZ  1 
ATOM   1250 N N   . LEU B 1 72 ? -2.480  5.866   -18.521 1.00 18.78 ? 638 LEU B N   1 
ATOM   1251 C CA  . LEU B 1 72 ? -2.130  5.348   -17.241 1.00 16.64 ? 638 LEU B CA  1 
ATOM   1252 C C   . LEU B 1 72 ? -0.903  4.455   -17.404 1.00 15.85 ? 638 LEU B C   1 
ATOM   1253 O O   . LEU B 1 72 ? -1.010  3.273   -17.374 1.00 15.54 ? 638 LEU B O   1 
ATOM   1254 C CB  . LEU B 1 72 ? -3.312  4.584   -16.634 1.00 19.34 ? 638 LEU B CB  1 
ATOM   1255 C CG  . LEU B 1 72 ? -4.513  5.464   -16.306 1.00 20.34 ? 638 LEU B CG  1 
ATOM   1256 C CD1 . LEU B 1 72 ? -5.705  4.648   -15.899 1.00 22.39 ? 638 LEU B CD1 1 
ATOM   1257 C CD2 . LEU B 1 72 ? -4.173  6.437   -15.244 1.00 21.19 ? 638 LEU B CD2 1 
ATOM   1258 N N   . PHE B 1 73 ? 0.250   5.098   -17.617 1.00 14.64 ? 639 PHE B N   1 
ATOM   1259 C CA  . PHE B 1 73 ? 1.509   4.438   -17.900 1.00 15.49 ? 639 PHE B CA  1 
ATOM   1260 C C   . PHE B 1 73 ? 2.648   5.472   -17.875 1.00 16.51 ? 639 PHE B C   1 
ATOM   1261 O O   . PHE B 1 73 ? 2.468   6.514   -18.413 1.00 18.85 ? 639 PHE B O   1 
ATOM   1262 C CB  . PHE B 1 73 ? 1.436   3.825   -19.295 1.00 16.69 ? 639 PHE B CB  1 
ATOM   1263 C CG  . PHE B 1 73 ? 2.765   3.391   -19.855 1.00 15.43 ? 639 PHE B CG  1 
ATOM   1264 C CD1 . PHE B 1 73 ? 3.477   4.216   -20.677 1.00 16.72 ? 639 PHE B CD1 1 
ATOM   1265 C CD2 . PHE B 1 73 ? 3.294   2.207   -19.534 1.00 16.50 ? 639 PHE B CD2 1 
ATOM   1266 C CE1 . PHE B 1 73 ? 4.677   3.840   -21.145 1.00 15.65 ? 639 PHE B CE1 1 
ATOM   1267 C CE2 . PHE B 1 73 ? 4.507   1.812   -20.027 1.00 18.42 ? 639 PHE B CE2 1 
ATOM   1268 C CZ  . PHE B 1 73 ? 5.178   2.636   -20.842 1.00 18.35 ? 639 PHE B CZ  1 
ATOM   1269 N N   . PRO B 1 74 ? 3.796   5.164   -17.277 1.00 15.31 ? 640 PRO B N   1 
ATOM   1270 C CA  . PRO B 1 74 ? 4.137   3.878   -16.685 1.00 14.15 ? 640 PRO B CA  1 
ATOM   1271 C C   . PRO B 1 74 ? 3.880   3.769   -15.163 1.00 14.65 ? 640 PRO B C   1 
ATOM   1272 O O   . PRO B 1 74 ? 4.001   2.737   -14.576 1.00 15.16 ? 640 PRO B O   1 
ATOM   1273 C CB  . PRO B 1 74 ? 5.635   3.816   -16.911 1.00 15.58 ? 640 PRO B CB  1 
ATOM   1274 C CG  . PRO B 1 74 ? 6.032   5.280   -16.821 1.00 16.81 ? 640 PRO B CG  1 
ATOM   1275 C CD  . PRO B 1 74 ? 5.004   5.944   -17.595 1.00 16.80 ? 640 PRO B CD  1 
ATOM   1276 N N   . GLN B 1 75 ? 3.524   4.870   -14.537 1.00 16.14 ? 641 GLN B N   1 
ATOM   1277 C CA  . GLN B 1 75 ? 3.431   4.885   -13.093 1.00 17.96 ? 641 GLN B CA  1 
ATOM   1278 C C   . GLN B 1 75 ? 2.351   5.886   -12.754 1.00 17.09 ? 641 GLN B C   1 
ATOM   1279 O O   . GLN B 1 75 ? 2.418   6.956   -13.214 1.00 19.76 ? 641 GLN B O   1 
ATOM   1280 C CB  . GLN B 1 75 ? 4.761   5.332   -12.488 1.00 31.62 ? 641 GLN B CB  1 
ATOM   1281 C CG  . GLN B 1 75 ? 4.845   5.065   -11.076 1.00 36.24 ? 641 GLN B CG  1 
ATOM   1282 C CD  . GLN B 1 75 ? 6.240   4.830   -10.565 1.00 41.40 ? 641 GLN B CD  1 
ATOM   1283 O OE1 . GLN B 1 75 ? 7.086   5.701   -10.649 1.00 44.48 ? 641 GLN B OE1 1 
ATOM   1284 N NE2 . GLN B 1 75 ? 6.483   3.647   -10.043 1.00 42.43 ? 641 GLN B NE2 1 
ATOM   1285 N N   . GLU B 1 76 ? 1.352   5.502   -11.984 1.00 14.71 ? 642 GLU B N   1 
ATOM   1286 C CA  . GLU B 1 76 ? 0.341   6.445   -11.567 1.00 16.54 ? 642 GLU B CA  1 
ATOM   1287 C C   . GLU B 1 76 ? -0.175  6.113   -10.214 1.00 16.28 ? 642 GLU B C   1 
ATOM   1288 O O   . GLU B 1 76 ? -0.327  4.990   -9.875  1.00 12.30 ? 642 GLU B O   1 
ATOM   1289 C CB  . GLU B 1 76 ? -0.829  6.479   -12.505 1.00 28.61 ? 642 GLU B CB  1 
ATOM   1290 C CG  . GLU B 1 76 ? -0.627  7.235   -13.804 1.00 35.29 ? 642 GLU B CG  1 
ATOM   1291 C CD  . GLU B 1 76 ? -0.376  8.721   -13.638 1.00 38.13 ? 642 GLU B CD  1 
ATOM   1292 O OE1 . GLU B 1 76 ? -1.099  9.405   -12.917 1.00 40.96 ? 642 GLU B OE1 1 
ATOM   1293 O OE2 . GLU B 1 76 ? 0.560   9.163   -14.256 1.00 41.01 ? 642 GLU B OE2 1 
ATOM   1294 N N   . THR B 1 77 ? -0.418  7.171   -9.445  1.00 17.50 ? 643 THR B N   1 
ATOM   1295 C CA  . THR B 1 77 ? -1.088  7.063   -8.163  1.00 17.88 ? 643 THR B CA  1 
ATOM   1296 C C   . THR B 1 77 ? -2.502  7.604   -8.293  1.00 18.13 ? 643 THR B C   1 
ATOM   1297 O O   . THR B 1 77 ? -2.680  8.683   -8.721  1.00 20.62 ? 643 THR B O   1 
ATOM   1298 C CB  . THR B 1 77 ? -0.323  7.830   -7.088  1.00 19.30 ? 643 THR B CB  1 
ATOM   1299 O OG1 . THR B 1 77 ? 0.949   7.235   -6.872  1.00 22.98 ? 643 THR B OG1 1 
ATOM   1300 C CG2 . THR B 1 77 ? -1.027  7.719   -5.759  1.00 21.97 ? 643 THR B CG2 1 
ATOM   1301 N N   . LEU B 1 78 ? -3.485  6.776   -7.956  1.00 15.36 ? 644 LEU B N   1 
ATOM   1302 C CA  . LEU B 1 78 ? -4.893  7.113   -8.073  1.00 15.78 ? 644 LEU B CA  1 
ATOM   1303 C C   . LEU B 1 78 ? -5.531  7.139   -6.685  1.00 16.33 ? 644 LEU B C   1 
ATOM   1304 O O   . LEU B 1 78 ? -4.967  6.648   -5.741  1.00 15.45 ? 644 LEU B O   1 
ATOM   1305 C CB  . LEU B 1 78 ? -5.633  6.099   -8.957  1.00 17.93 ? 644 LEU B CB  1 
ATOM   1306 C CG  . LEU B 1 78 ? -5.085  5.848   -10.335 1.00 18.52 ? 644 LEU B CG  1 
ATOM   1307 C CD1 . LEU B 1 78 ? -5.914  4.727   -10.916 1.00 22.35 ? 644 LEU B CD1 1 
ATOM   1308 C CD2 . LEU B 1 78 ? -5.183  7.051   -11.183 1.00 21.30 ? 644 LEU B CD2 1 
ATOM   1309 N N   . PHE B 1 79 ? -6.719  7.729   -6.609  1.00 16.39 ? 645 PHE B N   1 
ATOM   1310 C CA  . PHE B 1 79 ? -7.467  7.875   -5.373  1.00 18.18 ? 645 PHE B CA  1 
ATOM   1311 C C   . PHE B 1 79 ? -8.907  7.380   -5.517  1.00 17.41 ? 645 PHE B C   1 
ATOM   1312 O O   . PHE B 1 79 ? -9.538  7.726   -6.452  1.00 15.83 ? 645 PHE B O   1 
ATOM   1313 C CB  . PHE B 1 79 ? -7.440  9.366   -4.960  1.00 31.09 ? 645 PHE B CB  1 
ATOM   1314 C CG  . PHE B 1 79 ? -6.050  9.883   -4.783  1.00 35.04 ? 645 PHE B CG  1 
ATOM   1315 C CD1 . PHE B 1 79 ? -5.346  9.581   -3.699  1.00 36.28 ? 645 PHE B CD1 1 
ATOM   1316 C CD2 . PHE B 1 79 ? -5.423  10.604  -5.765  1.00 35.98 ? 645 PHE B CD2 1 
ATOM   1317 C CE1 . PHE B 1 79 ? -4.065  10.008  -3.578  1.00 36.37 ? 645 PHE B CE1 1 
ATOM   1318 C CE2 . PHE B 1 79 ? -4.174  11.050  -5.595  1.00 37.18 ? 645 PHE B CE2 1 
ATOM   1319 C CZ  . PHE B 1 79 ? -3.519  10.729  -4.514  1.00 37.28 ? 645 PHE B CZ  1 
ATOM   1320 N N   . LEU B 1 80 ? -9.364  6.521   -4.610  1.00 15.32 ? 646 LEU B N   1 
ATOM   1321 C CA  . LEU B 1 80 ? -10.773 6.121   -4.578  1.00 15.62 ? 646 LEU B CA  1 
ATOM   1322 C C   . LEU B 1 80 ? -11.590 7.033   -3.689  1.00 17.30 ? 646 LEU B C   1 
ATOM   1323 O O   . LEU B 1 80 ? -11.175 7.340   -2.635  1.00 19.39 ? 646 LEU B O   1 
ATOM   1324 C CB  . LEU B 1 80 ? -10.936 4.722   -4.038  1.00 16.87 ? 646 LEU B CB  1 
ATOM   1325 C CG  . LEU B 1 80 ? -10.424 3.608   -4.929  1.00 14.73 ? 646 LEU B CG  1 
ATOM   1326 C CD1 . LEU B 1 80 ? -9.948  2.448   -4.136  1.00 18.38 ? 646 LEU B CD1 1 
ATOM   1327 C CD2 . LEU B 1 80 ? -11.469 3.193   -5.956  1.00 15.67 ? 646 LEU B CD2 1 
ATOM   1328 N N   . GLU B 1 81 ? -12.766 7.399   -4.158  1.00 17.57 ? 647 GLU B N   1 
ATOM   1329 C CA  . GLU B 1 81 ? -13.633 8.321   -3.437  1.00 19.71 ? 647 GLU B CA  1 
ATOM   1330 C C   . GLU B 1 81 ? -15.032 7.770   -3.458  1.00 19.10 ? 647 GLU B C   1 
ATOM   1331 O O   . GLU B 1 81 ? -15.576 7.501   -4.480  1.00 18.98 ? 647 GLU B O   1 
ATOM   1332 C CB  . GLU B 1 81 ? -13.593 9.684   -4.099  1.00 27.99 ? 647 GLU B CB  1 
ATOM   1333 C CG  . GLU B 1 81 ? -14.323 10.801  -3.377  1.00 33.39 ? 647 GLU B CG  1 
ATOM   1334 C CD  . GLU B 1 81 ? -14.245 12.093  -4.142  1.00 35.05 ? 647 GLU B CD  1 
ATOM   1335 O OE1 . GLU B 1 81 ? -15.137 12.358  -4.927  1.00 37.64 ? 647 GLU B OE1 1 
ATOM   1336 O OE2 . GLU B 1 81 ? -13.237 12.769  -3.985  1.00 37.13 ? 647 GLU B OE2 1 
ATOM   1337 N N   . ALA B 1 82 ? -15.597 7.656   -2.279  1.00 21.48 ? 648 ALA B N   1 
ATOM   1338 C CA  . ALA B 1 82 ? -16.954 7.224   -2.135  1.00 23.85 ? 648 ALA B CA  1 
ATOM   1339 C C   . ALA B 1 82 ? -17.968 8.047   -2.922  1.00 25.19 ? 648 ALA B C   1 
ATOM   1340 O O   . ALA B 1 82 ? -17.920 9.249   -2.948  1.00 25.38 ? 648 ALA B O   1 
ATOM   1341 C CB  . ALA B 1 82 ? -17.327 7.134   -0.685  1.00 25.93 ? 648 ALA B CB  1 
ATOM   1342 N N   . LYS B 1 83 ? -18.896 7.350   -3.570  1.00 28.12 ? 649 LYS B N   1 
ATOM   1343 C CA  . LYS B 1 83 ? -19.951 8.007   -4.335  1.00 29.52 ? 649 LYS B CA  1 
ATOM   1344 C C   . LYS B 1 83 ? -21.132 8.372   -3.444  1.00 29.82 ? 649 LYS B C   1 
ATOM   1345 O O   . LYS B 1 83 ? -21.420 7.685   -2.464  1.00 31.91 ? 649 LYS B O   1 
ATOM   1346 C CB  . LYS B 1 83 ? -20.416 7.109   -5.484  1.00 24.91 ? 649 LYS B CB  1 
ATOM   1347 C CG  . LYS B 1 83 ? -19.517 7.152   -6.708  1.00 24.65 ? 649 LYS B CG  1 
ATOM   1348 C CD  . LYS B 1 83 ? -20.056 6.266   -7.820  1.00 25.86 ? 649 LYS B CD  1 
ATOM   1349 C CE  . LYS B 1 83 ? -19.428 6.619   -9.160  1.00 26.72 ? 649 LYS B CE  1 
ATOM   1350 N NZ  . LYS B 1 83 ? -19.733 5.598   -10.200 1.00 27.20 ? 649 LYS B NZ  1 
HETATM 1351 S S   . SO4 C 2 .  ? 2.917   9.957   6.357   1.00 53.06 ? 400 SO4 A S   1 
HETATM 1352 O O1  . SO4 C 2 .  ? 2.396   10.081  7.679   1.00 51.33 ? 400 SO4 A O1  1 
HETATM 1353 O O2  . SO4 C 2 .  ? 4.167   9.312   6.338   1.00 49.91 ? 400 SO4 A O2  1 
HETATM 1354 O O3  . SO4 C 2 .  ? 1.949   9.293   5.525   1.00 51.36 ? 400 SO4 A O3  1 
HETATM 1355 O O4  . SO4 C 2 .  ? 3.105   11.270  5.861   1.00 52.40 ? 400 SO4 A O4  1 
HETATM 1356 S S   . SO4 D 2 .  ? 2.530   -7.067  -8.212  1.00 40.78 ? 401 SO4 B S   1 
HETATM 1357 O O1  . SO4 D 2 .  ? 1.562   -7.596  -7.349  1.00 41.83 ? 401 SO4 B O1  1 
HETATM 1358 O O2  . SO4 D 2 .  ? 2.710   -7.835  -9.400  1.00 43.29 ? 401 SO4 B O2  1 
HETATM 1359 O O3  . SO4 D 2 .  ? 2.113   -5.846  -8.600  1.00 42.32 ? 401 SO4 B O3  1 
HETATM 1360 O O4  . SO4 D 2 .  ? 3.759   -6.956  -7.571  1.00 42.62 ? 401 SO4 B O4  1 
HETATM 1361 O O   . HOH E 3 .  ? 11.856  -4.617  2.785   1.00 16.76 ? 2   HOH A O   1 
HETATM 1362 O O   . HOH E 3 .  ? 1.145   -5.883  14.745  1.00 15.14 ? 3   HOH A O   1 
HETATM 1363 O O   . HOH E 3 .  ? 0.015   -2.518  18.577  1.00 15.62 ? 5   HOH A O   1 
HETATM 1364 O O   . HOH E 3 .  ? -5.522  -15.297 15.110  1.00 22.06 ? 7   HOH A O   1 
HETATM 1365 O O   . HOH E 3 .  ? 14.745  -6.580  21.258  1.00 20.16 ? 9   HOH A O   1 
HETATM 1366 O O   . HOH E 3 .  ? 11.532  -6.269  6.491   1.00 21.74 ? 10  HOH A O   1 
HETATM 1367 O O   . HOH E 3 .  ? 10.162  -0.940  2.004   1.00 18.86 ? 11  HOH A O   1 
HETATM 1368 O O   . HOH E 3 .  ? -5.237  -12.372 15.302  1.00 22.55 ? 12  HOH A O   1 
HETATM 1369 O O   . HOH E 3 .  ? -3.059  -13.512 8.730   1.00 23.63 ? 15  HOH A O   1 
HETATM 1370 O O   . HOH E 3 .  ? 7.862   -7.645  22.060  1.00 18.31 ? 16  HOH A O   1 
HETATM 1371 O O   . HOH E 3 .  ? 15.727  -9.519  9.271   1.00 29.65 ? 17  HOH A O   1 
HETATM 1372 O O   . HOH E 3 .  ? 12.508  -2.086  1.871   1.00 26.18 ? 19  HOH A O   1 
HETATM 1373 O O   . HOH E 3 .  ? 17.179  2.269   21.646  1.00 21.97 ? 20  HOH A O   1 
HETATM 1374 O O   . HOH E 3 .  ? -2.893  -4.387  -3.151  1.00 20.04 ? 21  HOH A O   1 
HETATM 1375 O O   . HOH E 3 .  ? 2.711   6.771   1.995   1.00 24.49 ? 22  HOH A O   1 
HETATM 1376 O O   . HOH E 3 .  ? 6.572   4.730   4.245   1.00 19.69 ? 23  HOH A O   1 
HETATM 1377 O O   . HOH E 3 .  ? -3.304  -10.244 24.026  1.00 20.82 ? 25  HOH A O   1 
HETATM 1378 O O   . HOH E 3 .  ? 19.190  -0.757  9.920   1.00 23.17 ? 27  HOH A O   1 
HETATM 1379 O O   . HOH E 3 .  ? 15.658  10.431  13.470  1.00 22.81 ? 28  HOH A O   1 
HETATM 1380 O O   . HOH E 3 .  ? -2.819  2.983   18.833  1.00 30.20 ? 31  HOH A O   1 
HETATM 1381 O O   . HOH E 3 .  ? -1.955  -17.174 11.080  1.00 22.42 ? 34  HOH A O   1 
HETATM 1382 O O   . HOH E 3 .  ? 12.258  9.851   18.555  1.00 24.69 ? 35  HOH A O   1 
HETATM 1383 O O   . HOH E 3 .  ? -6.824  -7.727  6.155   1.00 34.15 ? 36  HOH A O   1 
HETATM 1384 O O   . HOH E 3 .  ? 1.152   -18.057 14.880  1.00 29.51 ? 41  HOH A O   1 
HETATM 1385 O O   . HOH E 3 .  ? 14.158  -5.450  4.184   1.00 32.13 ? 42  HOH A O   1 
HETATM 1386 O O   . HOH E 3 .  ? 9.944   7.443   20.721  1.00 23.08 ? 43  HOH A O   1 
HETATM 1387 O O   . HOH E 3 .  ? 3.265   7.877   13.976  1.00 33.04 ? 45  HOH A O   1 
HETATM 1388 O O   . HOH E 3 .  ? 0.406   6.982   4.220   1.00 26.27 ? 46  HOH A O   1 
HETATM 1389 O O   . HOH E 3 .  ? -0.062  -7.191  -2.038  1.00 30.87 ? 47  HOH A O   1 
HETATM 1390 O O   . HOH E 3 .  ? 12.184  -11.058 16.859  1.00 26.31 ? 48  HOH A O   1 
HETATM 1391 O O   . HOH E 3 .  ? -3.492  -17.408 21.358  1.00 29.01 ? 49  HOH A O   1 
HETATM 1392 O O   . HOH E 3 .  ? 2.261   6.024   15.816  1.00 24.77 ? 52  HOH A O   1 
HETATM 1393 O O   . HOH E 3 .  ? 11.305  -13.327 15.404  1.00 25.27 ? 53  HOH A O   1 
HETATM 1394 O O   . HOH E 3 .  ? 16.302  -8.502  15.795  1.00 28.54 ? 54  HOH A O   1 
HETATM 1395 O O   . HOH E 3 .  ? 9.085   11.780  17.332  1.00 37.68 ? 55  HOH A O   1 
HETATM 1396 O O   . HOH E 3 .  ? 5.450   3.827   -0.853  1.00 35.45 ? 56  HOH A O   1 
HETATM 1397 O O   . HOH E 3 .  ? -1.047  1.335   20.849  1.00 26.56 ? 57  HOH A O   1 
HETATM 1398 O O   . HOH E 3 .  ? 12.740  -10.631 22.073  1.00 29.42 ? 58  HOH A O   1 
HETATM 1399 O O   . HOH E 3 .  ? 9.396   1.350   2.833   1.00 27.24 ? 61  HOH A O   1 
HETATM 1400 O O   . HOH E 3 .  ? 0.599   -9.817  4.892   1.00 31.44 ? 64  HOH A O   1 
HETATM 1401 O O   . HOH E 3 .  ? 0.996   7.408   7.781   1.00 26.93 ? 70  HOH A O   1 
HETATM 1402 O O   . HOH E 3 .  ? -6.492  -2.528  17.317  1.00 24.31 ? 74  HOH A O   1 
HETATM 1403 O O   . HOH E 3 .  ? 13.477  9.845   3.817   1.00 29.04 ? 75  HOH A O   1 
HETATM 1404 O O   . HOH E 3 .  ? 16.491  -0.731  4.574   1.00 32.32 ? 77  HOH A O   1 
HETATM 1405 O O   . HOH E 3 .  ? 20.160  0.676   23.740  1.00 33.62 ? 79  HOH A O   1 
HETATM 1406 O O   . HOH E 3 .  ? -0.922  -10.404 2.072   1.00 29.09 ? 82  HOH A O   1 
HETATM 1407 O O   . HOH E 3 .  ? -6.374  -0.714  8.180   1.00 26.88 ? 84  HOH A O   1 
HETATM 1408 O O   . HOH E 3 .  ? 3.622   5.453   22.140  1.00 37.13 ? 87  HOH A O   1 
HETATM 1409 O O   . HOH E 3 .  ? 16.209  -5.768  7.018   1.00 35.36 ? 88  HOH A O   1 
HETATM 1410 O O   . HOH E 3 .  ? -5.696  -16.836 19.371  1.00 32.44 ? 89  HOH A O   1 
HETATM 1411 O O   . HOH E 3 .  ? 1.045   -15.295 6.159   1.00 37.90 ? 91  HOH A O   1 
HETATM 1412 O O   . HOH E 3 .  ? -1.277  -13.153 6.876   1.00 32.10 ? 95  HOH A O   1 
HETATM 1413 O O   . HOH E 3 .  ? 16.615  -1.911  8.076   1.00 34.88 ? 98  HOH A O   1 
HETATM 1414 O O   . HOH E 3 .  ? -2.105  6.793   13.827  1.00 44.01 ? 99  HOH A O   1 
HETATM 1415 O O   . HOH E 3 .  ? 17.808  -5.116  9.522   1.00 27.76 ? 101 HOH A O   1 
HETATM 1416 O O   . HOH E 3 .  ? 15.305  -1.357  26.537  1.00 33.96 ? 102 HOH A O   1 
HETATM 1417 O O   . HOH E 3 .  ? 13.538  -14.230 14.038  1.00 41.83 ? 103 HOH A O   1 
HETATM 1418 O O   . HOH E 3 .  ? 14.951  12.699  16.824  1.00 23.98 ? 104 HOH A O   1 
HETATM 1419 O O   . HOH E 3 .  ? 21.762  0.201   14.199  1.00 30.75 ? 107 HOH A O   1 
HETATM 1420 O O   . HOH E 3 .  ? 0.319   -1.147  20.827  1.00 29.47 ? 108 HOH A O   1 
HETATM 1421 O O   . HOH E 3 .  ? 2.722   0.422   21.784  1.00 25.11 ? 109 HOH A O   1 
HETATM 1422 O O   . HOH E 3 .  ? -2.051  -11.415 0.410   1.00 36.18 ? 112 HOH A O   1 
HETATM 1423 O O   . HOH E 3 .  ? -1.738  -13.354 4.097   1.00 35.97 ? 113 HOH A O   1 
HETATM 1424 O O   . HOH E 3 .  ? -4.096  -13.905 0.725   1.00 43.88 ? 114 HOH A O   1 
HETATM 1425 O O   . HOH E 3 .  ? 7.832   -10.221 22.771  1.00 26.01 ? 115 HOH A O   1 
HETATM 1426 O O   . HOH E 3 .  ? 14.898  -10.842 16.061  1.00 31.75 ? 116 HOH A O   1 
HETATM 1427 O O   . HOH E 3 .  ? 17.015  -6.423  16.994  1.00 32.58 ? 117 HOH A O   1 
HETATM 1428 O O   . HOH E 3 .  ? 18.707  -6.663  11.119  1.00 39.27 ? 118 HOH A O   1 
HETATM 1429 O O   . HOH E 3 .  ? 17.968  -6.802  5.664   1.00 31.95 ? 119 HOH A O   1 
HETATM 1430 O O   . HOH E 3 .  ? 16.718  -7.101  3.390   1.00 23.31 ? 120 HOH A O   1 
HETATM 1431 O O   . HOH E 3 .  ? 7.274   4.312   1.601   1.00 27.50 ? 121 HOH A O   1 
HETATM 1432 O O   . HOH E 3 .  ? 4.881   6.930   4.141   1.00 29.65 ? 122 HOH A O   1 
HETATM 1433 O O   . HOH E 3 .  ? 5.777   11.250  5.107   1.00 30.57 ? 123 HOH A O   1 
HETATM 1434 O O   . HOH E 3 .  ? 1.241   11.382  9.760   1.00 27.74 ? 124 HOH A O   1 
HETATM 1435 O O   . HOH E 3 .  ? -7.181  -14.928 17.309  1.00 33.72 ? 125 HOH A O   1 
HETATM 1436 O O   . HOH E 3 .  ? -0.419  6.124   15.838  1.00 33.93 ? 128 HOH A O   1 
HETATM 1437 O O   . HOH E 3 .  ? 17.941  10.624  14.926  1.00 25.56 ? 132 HOH A O   1 
HETATM 1438 O O   . HOH E 3 .  ? 6.765   10.295  17.701  1.00 37.62 ? 133 HOH A O   1 
HETATM 1439 O O   . HOH E 3 .  ? 5.587   9.023   12.685  1.00 33.30 ? 134 HOH A O   1 
HETATM 1440 O O   . HOH E 3 .  ? 7.863   10.145  13.559  1.00 28.60 ? 135 HOH A O   1 
HETATM 1441 O O   . HOH E 3 .  ? -6.594  -1.371  3.725   1.00 35.63 ? 137 HOH A O   1 
HETATM 1442 O O   . HOH E 3 .  ? -7.214  -2.786  6.454   1.00 34.32 ? 138 HOH A O   1 
HETATM 1443 O O   . HOH E 3 .  ? 11.782  10.817  -0.164  1.00 38.44 ? 157 HOH A O   1 
HETATM 1444 O O   . HOH E 3 .  ? -7.279  -3.698  4.078   1.00 36.21 ? 158 HOH A O   1 
HETATM 1445 O O   . HOH E 3 .  ? -8.397  -1.339  1.934   1.00 29.86 ? 159 HOH A O   1 
HETATM 1446 O O   . HOH E 3 .  ? 21.996  -2.027  16.592  1.00 36.03 ? 166 HOH A O   1 
HETATM 1447 O O   . HOH E 3 .  ? -1.661  -17.526 8.290   1.00 47.83 ? 168 HOH A O   1 
HETATM 1448 O O   . HOH E 3 .  ? 0.570   -19.872 8.245   1.00 43.62 ? 169 HOH A O   1 
HETATM 1449 O O   . HOH E 3 .  ? 10.424  -12.754 4.868   1.00 46.06 ? 170 HOH A O   1 
HETATM 1450 O O   . HOH E 3 .  ? -7.478  -10.577 15.733  1.00 31.59 ? 171 HOH A O   1 
HETATM 1451 O O   . HOH E 3 .  ? 13.164  -15.560 5.108   1.00 44.25 ? 172 HOH A O   1 
HETATM 1452 O O   . HOH E 3 .  ? 6.006   -14.874 15.729  1.00 35.07 ? 173 HOH A O   1 
HETATM 1453 O O   . HOH E 3 .  ? 5.509   -17.000 13.872  1.00 40.32 ? 174 HOH A O   1 
HETATM 1454 O O   . HOH E 3 .  ? 2.844   -9.701  21.601  1.00 23.46 ? 175 HOH A O   1 
HETATM 1455 O O   . HOH E 3 .  ? 14.714  -9.133  22.323  1.00 44.34 ? 176 HOH A O   1 
HETATM 1456 O O   . HOH E 3 .  ? 16.129  -6.919  23.984  1.00 43.77 ? 177 HOH A O   1 
HETATM 1457 O O   . HOH E 3 .  ? 12.921  -13.295 22.015  1.00 31.09 ? 178 HOH A O   1 
HETATM 1458 O O   . HOH E 3 .  ? 14.646  -14.516 17.874  1.00 42.37 ? 179 HOH A O   1 
HETATM 1459 O O   . HOH E 3 .  ? 16.428  -5.276  25.705  1.00 42.36 ? 180 HOH A O   1 
HETATM 1460 O O   . HOH E 3 .  ? 22.879  2.056   23.120  1.00 37.65 ? 181 HOH A O   1 
HETATM 1461 O O   . HOH E 3 .  ? 22.335  2.323   16.218  1.00 42.55 ? 182 HOH A O   1 
HETATM 1462 O O   . HOH E 3 .  ? 2.539   10.482  14.264  1.00 34.17 ? 185 HOH A O   1 
HETATM 1463 O O   . HOH E 3 .  ? 19.262  -6.753  13.990  1.00 39.07 ? 186 HOH A O   1 
HETATM 1464 O O   . HOH E 3 .  ? 18.300  -10.626 12.675  1.00 38.43 ? 187 HOH A O   1 
HETATM 1465 O O   . HOH E 3 .  ? 13.955  -5.970  9.320   1.00 34.29 ? 188 HOH A O   1 
HETATM 1466 O O   . HOH E 3 .  ? 13.020  12.464  1.651   1.00 51.79 ? 190 HOH A O   1 
HETATM 1467 O O   . HOH E 3 .  ? 5.664   5.042   -3.946  1.00 34.87 ? 195 HOH A O   1 
HETATM 1468 O O   . HOH E 3 .  ? -7.406  -5.341  20.472  1.00 34.25 ? 197 HOH A O   1 
HETATM 1469 O O   . HOH E 3 .  ? -5.869  3.108   18.534  1.00 45.37 ? 198 HOH A O   1 
HETATM 1470 O O   . HOH E 3 .  ? -7.577  4.250   9.868   1.00 38.05 ? 199 HOH A O   1 
HETATM 1471 O O   . HOH E 3 .  ? -8.519  -7.170  15.037  1.00 41.15 ? 200 HOH A O   1 
HETATM 1472 O O   . HOH E 3 .  ? 15.878  -9.359  25.274  0.50 33.38 ? 201 HOH A O   1 
HETATM 1473 O O   . HOH E 3 .  ? 15.887  8.964   -0.207  1.00 45.76 ? 208 HOH A O   1 
HETATM 1474 O O   . HOH E 3 .  ? 21.494  23.312  10.986  1.00 36.63 ? 209 HOH A O   1 
HETATM 1475 O O   . HOH E 3 .  ? 1.471   -12.265 5.299   1.00 43.33 ? 210 HOH A O   1 
HETATM 1476 O O   . HOH E 3 .  ? -1.767  6.079   7.307   1.00 34.09 ? 222 HOH A O   1 
HETATM 1477 O O   . HOH E 3 .  ? 16.945  -6.209  19.830  1.00 32.92 ? 223 HOH A O   1 
HETATM 1478 O O   . HOH E 3 .  ? 16.614  -12.540 12.800  1.00 45.03 ? 225 HOH A O   1 
HETATM 1479 O O   . HOH E 3 .  ? 19.849  -9.633  8.564   1.00 41.62 ? 226 HOH A O   1 
HETATM 1480 O O   . HOH E 3 .  ? 8.383   -8.565  4.691   1.00 31.48 ? 227 HOH A O   1 
HETATM 1481 O O   . HOH F 3 .  ? 1.717   -4.261  -22.253 1.00 13.41 ? 1   HOH B O   1 
HETATM 1482 O O   . HOH F 3 .  ? -14.249 2.032   -8.574  1.00 15.28 ? 4   HOH B O   1 
HETATM 1483 O O   . HOH F 3 .  ? -6.374  0.786   -26.387 1.00 23.53 ? 6   HOH B O   1 
HETATM 1484 O O   . HOH F 3 .  ? 0.922   -8.170  -11.404 1.00 17.81 ? 8   HOH B O   1 
HETATM 1485 O O   . HOH F 3 .  ? 0.813   9.710   -9.898  1.00 23.07 ? 13  HOH B O   1 
HETATM 1486 O O   . HOH F 3 .  ? -1.241  4.022   4.880   1.00 24.31 ? 14  HOH B O   1 
HETATM 1487 O O   . HOH F 3 .  ? -2.082  -7.640  -16.046 1.00 22.20 ? 18  HOH B O   1 
HETATM 1488 O O   . HOH F 3 .  ? 3.100   -3.753  -4.466  1.00 22.50 ? 24  HOH B O   1 
HETATM 1489 O O   . HOH F 3 .  ? -20.596 -3.761  -7.850  1.00 21.85 ? 26  HOH B O   1 
HETATM 1490 O O   . HOH F 3 .  ? -8.344  -7.425  -12.214 1.00 20.31 ? 29  HOH B O   1 
HETATM 1491 O O   . HOH F 3 .  ? -1.117  -6.691  -6.579  1.00 23.70 ? 30  HOH B O   1 
HETATM 1492 O O   . HOH F 3 .  ? -4.081  -8.622  -3.184  1.00 26.50 ? 32  HOH B O   1 
HETATM 1493 O O   . HOH F 3 .  ? 2.767   6.243   -8.607  1.00 29.66 ? 33  HOH B O   1 
HETATM 1494 O O   . HOH F 3 .  ? 4.443   -9.648  -9.974  1.00 24.66 ? 37  HOH B O   1 
HETATM 1495 O O   . HOH F 3 .  ? 6.300   0.388   -14.765 1.00 28.14 ? 38  HOH B O   1 
HETATM 1496 O O   . HOH F 3 .  ? 1.135   -5.379  -4.473  1.00 25.25 ? 39  HOH B O   1 
HETATM 1497 O O   . HOH F 3 .  ? -13.071 11.331  -17.262 1.00 27.42 ? 40  HOH B O   1 
HETATM 1498 O O   . HOH F 3 .  ? -1.562  -7.702  -13.584 1.00 21.51 ? 44  HOH B O   1 
HETATM 1499 O O   . HOH F 3 .  ? 2.069   -1.057  -8.340  1.00 27.10 ? 50  HOH B O   1 
HETATM 1500 O O   . HOH F 3 .  ? -14.432 9.124   -0.011  1.00 26.12 ? 51  HOH B O   1 
HETATM 1501 O O   . HOH F 3 .  ? -7.287  -6.886  -20.904 1.00 22.93 ? 59  HOH B O   1 
HETATM 1502 O O   . HOH F 3 .  ? -15.446 -6.279  -11.771 1.00 33.39 ? 60  HOH B O   1 
HETATM 1503 O O   . HOH F 3 .  ? -9.141  1.820   -28.801 1.00 31.58 ? 62  HOH B O   1 
HETATM 1504 O O   . HOH F 3 .  ? -13.851 -8.326  -9.900  1.00 30.58 ? 63  HOH B O   1 
HETATM 1505 O O   . HOH F 3 .  ? -17.650 -2.093  -17.368 1.00 26.62 ? 65  HOH B O   1 
HETATM 1506 O O   . HOH F 3 .  ? -12.810 -7.380  -0.857  1.00 33.14 ? 66  HOH B O   1 
HETATM 1507 O O   . HOH F 3 .  ? -7.550  -9.717  -8.383  1.00 35.83 ? 67  HOH B O   1 
HETATM 1508 O O   . HOH F 3 .  ? -12.256 7.157   -22.592 1.00 32.57 ? 68  HOH B O   1 
HETATM 1509 O O   . HOH F 3 .  ? -24.594 -0.028  -6.119  1.00 25.63 ? 69  HOH B O   1 
HETATM 1510 O O   . HOH F 3 .  ? 4.266   7.923   -20.383 1.00 35.09 ? 71  HOH B O   1 
HETATM 1511 O O   . HOH F 3 .  ? -22.108 -2.911  -5.253  1.00 30.12 ? 72  HOH B O   1 
HETATM 1512 O O   . HOH F 3 .  ? -0.543  6.842   -24.736 1.00 31.14 ? 73  HOH B O   1 
HETATM 1513 O O   . HOH F 3 .  ? 9.018   -7.937  -9.125  1.00 36.81 ? 76  HOH B O   1 
HETATM 1514 O O   . HOH F 3 .  ? -11.444 2.978   2.897   1.00 28.90 ? 78  HOH B O   1 
HETATM 1515 O O   . HOH F 3 .  ? -1.284  -10.053 -6.015  1.00 29.21 ? 80  HOH B O   1 
HETATM 1516 O O   . HOH F 3 .  ? -18.147 -2.781  -1.379  1.00 33.37 ? 81  HOH B O   1 
HETATM 1517 O O   . HOH F 3 .  ? -2.597  10.257  -10.816 1.00 40.31 ? 83  HOH B O   1 
HETATM 1518 O O   . HOH F 3 .  ? 11.734  -10.478 -25.904 1.00 42.70 ? 85  HOH B O   1 
HETATM 1519 O O   . HOH F 3 .  ? -4.497  17.372  -10.823 1.00 49.64 ? 86  HOH B O   1 
HETATM 1520 O O   . HOH F 3 .  ? -10.697 -9.673  -14.844 1.00 31.15 ? 90  HOH B O   1 
HETATM 1521 O O   . HOH F 3 .  ? -20.397 4.776   -2.071  1.00 31.56 ? 92  HOH B O   1 
HETATM 1522 O O   . HOH F 3 .  ? -21.520 -3.431  -1.296  1.00 30.19 ? 93  HOH B O   1 
HETATM 1523 O O   . HOH F 3 .  ? -17.163 0.795   -23.214 1.00 34.66 ? 94  HOH B O   1 
HETATM 1524 O O   . HOH F 3 .  ? -14.466 3.631   1.823   1.00 35.23 ? 96  HOH B O   1 
HETATM 1525 O O   . HOH F 3 .  ? 8.240   -3.509  -11.701 1.00 37.83 ? 97  HOH B O   1 
HETATM 1526 O O   . HOH F 3 .  ? -17.930 7.146   -12.040 1.00 32.59 ? 100 HOH B O   1 
HETATM 1527 O O   . HOH F 3 .  ? -2.115  7.319   3.577   1.00 34.73 ? 105 HOH B O   1 
HETATM 1528 O O   . HOH F 3 .  ? -13.801 7.416   -25.207 1.00 37.34 ? 106 HOH B O   1 
HETATM 1529 O O   . HOH F 3 .  ? -13.858 0.840   -10.828 1.00 24.41 ? 110 HOH B O   1 
HETATM 1530 O O   . HOH F 3 .  ? -11.671 -9.812  -10.379 1.00 30.46 ? 111 HOH B O   1 
HETATM 1531 O O   . HOH F 3 .  ? 0.299   -10.011 -8.171  1.00 22.74 ? 126 HOH B O   1 
HETATM 1532 O O   . HOH F 3 .  ? -2.596  -6.689  -4.426  1.00 29.98 ? 127 HOH B O   1 
HETATM 1533 O O   . HOH F 3 .  ? -3.682  7.357   6.695   1.00 43.17 ? 129 HOH B O   1 
HETATM 1534 O O   . HOH F 3 .  ? 2.927   3.790   -8.895  1.00 25.69 ? 130 HOH B O   1 
HETATM 1535 O O   . HOH F 3 .  ? 4.922   2.810   -7.806  1.00 40.15 ? 131 HOH B O   1 
HETATM 1536 O O   . HOH F 3 .  ? -5.194  3.999   7.411   1.00 41.14 ? 136 HOH B O   1 
HETATM 1537 O O   . HOH F 3 .  ? -9.803  -7.381  0.309   1.00 39.22 ? 139 HOH B O   1 
HETATM 1538 O O   . HOH F 3 .  ? -13.810 -5.341  1.392   1.00 39.15 ? 140 HOH B O   1 
HETATM 1539 O O   . HOH F 3 .  ? 7.210   -2.967  -9.510  1.00 40.26 ? 141 HOH B O   1 
HETATM 1540 O O   . HOH F 3 .  ? -16.443 3.932   -17.771 1.00 38.32 ? 142 HOH B O   1 
HETATM 1541 O O   . HOH F 3 .  ? -15.131 -1.573  -10.488 1.00 16.34 ? 143 HOH B O   1 
HETATM 1542 O O   . HOH F 3 .  ? -17.124 -3.368  -14.526 1.00 26.64 ? 144 HOH B O   1 
HETATM 1543 O O   . HOH F 3 .  ? -18.874 -0.522  -19.815 1.00 40.71 ? 145 HOH B O   1 
HETATM 1544 O O   . HOH F 3 .  ? -15.235 -3.576  -20.603 1.00 35.28 ? 146 HOH B O   1 
HETATM 1545 O O   . HOH F 3 .  ? -13.019 -4.512  -21.825 1.00 28.03 ? 147 HOH B O   1 
HETATM 1546 O O   . HOH F 3 .  ? -9.702  -7.609  -21.704 1.00 31.31 ? 148 HOH B O   1 
HETATM 1547 O O   . HOH F 3 .  ? -11.290 -10.144 -17.831 1.00 34.36 ? 149 HOH B O   1 
HETATM 1548 O O   . HOH F 3 .  ? -11.827 -10.765 -12.544 1.00 31.86 ? 150 HOH B O   1 
HETATM 1549 O O   . HOH F 3 .  ? -9.344  -8.612  -10.139 1.00 25.95 ? 151 HOH B O   1 
HETATM 1550 O O   . HOH F 3 .  ? -8.356  -9.646  -13.885 1.00 26.03 ? 152 HOH B O   1 
HETATM 1551 O O   . HOH F 3 .  ? -5.819  -9.791  -14.564 1.00 26.80 ? 153 HOH B O   1 
HETATM 1552 O O   . HOH F 3 .  ? -4.530  -8.185  -12.804 1.00 25.05 ? 154 HOH B O   1 
HETATM 1553 O O   . HOH F 3 .  ? -5.772  -7.412  -11.169 1.00 29.04 ? 155 HOH B O   1 
HETATM 1554 O O   . HOH F 3 .  ? 9.465   4.141   -16.293 1.00 41.05 ? 156 HOH B O   1 
HETATM 1555 O O   . HOH F 3 .  ? -5.992  -9.867  -4.775  1.00 36.53 ? 160 HOH B O   1 
HETATM 1556 O O   . HOH F 3 .  ? -8.242  -9.043  -1.679  1.00 35.54 ? 161 HOH B O   1 
HETATM 1557 O O   . HOH F 3 .  ? -11.897 -11.507 -8.033  1.00 35.59 ? 162 HOH B O   1 
HETATM 1558 O O   . HOH F 3 .  ? -14.127 -10.875 -6.356  1.00 35.77 ? 163 HOH B O   1 
HETATM 1559 O O   . HOH F 3 .  ? -15.524 -8.376  -7.549  1.00 33.14 ? 164 HOH B O   1 
HETATM 1560 O O   . HOH F 3 .  ? -18.007 -6.306  -7.663  1.00 38.13 ? 165 HOH B O   1 
HETATM 1561 O O   . HOH F 3 .  ? -19.847 -5.054  -5.412  1.00 33.85 ? 167 HOH B O   1 
HETATM 1562 O O   . HOH F 3 .  ? -19.384 11.310  -17.581 1.00 37.71 ? 183 HOH B O   1 
HETATM 1563 O O   . HOH F 3 .  ? -18.909 2.614   -22.259 1.00 32.54 ? 184 HOH B O   1 
HETATM 1564 O O   . HOH F 3 .  ? -8.835  7.917   -26.458 1.00 39.91 ? 189 HOH B O   1 
HETATM 1565 O O   . HOH F 3 .  ? 2.907   -3.521  -7.296  1.00 29.52 ? 191 HOH B O   1 
HETATM 1566 O O   . HOH F 3 .  ? -0.919  -9.800  -10.506 1.00 43.68 ? 192 HOH B O   1 
HETATM 1567 O O   . HOH F 3 .  ? -0.919  9.449   -1.685  1.00 42.38 ? 193 HOH B O   1 
HETATM 1568 O O   . HOH F 3 .  ? -23.417 10.211  -2.305  1.00 42.65 ? 194 HOH B O   1 
HETATM 1569 O O   . HOH F 3 .  ? 0.425   8.021   -16.617 1.00 37.00 ? 196 HOH B O   1 
HETATM 1570 O O   . HOH F 3 .  ? 4.302   -10.373 -24.516 1.00 33.37 ? 202 HOH B O   1 
HETATM 1571 O O   . HOH F 3 .  ? -12.927 -8.125  -19.499 1.00 31.93 ? 203 HOH B O   1 
HETATM 1572 O O   . HOH F 3 .  ? -8.687  15.919  -17.111 1.00 47.53 ? 204 HOH B O   1 
HETATM 1573 O O   . HOH F 3 .  ? -12.257 2.429   -28.217 1.00 43.61 ? 205 HOH B O   1 
HETATM 1574 O O   . HOH F 3 .  ? -14.943 8.033   2.494   1.00 34.37 ? 206 HOH B O   1 
HETATM 1575 O O   . HOH F 3 .  ? -9.732  1.030   2.823   1.00 37.68 ? 207 HOH B O   1 
HETATM 1576 O O   . HOH F 3 .  ? 4.085   0.483   -7.142  1.00 31.82 ? 211 HOH B O   1 
HETATM 1577 O O   . HOH F 3 .  ? 3.262   8.099   -15.475 1.00 30.52 ? 212 HOH B O   1 
HETATM 1578 O O   . HOH F 3 .  ? 1.216   8.255   -2.226  1.00 45.84 ? 213 HOH B O   1 
HETATM 1579 O O   . HOH F 3 .  ? -9.113  12.068  -4.628  1.00 38.11 ? 214 HOH B O   1 
HETATM 1580 O O   . HOH F 3 .  ? -5.866  17.925  -8.893  1.00 41.32 ? 215 HOH B O   1 
HETATM 1581 O O   . HOH F 3 .  ? -17.573 10.903  -1.003  1.00 41.38 ? 216 HOH B O   1 
HETATM 1582 O O   . HOH F 3 .  ? -23.963 4.719   -6.735  1.00 43.98 ? 217 HOH B O   1 
HETATM 1583 O O   . HOH F 3 .  ? 6.304   -8.769  -26.299 1.00 35.46 ? 218 HOH B O   1 
HETATM 1584 O O   . HOH F 3 .  ? -9.164  12.950  -22.483 1.00 45.06 ? 219 HOH B O   1 
HETATM 1585 O O   . HOH F 3 .  ? -18.123 2.865   -19.790 1.00 44.09 ? 220 HOH B O   1 
HETATM 1586 O O   . HOH F 3 .  ? -16.403 -4.134  -24.712 1.00 35.94 ? 221 HOH B O   1 
HETATM 1587 O O   . HOH F 3 .  ? -15.430 5.826   3.116   1.00 36.82 ? 224 HOH B O   1 
HETATM 1588 O O   . HOH F 3 .  ? 7.078   8.682   -19.047 1.00 47.39 ? 228 HOH B O   1 
# 
_database_PDB_caveat.id     1 
_database_PDB_caveat.text   'CHIRALITY ERROR AT CB OF ILE A 598' 
# 
loop_
_pdbx_poly_seq_scheme.asym_id 
_pdbx_poly_seq_scheme.entity_id 
_pdbx_poly_seq_scheme.seq_id 
_pdbx_poly_seq_scheme.mon_id 
_pdbx_poly_seq_scheme.ndb_seq_num 
_pdbx_poly_seq_scheme.pdb_seq_num 
_pdbx_poly_seq_scheme.auth_seq_num 
_pdbx_poly_seq_scheme.pdb_mon_id 
_pdbx_poly_seq_scheme.auth_mon_id 
_pdbx_poly_seq_scheme.pdb_strand_id 
_pdbx_poly_seq_scheme.pdb_ins_code 
_pdbx_poly_seq_scheme.hetero 
A 1 1  GLY 1  567 ?   ?   ?   A . n 
A 1 2  SER 2  568 ?   ?   ?   A . n 
A 1 3  HIS 3  569 ?   ?   ?   A . n 
A 1 4  MET 4  570 570 MET MET A . n 
A 1 5  GLU 5  571 571 GLU GLU A . n 
A 1 6  PRO 6  572 572 PRO PRO A . n 
A 1 7  VAL 7  573 573 VAL VAL A . n 
A 1 8  SER 8  574 574 SER SER A . n 
A 1 9  LYS 9  575 575 LYS LYS A . n 
A 1 10 LEU 10 576 576 LEU LEU A . n 
A 1 11 ARG 11 577 577 ARG ARG A . n 
A 1 12 ILE 12 578 578 ILE ILE A . n 
A 1 13 ARG 13 579 579 ARG ARG A . n 
A 1 14 THR 14 580 580 THR THR A . n 
A 1 15 PRO 15 581 581 PRO PRO A . n 
A 1 16 SER 16 582 582 SER SER A . n 
A 1 17 GLY 17 583 583 GLY GLY A . n 
A 1 18 GLU 18 584 584 GLU GLU A . n 
A 1 19 PHE 19 585 585 PHE PHE A . n 
A 1 20 LEU 20 586 586 LEU LEU A . n 
A 1 21 GLU 21 587 587 GLU GLU A . n 
A 1 22 ARG 22 588 588 ARG ARG A . n 
A 1 23 ARG 23 589 589 ARG ARG A . n 
A 1 24 PHE 24 590 590 PHE PHE A . n 
A 1 25 LEU 25 591 591 LEU LEU A . n 
A 1 26 ALA 26 592 592 ALA ALA A . n 
A 1 27 SER 27 593 593 SER SER A . n 
A 1 28 ASN 28 594 594 ASN ASN A . n 
A 1 29 LYS 29 595 595 LYS LYS A . n 
A 1 30 LEU 30 596 596 LEU LEU A . n 
A 1 31 GLN 31 597 597 GLN GLN A . n 
A 1 32 ILE 32 598 598 ILE ILE A . n 
A 1 33 VAL 33 599 599 VAL VAL A . n 
A 1 34 PHE 34 600 600 PHE PHE A . n 
A 1 35 ASP 35 601 601 ASP ASP A . n 
A 1 36 PHE 36 602 602 PHE PHE A . n 
A 1 37 VAL 37 603 603 VAL VAL A . n 
A 1 38 ALA 38 604 604 ALA ALA A . n 
A 1 39 SER 39 605 605 SER SER A . n 
A 1 40 LYS 40 606 606 LYS LYS A . n 
A 1 41 GLY 41 607 607 GLY GLY A . n 
A 1 42 PHE 42 608 608 PHE PHE A . n 
A 1 43 PRO 43 609 609 PRO PRO A . n 
A 1 44 TRP 44 610 610 TRP TRP A . n 
A 1 45 ASP 45 611 611 ASP ASP A . n 
A 1 46 GLU 46 612 612 GLU GLU A . n 
A 1 47 TYR 47 613 613 TYR TYR A . n 
A 1 48 LYS 48 614 614 LYS LYS A . n 
A 1 49 LEU 49 615 615 LEU LEU A . n 
A 1 50 LEU 50 616 616 LEU LEU A . n 
A 1 51 SER 51 617 617 SER SER A . n 
A 1 52 THR 52 618 618 THR THR A . n 
A 1 53 PHE 53 619 619 PHE PHE A . n 
A 1 54 PRO 54 620 620 PRO PRO A . n 
A 1 55 ARG 55 621 621 ARG ARG A . n 
A 1 56 ARG 56 622 622 ARG ARG A . n 
A 1 57 ASP 57 623 623 ASP ASP A . n 
A 1 58 VAL 58 624 624 VAL VAL A . n 
A 1 59 THR 59 625 625 THR THR A . n 
A 1 60 GLN 60 626 626 GLN GLN A . n 
A 1 61 LEU 61 627 627 LEU LEU A . n 
A 1 62 ASP 62 628 628 ASP ASP A . n 
A 1 63 PRO 63 629 629 PRO PRO A . n 
A 1 64 ASN 64 630 630 ASN ASN A . n 
A 1 65 LYS 65 631 631 LYS LYS A . n 
A 1 66 SER 66 632 632 SER SER A . n 
A 1 67 LEU 67 633 633 LEU LEU A . n 
A 1 68 LEU 68 634 634 LEU LEU A . n 
A 1 69 GLU 69 635 635 GLU GLU A . n 
A 1 70 VAL 70 636 636 VAL VAL A . n 
A 1 71 LYS 71 637 637 LYS LYS A . n 
A 1 72 LEU 72 638 638 LEU LEU A . n 
A 1 73 PHE 73 639 639 PHE PHE A . n 
A 1 74 PRO 74 640 640 PRO PRO A . n 
A 1 75 GLN 75 641 641 GLN GLN A . n 
A 1 76 GLU 76 642 642 GLU GLU A . n 
A 1 77 THR 77 643 643 THR THR A . n 
A 1 78 LEU 78 644 644 LEU LEU A . n 
A 1 79 PHE 79 645 645 PHE PHE A . n 
A 1 80 LEU 80 646 646 LEU LEU A . n 
A 1 81 GLU 81 647 647 GLU GLU A . n 
A 1 82 ALA 82 648 648 ALA ALA A . n 
A 1 83 LYS 83 649 649 LYS LYS A . n 
A 1 84 GLU 84 650 650 GLU GLU A . n 
B 1 1  GLY 1  567 ?   ?   ?   B . n 
B 1 2  SER 2  568 ?   ?   ?   B . n 
B 1 3  HIS 3  569 569 HIS HIS B . n 
B 1 4  MET 4  570 570 MET MET B . n 
B 1 5  GLU 5  571 571 GLU GLU B . n 
B 1 6  PRO 6  572 572 PRO PRO B . n 
B 1 7  VAL 7  573 573 VAL VAL B . n 
B 1 8  SER 8  574 574 SER SER B . n 
B 1 9  LYS 9  575 575 LYS LYS B . n 
B 1 10 LEU 10 576 576 LEU LEU B . n 
B 1 11 ARG 11 577 577 ARG ARG B . n 
B 1 12 ILE 12 578 578 ILE ILE B . n 
B 1 13 ARG 13 579 579 ARG ARG B . n 
B 1 14 THR 14 580 580 THR THR B . n 
B 1 15 PRO 15 581 581 PRO PRO B . n 
B 1 16 SER 16 582 582 SER SER B . n 
B 1 17 GLY 17 583 583 GLY GLY B . n 
B 1 18 GLU 18 584 584 GLU GLU B . n 
B 1 19 PHE 19 585 585 PHE PHE B . n 
B 1 20 LEU 20 586 586 LEU LEU B . n 
B 1 21 GLU 21 587 587 GLU GLU B . n 
B 1 22 ARG 22 588 588 ARG ARG B . n 
B 1 23 ARG 23 589 589 ARG ARG B . n 
B 1 24 PHE 24 590 590 PHE PHE B . n 
B 1 25 LEU 25 591 591 LEU LEU B . n 
B 1 26 ALA 26 592 592 ALA ALA B . n 
B 1 27 SER 27 593 593 SER SER B . n 
B 1 28 ASN 28 594 594 ASN ASN B . n 
B 1 29 LYS 29 595 595 LYS LYS B . n 
B 1 30 LEU 30 596 596 LEU LEU B . n 
B 1 31 GLN 31 597 597 GLN GLN B . n 
B 1 32 ILE 32 598 598 ILE ILE B . n 
B 1 33 VAL 33 599 599 VAL VAL B . n 
B 1 34 PHE 34 600 600 PHE PHE B . n 
B 1 35 ASP 35 601 601 ASP ASP B . n 
B 1 36 PHE 36 602 602 PHE PHE B . n 
B 1 37 VAL 37 603 603 VAL VAL B . n 
B 1 38 ALA 38 604 604 ALA ALA B . n 
B 1 39 SER 39 605 605 SER SER B . n 
B 1 40 LYS 40 606 606 LYS LYS B . n 
B 1 41 GLY 41 607 607 GLY GLY B . n 
B 1 42 PHE 42 608 608 PHE PHE B . n 
B 1 43 PRO 43 609 609 PRO PRO B . n 
B 1 44 TRP 44 610 610 TRP TRP B . n 
B 1 45 ASP 45 611 611 ASP ASP B . n 
B 1 46 GLU 46 612 612 GLU GLU B . n 
B 1 47 TYR 47 613 613 TYR TYR B . n 
B 1 48 LYS 48 614 614 LYS LYS B . n 
B 1 49 LEU 49 615 615 LEU LEU B . n 
B 1 50 LEU 50 616 616 LEU LEU B . n 
B 1 51 SER 51 617 617 SER SER B . n 
B 1 52 THR 52 618 618 THR THR B . n 
B 1 53 PHE 53 619 619 PHE PHE B . n 
B 1 54 PRO 54 620 620 PRO PRO B . n 
B 1 55 ARG 55 621 621 ARG ARG B . n 
B 1 56 ARG 56 622 622 ARG ARG B . n 
B 1 57 ASP 57 623 623 ASP ASP B . n 
B 1 58 VAL 58 624 624 VAL VAL B . n 
B 1 59 THR 59 625 625 THR THR B . n 
B 1 60 GLN 60 626 626 GLN GLN B . n 
B 1 61 LEU 61 627 627 LEU LEU B . n 
B 1 62 ASP 62 628 628 ASP ASP B . n 
B 1 63 PRO 63 629 629 PRO PRO B . n 
B 1 64 ASN 64 630 630 ASN ASN B . n 
B 1 65 LYS 65 631 631 LYS LYS B . n 
B 1 66 SER 66 632 632 SER SER B . n 
B 1 67 LEU 67 633 633 LEU LEU B . n 
B 1 68 LEU 68 634 634 LEU LEU B . n 
B 1 69 GLU 69 635 635 GLU GLU B . n 
B 1 70 VAL 70 636 636 VAL VAL B . n 
B 1 71 LYS 71 637 637 LYS LYS B . n 
B 1 72 LEU 72 638 638 LEU LEU B . n 
B 1 73 PHE 73 639 639 PHE PHE B . n 
B 1 74 PRO 74 640 640 PRO PRO B . n 
B 1 75 GLN 75 641 641 GLN GLN B . n 
B 1 76 GLU 76 642 642 GLU GLU B . n 
B 1 77 THR 77 643 643 THR THR B . n 
B 1 78 LEU 78 644 644 LEU LEU B . n 
B 1 79 PHE 79 645 645 PHE PHE B . n 
B 1 80 LEU 80 646 646 LEU LEU B . n 
B 1 81 GLU 81 647 647 GLU GLU B . n 
B 1 82 ALA 82 648 648 ALA ALA B . n 
B 1 83 LYS 83 649 649 LYS LYS B . n 
B 1 84 GLU 84 650 ?   ?   ?   B . n 
# 
loop_
_pdbx_nonpoly_scheme.asym_id 
_pdbx_nonpoly_scheme.entity_id 
_pdbx_nonpoly_scheme.mon_id 
_pdbx_nonpoly_scheme.ndb_seq_num 
_pdbx_nonpoly_scheme.pdb_seq_num 
_pdbx_nonpoly_scheme.auth_seq_num 
_pdbx_nonpoly_scheme.pdb_mon_id 
_pdbx_nonpoly_scheme.auth_mon_id 
_pdbx_nonpoly_scheme.pdb_strand_id 
_pdbx_nonpoly_scheme.pdb_ins_code 
C 2 SO4 1   400 400 SO4 SO4 A . 
D 2 SO4 1   401 401 SO4 SO4 B . 
E 3 HOH 1   2   2   HOH HOH A . 
E 3 HOH 2   3   3   HOH HOH A . 
E 3 HOH 3   5   5   HOH HOH A . 
E 3 HOH 4   7   7   HOH HOH A . 
E 3 HOH 5   9   9   HOH HOH A . 
E 3 HOH 6   10  10  HOH HOH A . 
E 3 HOH 7   11  11  HOH HOH A . 
E 3 HOH 8   12  12  HOH HOH A . 
E 3 HOH 9   15  15  HOH HOH A . 
E 3 HOH 10  16  16  HOH HOH A . 
E 3 HOH 11  17  17  HOH HOH A . 
E 3 HOH 12  19  19  HOH HOH A . 
E 3 HOH 13  20  20  HOH HOH A . 
E 3 HOH 14  21  21  HOH HOH A . 
E 3 HOH 15  22  22  HOH HOH A . 
E 3 HOH 16  23  23  HOH HOH A . 
E 3 HOH 17  25  25  HOH HOH A . 
E 3 HOH 18  27  27  HOH HOH A . 
E 3 HOH 19  28  28  HOH HOH A . 
E 3 HOH 20  31  31  HOH HOH A . 
E 3 HOH 21  34  34  HOH HOH A . 
E 3 HOH 22  35  35  HOH HOH A . 
E 3 HOH 23  36  36  HOH HOH A . 
E 3 HOH 24  41  41  HOH HOH A . 
E 3 HOH 25  42  42  HOH HOH A . 
E 3 HOH 26  43  43  HOH HOH A . 
E 3 HOH 27  45  45  HOH HOH A . 
E 3 HOH 28  46  46  HOH HOH A . 
E 3 HOH 29  47  47  HOH HOH A . 
E 3 HOH 30  48  48  HOH HOH A . 
E 3 HOH 31  49  49  HOH HOH A . 
E 3 HOH 32  52  52  HOH HOH A . 
E 3 HOH 33  53  53  HOH HOH A . 
E 3 HOH 34  54  54  HOH HOH A . 
E 3 HOH 35  55  55  HOH HOH A . 
E 3 HOH 36  56  56  HOH HOH A . 
E 3 HOH 37  57  57  HOH HOH A . 
E 3 HOH 38  58  58  HOH HOH A . 
E 3 HOH 39  61  61  HOH HOH A . 
E 3 HOH 40  64  64  HOH HOH A . 
E 3 HOH 41  70  70  HOH HOH A . 
E 3 HOH 42  74  74  HOH HOH A . 
E 3 HOH 43  75  75  HOH HOH A . 
E 3 HOH 44  77  77  HOH HOH A . 
E 3 HOH 45  79  79  HOH HOH A . 
E 3 HOH 46  82  82  HOH HOH A . 
E 3 HOH 47  84  84  HOH HOH A . 
E 3 HOH 48  87  87  HOH HOH A . 
E 3 HOH 49  88  88  HOH HOH A . 
E 3 HOH 50  89  89  HOH HOH A . 
E 3 HOH 51  91  91  HOH HOH A . 
E 3 HOH 52  95  95  HOH HOH A . 
E 3 HOH 53  98  98  HOH HOH A . 
E 3 HOH 54  99  99  HOH HOH A . 
E 3 HOH 55  101 101 HOH HOH A . 
E 3 HOH 56  102 102 HOH HOH A . 
E 3 HOH 57  103 103 HOH HOH A . 
E 3 HOH 58  104 104 HOH HOH A . 
E 3 HOH 59  107 107 HOH HOH A . 
E 3 HOH 60  108 108 HOH HOH A . 
E 3 HOH 61  109 109 HOH HOH A . 
E 3 HOH 62  112 112 HOH HOH A . 
E 3 HOH 63  113 113 HOH HOH A . 
E 3 HOH 64  114 114 HOH HOH A . 
E 3 HOH 65  115 115 HOH HOH A . 
E 3 HOH 66  116 116 HOH HOH A . 
E 3 HOH 67  117 117 HOH HOH A . 
E 3 HOH 68  118 118 HOH HOH A . 
E 3 HOH 69  119 119 HOH HOH A . 
E 3 HOH 70  120 120 HOH HOH A . 
E 3 HOH 71  121 121 HOH HOH A . 
E 3 HOH 72  122 122 HOH HOH A . 
E 3 HOH 73  123 123 HOH HOH A . 
E 3 HOH 74  124 124 HOH HOH A . 
E 3 HOH 75  125 125 HOH HOH A . 
E 3 HOH 76  128 128 HOH HOH A . 
E 3 HOH 77  132 132 HOH HOH A . 
E 3 HOH 78  133 133 HOH HOH A . 
E 3 HOH 79  134 134 HOH HOH A . 
E 3 HOH 80  135 135 HOH HOH A . 
E 3 HOH 81  137 137 HOH HOH A . 
E 3 HOH 82  138 138 HOH HOH A . 
E 3 HOH 83  157 157 HOH HOH A . 
E 3 HOH 84  158 158 HOH HOH A . 
E 3 HOH 85  159 159 HOH HOH A . 
E 3 HOH 86  166 166 HOH HOH A . 
E 3 HOH 87  168 168 HOH HOH A . 
E 3 HOH 88  169 169 HOH HOH A . 
E 3 HOH 89  170 170 HOH HOH A . 
E 3 HOH 90  171 171 HOH HOH A . 
E 3 HOH 91  172 172 HOH HOH A . 
E 3 HOH 92  173 173 HOH HOH A . 
E 3 HOH 93  174 174 HOH HOH A . 
E 3 HOH 94  175 175 HOH HOH A . 
E 3 HOH 95  176 176 HOH HOH A . 
E 3 HOH 96  177 177 HOH HOH A . 
E 3 HOH 97  178 178 HOH HOH A . 
E 3 HOH 98  179 179 HOH HOH A . 
E 3 HOH 99  180 180 HOH HOH A . 
E 3 HOH 100 181 181 HOH HOH A . 
E 3 HOH 101 182 182 HOH HOH A . 
E 3 HOH 102 185 185 HOH HOH A . 
E 3 HOH 103 186 186 HOH HOH A . 
E 3 HOH 104 187 187 HOH HOH A . 
E 3 HOH 105 188 188 HOH HOH A . 
E 3 HOH 106 190 190 HOH HOH A . 
E 3 HOH 107 195 195 HOH HOH A . 
E 3 HOH 108 197 197 HOH HOH A . 
E 3 HOH 109 198 198 HOH HOH A . 
E 3 HOH 110 199 199 HOH HOH A . 
E 3 HOH 111 200 200 HOH HOH A . 
E 3 HOH 112 201 201 HOH HOH A . 
E 3 HOH 113 208 208 HOH HOH A . 
E 3 HOH 114 209 209 HOH HOH A . 
E 3 HOH 115 210 210 HOH HOH A . 
E 3 HOH 116 222 222 HOH HOH A . 
E 3 HOH 117 223 223 HOH HOH A . 
E 3 HOH 118 225 225 HOH HOH A . 
E 3 HOH 119 226 226 HOH HOH A . 
E 3 HOH 120 227 227 HOH HOH A . 
F 3 HOH 1   1   1   HOH HOH B . 
F 3 HOH 2   4   4   HOH HOH B . 
F 3 HOH 3   6   6   HOH HOH B . 
F 3 HOH 4   8   8   HOH HOH B . 
F 3 HOH 5   13  13  HOH HOH B . 
F 3 HOH 6   14  14  HOH HOH B . 
F 3 HOH 7   18  18  HOH HOH B . 
F 3 HOH 8   24  24  HOH HOH B . 
F 3 HOH 9   26  26  HOH HOH B . 
F 3 HOH 10  29  29  HOH HOH B . 
F 3 HOH 11  30  30  HOH HOH B . 
F 3 HOH 12  32  32  HOH HOH B . 
F 3 HOH 13  33  33  HOH HOH B . 
F 3 HOH 14  37  37  HOH HOH B . 
F 3 HOH 15  38  38  HOH HOH B . 
F 3 HOH 16  39  39  HOH HOH B . 
F 3 HOH 17  40  40  HOH HOH B . 
F 3 HOH 18  44  44  HOH HOH B . 
F 3 HOH 19  50  50  HOH HOH B . 
F 3 HOH 20  51  51  HOH HOH B . 
F 3 HOH 21  59  59  HOH HOH B . 
F 3 HOH 22  60  60  HOH HOH B . 
F 3 HOH 23  62  62  HOH HOH B . 
F 3 HOH 24  63  63  HOH HOH B . 
F 3 HOH 25  65  65  HOH HOH B . 
F 3 HOH 26  66  66  HOH HOH B . 
F 3 HOH 27  67  67  HOH HOH B . 
F 3 HOH 28  68  68  HOH HOH B . 
F 3 HOH 29  69  69  HOH HOH B . 
F 3 HOH 30  71  71  HOH HOH B . 
F 3 HOH 31  72  72  HOH HOH B . 
F 3 HOH 32  73  73  HOH HOH B . 
F 3 HOH 33  76  76  HOH HOH B . 
F 3 HOH 34  78  78  HOH HOH B . 
F 3 HOH 35  80  80  HOH HOH B . 
F 3 HOH 36  81  81  HOH HOH B . 
F 3 HOH 37  83  83  HOH HOH B . 
F 3 HOH 38  85  85  HOH HOH B . 
F 3 HOH 39  86  86  HOH HOH B . 
F 3 HOH 40  90  90  HOH HOH B . 
F 3 HOH 41  92  92  HOH HOH B . 
F 3 HOH 42  93  93  HOH HOH B . 
F 3 HOH 43  94  94  HOH HOH B . 
F 3 HOH 44  96  96  HOH HOH B . 
F 3 HOH 45  97  97  HOH HOH B . 
F 3 HOH 46  100 100 HOH HOH B . 
F 3 HOH 47  105 105 HOH HOH B . 
F 3 HOH 48  106 106 HOH HOH B . 
F 3 HOH 49  110 110 HOH HOH B . 
F 3 HOH 50  111 111 HOH HOH B . 
F 3 HOH 51  126 126 HOH HOH B . 
F 3 HOH 52  127 127 HOH HOH B . 
F 3 HOH 53  129 129 HOH HOH B . 
F 3 HOH 54  130 130 HOH HOH B . 
F 3 HOH 55  131 131 HOH HOH B . 
F 3 HOH 56  136 136 HOH HOH B . 
F 3 HOH 57  139 139 HOH HOH B . 
F 3 HOH 58  140 140 HOH HOH B . 
F 3 HOH 59  141 141 HOH HOH B . 
F 3 HOH 60  142 142 HOH HOH B . 
F 3 HOH 61  143 143 HOH HOH B . 
F 3 HOH 62  144 144 HOH HOH B . 
F 3 HOH 63  145 145 HOH HOH B . 
F 3 HOH 64  146 146 HOH HOH B . 
F 3 HOH 65  147 147 HOH HOH B . 
F 3 HOH 66  148 148 HOH HOH B . 
F 3 HOH 67  149 149 HOH HOH B . 
F 3 HOH 68  150 150 HOH HOH B . 
F 3 HOH 69  151 151 HOH HOH B . 
F 3 HOH 70  152 152 HOH HOH B . 
F 3 HOH 71  153 153 HOH HOH B . 
F 3 HOH 72  154 154 HOH HOH B . 
F 3 HOH 73  155 155 HOH HOH B . 
F 3 HOH 74  156 156 HOH HOH B . 
F 3 HOH 75  160 160 HOH HOH B . 
F 3 HOH 76  161 161 HOH HOH B . 
F 3 HOH 77  162 162 HOH HOH B . 
F 3 HOH 78  163 163 HOH HOH B . 
F 3 HOH 79  164 164 HOH HOH B . 
F 3 HOH 80  165 165 HOH HOH B . 
F 3 HOH 81  167 167 HOH HOH B . 
F 3 HOH 82  183 183 HOH HOH B . 
F 3 HOH 83  184 184 HOH HOH B . 
F 3 HOH 84  189 189 HOH HOH B . 
F 3 HOH 85  191 191 HOH HOH B . 
F 3 HOH 86  192 192 HOH HOH B . 
F 3 HOH 87  193 193 HOH HOH B . 
F 3 HOH 88  194 194 HOH HOH B . 
F 3 HOH 89  196 196 HOH HOH B . 
F 3 HOH 90  202 202 HOH HOH B . 
F 3 HOH 91  203 203 HOH HOH B . 
F 3 HOH 92  204 204 HOH HOH B . 
F 3 HOH 93  205 205 HOH HOH B . 
F 3 HOH 94  206 206 HOH HOH B . 
F 3 HOH 95  207 207 HOH HOH B . 
F 3 HOH 96  211 211 HOH HOH B . 
F 3 HOH 97  212 212 HOH HOH B . 
F 3 HOH 98  213 213 HOH HOH B . 
F 3 HOH 99  214 214 HOH HOH B . 
F 3 HOH 100 215 215 HOH HOH B . 
F 3 HOH 101 216 216 HOH HOH B . 
F 3 HOH 102 217 217 HOH HOH B . 
F 3 HOH 103 218 218 HOH HOH B . 
F 3 HOH 104 219 219 HOH HOH B . 
F 3 HOH 105 220 220 HOH HOH B . 
F 3 HOH 106 221 221 HOH HOH B . 
F 3 HOH 107 224 224 HOH HOH B . 
F 3 HOH 108 228 228 HOH HOH B . 
# 
loop_
_pdbx_struct_assembly.id 
_pdbx_struct_assembly.details 
_pdbx_struct_assembly.method_details 
_pdbx_struct_assembly.oligomeric_details 
_pdbx_struct_assembly.oligomeric_count 
1 author_defined_assembly ? monomeric 1 
2 author_defined_assembly ? monomeric 1 
# 
loop_
_pdbx_struct_assembly_gen.assembly_id 
_pdbx_struct_assembly_gen.oper_expression 
_pdbx_struct_assembly_gen.asym_id_list 
1 1 A,C,E 
2 1 B,D,F 
# 
_pdbx_struct_oper_list.id                   1 
_pdbx_struct_oper_list.type                 'identity operation' 
_pdbx_struct_oper_list.name                 1_555 
_pdbx_struct_oper_list.symmetry_operation   x,y,z 
_pdbx_struct_oper_list.matrix[1][1]         1.0000000000 
_pdbx_struct_oper_list.matrix[1][2]         0.0000000000 
_pdbx_struct_oper_list.matrix[1][3]         0.0000000000 
_pdbx_struct_oper_list.vector[1]            0.0000000000 
_pdbx_struct_oper_list.matrix[2][1]         0.0000000000 
_pdbx_struct_oper_list.matrix[2][2]         1.0000000000 
_pdbx_struct_oper_list.matrix[2][3]         0.0000000000 
_pdbx_struct_oper_list.vector[2]            0.0000000000 
_pdbx_struct_oper_list.matrix[3][1]         0.0000000000 
_pdbx_struct_oper_list.matrix[3][2]         0.0000000000 
_pdbx_struct_oper_list.matrix[3][3]         1.0000000000 
_pdbx_struct_oper_list.vector[3]            0.0000000000 
# 
_pdbx_struct_special_symmetry.id              1 
_pdbx_struct_special_symmetry.PDB_model_num   1 
_pdbx_struct_special_symmetry.auth_asym_id    A 
_pdbx_struct_special_symmetry.auth_comp_id    HOH 
_pdbx_struct_special_symmetry.auth_seq_id     201 
_pdbx_struct_special_symmetry.PDB_ins_code    ? 
_pdbx_struct_special_symmetry.label_asym_id   E 
_pdbx_struct_special_symmetry.label_comp_id   HOH 
_pdbx_struct_special_symmetry.label_seq_id    . 
# 
loop_
_pdbx_audit_revision_history.ordinal 
_pdbx_audit_revision_history.data_content_type 
_pdbx_audit_revision_history.major_revision 
_pdbx_audit_revision_history.minor_revision 
_pdbx_audit_revision_history.revision_date 
1 'Structure model' 1 0 2012-05-09 
2 'Structure model' 1 1 2023-09-13 
# 
_pdbx_audit_revision_details.ordinal             1 
_pdbx_audit_revision_details.revision_ordinal    1 
_pdbx_audit_revision_details.data_content_type   'Structure model' 
_pdbx_audit_revision_details.provider            repository 
_pdbx_audit_revision_details.type                'Initial release' 
_pdbx_audit_revision_details.description         ? 
_pdbx_audit_revision_details.details             ? 
# 
loop_
_pdbx_audit_revision_group.ordinal 
_pdbx_audit_revision_group.revision_ordinal 
_pdbx_audit_revision_group.data_content_type 
_pdbx_audit_revision_group.group 
1 2 'Structure model' 'Data collection'        
2 2 'Structure model' 'Database references'    
3 2 'Structure model' 'Derived calculations'   
4 2 'Structure model' 'Refinement description' 
# 
loop_
_pdbx_audit_revision_category.ordinal 
_pdbx_audit_revision_category.revision_ordinal 
_pdbx_audit_revision_category.data_content_type 
_pdbx_audit_revision_category.category 
1 2 'Structure model' chem_comp_atom                
2 2 'Structure model' chem_comp_bond                
3 2 'Structure model' database_2                    
4 2 'Structure model' pdbx_initial_refinement_model 
5 2 'Structure model' struct_ref_seq_dif            
6 2 'Structure model' struct_site                   
# 
loop_
_pdbx_audit_revision_item.ordinal 
_pdbx_audit_revision_item.revision_ordinal 
_pdbx_audit_revision_item.data_content_type 
_pdbx_audit_revision_item.item 
1 2 'Structure model' '_database_2.pdbx_DOI'                
2 2 'Structure model' '_database_2.pdbx_database_accession' 
3 2 'Structure model' '_struct_ref_seq_dif.details'         
4 2 'Structure model' '_struct_site.pdbx_auth_asym_id'      
5 2 'Structure model' '_struct_site.pdbx_auth_comp_id'      
6 2 'Structure model' '_struct_site.pdbx_auth_seq_id'       
# 
loop_
_software.name 
_software.classification 
_software.version 
_software.citation_id 
_software.pdbx_ordinal 
ADSC     'data collection' Quantum ? 1 
MOLREP   phasing           .       ? 2 
CNS      refinement        1.1     ? 3 
HKL-2000 'data reduction'  .       ? 4 
HKL-2000 'data scaling'    .       ? 5 
# 
loop_
_pdbx_validate_close_contact.id 
_pdbx_validate_close_contact.PDB_model_num 
_pdbx_validate_close_contact.auth_atom_id_1 
_pdbx_validate_close_contact.auth_asym_id_1 
_pdbx_validate_close_contact.auth_comp_id_1 
_pdbx_validate_close_contact.auth_seq_id_1 
_pdbx_validate_close_contact.PDB_ins_code_1 
_pdbx_validate_close_contact.label_alt_id_1 
_pdbx_validate_close_contact.auth_atom_id_2 
_pdbx_validate_close_contact.auth_asym_id_2 
_pdbx_validate_close_contact.auth_comp_id_2 
_pdbx_validate_close_contact.auth_seq_id_2 
_pdbx_validate_close_contact.PDB_ins_code_2 
_pdbx_validate_close_contact.label_alt_id_2 
_pdbx_validate_close_contact.dist 
1 1 OE2 B GLU 571 ? ? O B HOH 202 ? ? 2.01 
2 1 O   B HOH 154 ? ? O B HOH 155 ? ? 2.19 
# 
_pdbx_validate_symm_contact.id                1 
_pdbx_validate_symm_contact.PDB_model_num     1 
_pdbx_validate_symm_contact.auth_atom_id_1    O 
_pdbx_validate_symm_contact.auth_asym_id_1    B 
_pdbx_validate_symm_contact.auth_comp_id_1    HOH 
_pdbx_validate_symm_contact.auth_seq_id_1     162 
_pdbx_validate_symm_contact.PDB_ins_code_1    ? 
_pdbx_validate_symm_contact.label_alt_id_1    ? 
_pdbx_validate_symm_contact.site_symmetry_1   1_555 
_pdbx_validate_symm_contact.auth_atom_id_2    O 
_pdbx_validate_symm_contact.auth_asym_id_2    B 
_pdbx_validate_symm_contact.auth_comp_id_2    HOH 
_pdbx_validate_symm_contact.auth_seq_id_2     162 
_pdbx_validate_symm_contact.PDB_ins_code_2    ? 
_pdbx_validate_symm_contact.label_alt_id_2    ? 
_pdbx_validate_symm_contact.site_symmetry_2   2_455 
_pdbx_validate_symm_contact.dist              2.13 
# 
loop_
_pdbx_validate_rmsd_bond.id 
_pdbx_validate_rmsd_bond.PDB_model_num 
_pdbx_validate_rmsd_bond.auth_atom_id_1 
_pdbx_validate_rmsd_bond.auth_asym_id_1 
_pdbx_validate_rmsd_bond.auth_comp_id_1 
_pdbx_validate_rmsd_bond.auth_seq_id_1 
_pdbx_validate_rmsd_bond.PDB_ins_code_1 
_pdbx_validate_rmsd_bond.label_alt_id_1 
_pdbx_validate_rmsd_bond.auth_atom_id_2 
_pdbx_validate_rmsd_bond.auth_asym_id_2 
_pdbx_validate_rmsd_bond.auth_comp_id_2 
_pdbx_validate_rmsd_bond.auth_seq_id_2 
_pdbx_validate_rmsd_bond.PDB_ins_code_2 
_pdbx_validate_rmsd_bond.label_alt_id_2 
_pdbx_validate_rmsd_bond.bond_value 
_pdbx_validate_rmsd_bond.bond_target_value 
_pdbx_validate_rmsd_bond.bond_deviation 
_pdbx_validate_rmsd_bond.bond_standard_deviation 
_pdbx_validate_rmsd_bond.linker_flag 
1 1 CB A VAL 624 ? ? CG2 A VAL 624 ? ? 1.347 1.524 -0.177 0.021 N 
2 1 CD B GLU 571 ? ? OE2 B GLU 571 ? ? 1.184 1.252 -0.068 0.011 N 
3 1 CB B VAL 573 ? ? CG2 B VAL 573 ? ? 1.394 1.524 -0.130 0.021 N 
# 
_pdbx_validate_rmsd_angle.id                         1 
_pdbx_validate_rmsd_angle.PDB_model_num              1 
_pdbx_validate_rmsd_angle.auth_atom_id_1             CB 
_pdbx_validate_rmsd_angle.auth_asym_id_1             B 
_pdbx_validate_rmsd_angle.auth_comp_id_1             ASP 
_pdbx_validate_rmsd_angle.auth_seq_id_1              628 
_pdbx_validate_rmsd_angle.PDB_ins_code_1             ? 
_pdbx_validate_rmsd_angle.label_alt_id_1             ? 
_pdbx_validate_rmsd_angle.auth_atom_id_2             CG 
_pdbx_validate_rmsd_angle.auth_asym_id_2             B 
_pdbx_validate_rmsd_angle.auth_comp_id_2             ASP 
_pdbx_validate_rmsd_angle.auth_seq_id_2              628 
_pdbx_validate_rmsd_angle.PDB_ins_code_2             ? 
_pdbx_validate_rmsd_angle.label_alt_id_2             ? 
_pdbx_validate_rmsd_angle.auth_atom_id_3             OD2 
_pdbx_validate_rmsd_angle.auth_asym_id_3             B 
_pdbx_validate_rmsd_angle.auth_comp_id_3             ASP 
_pdbx_validate_rmsd_angle.auth_seq_id_3              628 
_pdbx_validate_rmsd_angle.PDB_ins_code_3             ? 
_pdbx_validate_rmsd_angle.label_alt_id_3             ? 
_pdbx_validate_rmsd_angle.angle_value                126.02 
_pdbx_validate_rmsd_angle.angle_target_value         118.30 
_pdbx_validate_rmsd_angle.angle_deviation            7.72 
_pdbx_validate_rmsd_angle.angle_standard_deviation   0.90 
_pdbx_validate_rmsd_angle.linker_flag                N 
# 
loop_
_pdbx_validate_torsion.id 
_pdbx_validate_torsion.PDB_model_num 
_pdbx_validate_torsion.auth_comp_id 
_pdbx_validate_torsion.auth_asym_id 
_pdbx_validate_torsion.auth_seq_id 
_pdbx_validate_torsion.PDB_ins_code 
_pdbx_validate_torsion.label_alt_id 
_pdbx_validate_torsion.phi 
_pdbx_validate_torsion.psi 
1 1 LEU A 638 ? ? -111.85 73.64  
2 1 PHE A 639 ? ? -173.25 128.40 
3 1 LEU B 638 ? ? -107.77 73.73  
4 1 PHE B 639 ? ? -171.42 137.27 
# 
loop_
_pdbx_unobs_or_zero_occ_residues.id 
_pdbx_unobs_or_zero_occ_residues.PDB_model_num 
_pdbx_unobs_or_zero_occ_residues.polymer_flag 
_pdbx_unobs_or_zero_occ_residues.occupancy_flag 
_pdbx_unobs_or_zero_occ_residues.auth_asym_id 
_pdbx_unobs_or_zero_occ_residues.auth_comp_id 
_pdbx_unobs_or_zero_occ_residues.auth_seq_id 
_pdbx_unobs_or_zero_occ_residues.PDB_ins_code 
_pdbx_unobs_or_zero_occ_residues.label_asym_id 
_pdbx_unobs_or_zero_occ_residues.label_comp_id 
_pdbx_unobs_or_zero_occ_residues.label_seq_id 
1 1 Y 1 A GLY 567 ? A GLY 1  
2 1 Y 1 A SER 568 ? A SER 2  
3 1 Y 1 A HIS 569 ? A HIS 3  
4 1 Y 1 B GLY 567 ? B GLY 1  
5 1 Y 1 B SER 568 ? B SER 2  
6 1 Y 1 B GLU 650 ? B GLU 84 
# 
loop_
_chem_comp_atom.comp_id 
_chem_comp_atom.atom_id 
_chem_comp_atom.type_symbol 
_chem_comp_atom.pdbx_aromatic_flag 
_chem_comp_atom.pdbx_stereo_config 
_chem_comp_atom.pdbx_ordinal 
ALA N    N N N 1   
ALA CA   C N S 2   
ALA C    C N N 3   
ALA O    O N N 4   
ALA CB   C N N 5   
ALA OXT  O N N 6   
ALA H    H N N 7   
ALA H2   H N N 8   
ALA HA   H N N 9   
ALA HB1  H N N 10  
ALA HB2  H N N 11  
ALA HB3  H N N 12  
ALA HXT  H N N 13  
ARG N    N N N 14  
ARG CA   C N S 15  
ARG C    C N N 16  
ARG O    O N N 17  
ARG CB   C N N 18  
ARG CG   C N N 19  
ARG CD   C N N 20  
ARG NE   N N N 21  
ARG CZ   C N N 22  
ARG NH1  N N N 23  
ARG NH2  N N N 24  
ARG OXT  O N N 25  
ARG H    H N N 26  
ARG H2   H N N 27  
ARG HA   H N N 28  
ARG HB2  H N N 29  
ARG HB3  H N N 30  
ARG HG2  H N N 31  
ARG HG3  H N N 32  
ARG HD2  H N N 33  
ARG HD3  H N N 34  
ARG HE   H N N 35  
ARG HH11 H N N 36  
ARG HH12 H N N 37  
ARG HH21 H N N 38  
ARG HH22 H N N 39  
ARG HXT  H N N 40  
ASN N    N N N 41  
ASN CA   C N S 42  
ASN C    C N N 43  
ASN O    O N N 44  
ASN CB   C N N 45  
ASN CG   C N N 46  
ASN OD1  O N N 47  
ASN ND2  N N N 48  
ASN OXT  O N N 49  
ASN H    H N N 50  
ASN H2   H N N 51  
ASN HA   H N N 52  
ASN HB2  H N N 53  
ASN HB3  H N N 54  
ASN HD21 H N N 55  
ASN HD22 H N N 56  
ASN HXT  H N N 57  
ASP N    N N N 58  
ASP CA   C N S 59  
ASP C    C N N 60  
ASP O    O N N 61  
ASP CB   C N N 62  
ASP CG   C N N 63  
ASP OD1  O N N 64  
ASP OD2  O N N 65  
ASP OXT  O N N 66  
ASP H    H N N 67  
ASP H2   H N N 68  
ASP HA   H N N 69  
ASP HB2  H N N 70  
ASP HB3  H N N 71  
ASP HD2  H N N 72  
ASP HXT  H N N 73  
GLN N    N N N 74  
GLN CA   C N S 75  
GLN C    C N N 76  
GLN O    O N N 77  
GLN CB   C N N 78  
GLN CG   C N N 79  
GLN CD   C N N 80  
GLN OE1  O N N 81  
GLN NE2  N N N 82  
GLN OXT  O N N 83  
GLN H    H N N 84  
GLN H2   H N N 85  
GLN HA   H N N 86  
GLN HB2  H N N 87  
GLN HB3  H N N 88  
GLN HG2  H N N 89  
GLN HG3  H N N 90  
GLN HE21 H N N 91  
GLN HE22 H N N 92  
GLN HXT  H N N 93  
GLU N    N N N 94  
GLU CA   C N S 95  
GLU C    C N N 96  
GLU O    O N N 97  
GLU CB   C N N 98  
GLU CG   C N N 99  
GLU CD   C N N 100 
GLU OE1  O N N 101 
GLU OE2  O N N 102 
GLU OXT  O N N 103 
GLU H    H N N 104 
GLU H2   H N N 105 
GLU HA   H N N 106 
GLU HB2  H N N 107 
GLU HB3  H N N 108 
GLU HG2  H N N 109 
GLU HG3  H N N 110 
GLU HE2  H N N 111 
GLU HXT  H N N 112 
GLY N    N N N 113 
GLY CA   C N N 114 
GLY C    C N N 115 
GLY O    O N N 116 
GLY OXT  O N N 117 
GLY H    H N N 118 
GLY H2   H N N 119 
GLY HA2  H N N 120 
GLY HA3  H N N 121 
GLY HXT  H N N 122 
HIS N    N N N 123 
HIS CA   C N S 124 
HIS C    C N N 125 
HIS O    O N N 126 
HIS CB   C N N 127 
HIS CG   C Y N 128 
HIS ND1  N Y N 129 
HIS CD2  C Y N 130 
HIS CE1  C Y N 131 
HIS NE2  N Y N 132 
HIS OXT  O N N 133 
HIS H    H N N 134 
HIS H2   H N N 135 
HIS HA   H N N 136 
HIS HB2  H N N 137 
HIS HB3  H N N 138 
HIS HD1  H N N 139 
HIS HD2  H N N 140 
HIS HE1  H N N 141 
HIS HE2  H N N 142 
HIS HXT  H N N 143 
HOH O    O N N 144 
HOH H1   H N N 145 
HOH H2   H N N 146 
ILE N    N N N 147 
ILE CA   C N S 148 
ILE C    C N N 149 
ILE O    O N N 150 
ILE CB   C N S 151 
ILE CG1  C N N 152 
ILE CG2  C N N 153 
ILE CD1  C N N 154 
ILE OXT  O N N 155 
ILE H    H N N 156 
ILE H2   H N N 157 
ILE HA   H N N 158 
ILE HB   H N N 159 
ILE HG12 H N N 160 
ILE HG13 H N N 161 
ILE HG21 H N N 162 
ILE HG22 H N N 163 
ILE HG23 H N N 164 
ILE HD11 H N N 165 
ILE HD12 H N N 166 
ILE HD13 H N N 167 
ILE HXT  H N N 168 
LEU N    N N N 169 
LEU CA   C N S 170 
LEU C    C N N 171 
LEU O    O N N 172 
LEU CB   C N N 173 
LEU CG   C N N 174 
LEU CD1  C N N 175 
LEU CD2  C N N 176 
LEU OXT  O N N 177 
LEU H    H N N 178 
LEU H2   H N N 179 
LEU HA   H N N 180 
LEU HB2  H N N 181 
LEU HB3  H N N 182 
LEU HG   H N N 183 
LEU HD11 H N N 184 
LEU HD12 H N N 185 
LEU HD13 H N N 186 
LEU HD21 H N N 187 
LEU HD22 H N N 188 
LEU HD23 H N N 189 
LEU HXT  H N N 190 
LYS N    N N N 191 
LYS CA   C N S 192 
LYS C    C N N 193 
LYS O    O N N 194 
LYS CB   C N N 195 
LYS CG   C N N 196 
LYS CD   C N N 197 
LYS CE   C N N 198 
LYS NZ   N N N 199 
LYS OXT  O N N 200 
LYS H    H N N 201 
LYS H2   H N N 202 
LYS HA   H N N 203 
LYS HB2  H N N 204 
LYS HB3  H N N 205 
LYS HG2  H N N 206 
LYS HG3  H N N 207 
LYS HD2  H N N 208 
LYS HD3  H N N 209 
LYS HE2  H N N 210 
LYS HE3  H N N 211 
LYS HZ1  H N N 212 
LYS HZ2  H N N 213 
LYS HZ3  H N N 214 
LYS HXT  H N N 215 
MET N    N N N 216 
MET CA   C N S 217 
MET C    C N N 218 
MET O    O N N 219 
MET CB   C N N 220 
MET CG   C N N 221 
MET SD   S N N 222 
MET CE   C N N 223 
MET OXT  O N N 224 
MET H    H N N 225 
MET H2   H N N 226 
MET HA   H N N 227 
MET HB2  H N N 228 
MET HB3  H N N 229 
MET HG2  H N N 230 
MET HG3  H N N 231 
MET HE1  H N N 232 
MET HE2  H N N 233 
MET HE3  H N N 234 
MET HXT  H N N 235 
PHE N    N N N 236 
PHE CA   C N S 237 
PHE C    C N N 238 
PHE O    O N N 239 
PHE CB   C N N 240 
PHE CG   C Y N 241 
PHE CD1  C Y N 242 
PHE CD2  C Y N 243 
PHE CE1  C Y N 244 
PHE CE2  C Y N 245 
PHE CZ   C Y N 246 
PHE OXT  O N N 247 
PHE H    H N N 248 
PHE H2   H N N 249 
PHE HA   H N N 250 
PHE HB2  H N N 251 
PHE HB3  H N N 252 
PHE HD1  H N N 253 
PHE HD2  H N N 254 
PHE HE1  H N N 255 
PHE HE2  H N N 256 
PHE HZ   H N N 257 
PHE HXT  H N N 258 
PRO N    N N N 259 
PRO CA   C N S 260 
PRO C    C N N 261 
PRO O    O N N 262 
PRO CB   C N N 263 
PRO CG   C N N 264 
PRO CD   C N N 265 
PRO OXT  O N N 266 
PRO H    H N N 267 
PRO HA   H N N 268 
PRO HB2  H N N 269 
PRO HB3  H N N 270 
PRO HG2  H N N 271 
PRO HG3  H N N 272 
PRO HD2  H N N 273 
PRO HD3  H N N 274 
PRO HXT  H N N 275 
SER N    N N N 276 
SER CA   C N S 277 
SER C    C N N 278 
SER O    O N N 279 
SER CB   C N N 280 
SER OG   O N N 281 
SER OXT  O N N 282 
SER H    H N N 283 
SER H2   H N N 284 
SER HA   H N N 285 
SER HB2  H N N 286 
SER HB3  H N N 287 
SER HG   H N N 288 
SER HXT  H N N 289 
SO4 S    S N N 290 
SO4 O1   O N N 291 
SO4 O2   O N N 292 
SO4 O3   O N N 293 
SO4 O4   O N N 294 
THR N    N N N 295 
THR CA   C N S 296 
THR C    C N N 297 
THR O    O N N 298 
THR CB   C N R 299 
THR OG1  O N N 300 
THR CG2  C N N 301 
THR OXT  O N N 302 
THR H    H N N 303 
THR H2   H N N 304 
THR HA   H N N 305 
THR HB   H N N 306 
THR HG1  H N N 307 
THR HG21 H N N 308 
THR HG22 H N N 309 
THR HG23 H N N 310 
THR HXT  H N N 311 
TRP N    N N N 312 
TRP CA   C N S 313 
TRP C    C N N 314 
TRP O    O N N 315 
TRP CB   C N N 316 
TRP CG   C Y N 317 
TRP CD1  C Y N 318 
TRP CD2  C Y N 319 
TRP NE1  N Y N 320 
TRP CE2  C Y N 321 
TRP CE3  C Y N 322 
TRP CZ2  C Y N 323 
TRP CZ3  C Y N 324 
TRP CH2  C Y N 325 
TRP OXT  O N N 326 
TRP H    H N N 327 
TRP H2   H N N 328 
TRP HA   H N N 329 
TRP HB2  H N N 330 
TRP HB3  H N N 331 
TRP HD1  H N N 332 
TRP HE1  H N N 333 
TRP HE3  H N N 334 
TRP HZ2  H N N 335 
TRP HZ3  H N N 336 
TRP HH2  H N N 337 
TRP HXT  H N N 338 
TYR N    N N N 339 
TYR CA   C N S 340 
TYR C    C N N 341 
TYR O    O N N 342 
TYR CB   C N N 343 
TYR CG   C Y N 344 
TYR CD1  C Y N 345 
TYR CD2  C Y N 346 
TYR CE1  C Y N 347 
TYR CE2  C Y N 348 
TYR CZ   C Y N 349 
TYR OH   O N N 350 
TYR OXT  O N N 351 
TYR H    H N N 352 
TYR H2   H N N 353 
TYR HA   H N N 354 
TYR HB2  H N N 355 
TYR HB3  H N N 356 
TYR HD1  H N N 357 
TYR HD2  H N N 358 
TYR HE1  H N N 359 
TYR HE2  H N N 360 
TYR HH   H N N 361 
TYR HXT  H N N 362 
VAL N    N N N 363 
VAL CA   C N S 364 
VAL C    C N N 365 
VAL O    O N N 366 
VAL CB   C N N 367 
VAL CG1  C N N 368 
VAL CG2  C N N 369 
VAL OXT  O N N 370 
VAL H    H N N 371 
VAL H2   H N N 372 
VAL HA   H N N 373 
VAL HB   H N N 374 
VAL HG11 H N N 375 
VAL HG12 H N N 376 
VAL HG13 H N N 377 
VAL HG21 H N N 378 
VAL HG22 H N N 379 
VAL HG23 H N N 380 
VAL HXT  H N N 381 
# 
loop_
_chem_comp_bond.comp_id 
_chem_comp_bond.atom_id_1 
_chem_comp_bond.atom_id_2 
_chem_comp_bond.value_order 
_chem_comp_bond.pdbx_aromatic_flag 
_chem_comp_bond.pdbx_stereo_config 
_chem_comp_bond.pdbx_ordinal 
ALA N   CA   sing N N 1   
ALA N   H    sing N N 2   
ALA N   H2   sing N N 3   
ALA CA  C    sing N N 4   
ALA CA  CB   sing N N 5   
ALA CA  HA   sing N N 6   
ALA C   O    doub N N 7   
ALA C   OXT  sing N N 8   
ALA CB  HB1  sing N N 9   
ALA CB  HB2  sing N N 10  
ALA CB  HB3  sing N N 11  
ALA OXT HXT  sing N N 12  
ARG N   CA   sing N N 13  
ARG N   H    sing N N 14  
ARG N   H2   sing N N 15  
ARG CA  C    sing N N 16  
ARG CA  CB   sing N N 17  
ARG CA  HA   sing N N 18  
ARG C   O    doub N N 19  
ARG C   OXT  sing N N 20  
ARG CB  CG   sing N N 21  
ARG CB  HB2  sing N N 22  
ARG CB  HB3  sing N N 23  
ARG CG  CD   sing N N 24  
ARG CG  HG2  sing N N 25  
ARG CG  HG3  sing N N 26  
ARG CD  NE   sing N N 27  
ARG CD  HD2  sing N N 28  
ARG CD  HD3  sing N N 29  
ARG NE  CZ   sing N N 30  
ARG NE  HE   sing N N 31  
ARG CZ  NH1  sing N N 32  
ARG CZ  NH2  doub N N 33  
ARG NH1 HH11 sing N N 34  
ARG NH1 HH12 sing N N 35  
ARG NH2 HH21 sing N N 36  
ARG NH2 HH22 sing N N 37  
ARG OXT HXT  sing N N 38  
ASN N   CA   sing N N 39  
ASN N   H    sing N N 40  
ASN N   H2   sing N N 41  
ASN CA  C    sing N N 42  
ASN CA  CB   sing N N 43  
ASN CA  HA   sing N N 44  
ASN C   O    doub N N 45  
ASN C   OXT  sing N N 46  
ASN CB  CG   sing N N 47  
ASN CB  HB2  sing N N 48  
ASN CB  HB3  sing N N 49  
ASN CG  OD1  doub N N 50  
ASN CG  ND2  sing N N 51  
ASN ND2 HD21 sing N N 52  
ASN ND2 HD22 sing N N 53  
ASN OXT HXT  sing N N 54  
ASP N   CA   sing N N 55  
ASP N   H    sing N N 56  
ASP N   H2   sing N N 57  
ASP CA  C    sing N N 58  
ASP CA  CB   sing N N 59  
ASP CA  HA   sing N N 60  
ASP C   O    doub N N 61  
ASP C   OXT  sing N N 62  
ASP CB  CG   sing N N 63  
ASP CB  HB2  sing N N 64  
ASP CB  HB3  sing N N 65  
ASP CG  OD1  doub N N 66  
ASP CG  OD2  sing N N 67  
ASP OD2 HD2  sing N N 68  
ASP OXT HXT  sing N N 69  
GLN N   CA   sing N N 70  
GLN N   H    sing N N 71  
GLN N   H2   sing N N 72  
GLN CA  C    sing N N 73  
GLN CA  CB   sing N N 74  
GLN CA  HA   sing N N 75  
GLN C   O    doub N N 76  
GLN C   OXT  sing N N 77  
GLN CB  CG   sing N N 78  
GLN CB  HB2  sing N N 79  
GLN CB  HB3  sing N N 80  
GLN CG  CD   sing N N 81  
GLN CG  HG2  sing N N 82  
GLN CG  HG3  sing N N 83  
GLN CD  OE1  doub N N 84  
GLN CD  NE2  sing N N 85  
GLN NE2 HE21 sing N N 86  
GLN NE2 HE22 sing N N 87  
GLN OXT HXT  sing N N 88  
GLU N   CA   sing N N 89  
GLU N   H    sing N N 90  
GLU N   H2   sing N N 91  
GLU CA  C    sing N N 92  
GLU CA  CB   sing N N 93  
GLU CA  HA   sing N N 94  
GLU C   O    doub N N 95  
GLU C   OXT  sing N N 96  
GLU CB  CG   sing N N 97  
GLU CB  HB2  sing N N 98  
GLU CB  HB3  sing N N 99  
GLU CG  CD   sing N N 100 
GLU CG  HG2  sing N N 101 
GLU CG  HG3  sing N N 102 
GLU CD  OE1  doub N N 103 
GLU CD  OE2  sing N N 104 
GLU OE2 HE2  sing N N 105 
GLU OXT HXT  sing N N 106 
GLY N   CA   sing N N 107 
GLY N   H    sing N N 108 
GLY N   H2   sing N N 109 
GLY CA  C    sing N N 110 
GLY CA  HA2  sing N N 111 
GLY CA  HA3  sing N N 112 
GLY C   O    doub N N 113 
GLY C   OXT  sing N N 114 
GLY OXT HXT  sing N N 115 
HIS N   CA   sing N N 116 
HIS N   H    sing N N 117 
HIS N   H2   sing N N 118 
HIS CA  C    sing N N 119 
HIS CA  CB   sing N N 120 
HIS CA  HA   sing N N 121 
HIS C   O    doub N N 122 
HIS C   OXT  sing N N 123 
HIS CB  CG   sing N N 124 
HIS CB  HB2  sing N N 125 
HIS CB  HB3  sing N N 126 
HIS CG  ND1  sing Y N 127 
HIS CG  CD2  doub Y N 128 
HIS ND1 CE1  doub Y N 129 
HIS ND1 HD1  sing N N 130 
HIS CD2 NE2  sing Y N 131 
HIS CD2 HD2  sing N N 132 
HIS CE1 NE2  sing Y N 133 
HIS CE1 HE1  sing N N 134 
HIS NE2 HE2  sing N N 135 
HIS OXT HXT  sing N N 136 
HOH O   H1   sing N N 137 
HOH O   H2   sing N N 138 
ILE N   CA   sing N N 139 
ILE N   H    sing N N 140 
ILE N   H2   sing N N 141 
ILE CA  C    sing N N 142 
ILE CA  CB   sing N N 143 
ILE CA  HA   sing N N 144 
ILE C   O    doub N N 145 
ILE C   OXT  sing N N 146 
ILE CB  CG1  sing N N 147 
ILE CB  CG2  sing N N 148 
ILE CB  HB   sing N N 149 
ILE CG1 CD1  sing N N 150 
ILE CG1 HG12 sing N N 151 
ILE CG1 HG13 sing N N 152 
ILE CG2 HG21 sing N N 153 
ILE CG2 HG22 sing N N 154 
ILE CG2 HG23 sing N N 155 
ILE CD1 HD11 sing N N 156 
ILE CD1 HD12 sing N N 157 
ILE CD1 HD13 sing N N 158 
ILE OXT HXT  sing N N 159 
LEU N   CA   sing N N 160 
LEU N   H    sing N N 161 
LEU N   H2   sing N N 162 
LEU CA  C    sing N N 163 
LEU CA  CB   sing N N 164 
LEU CA  HA   sing N N 165 
LEU C   O    doub N N 166 
LEU C   OXT  sing N N 167 
LEU CB  CG   sing N N 168 
LEU CB  HB2  sing N N 169 
LEU CB  HB3  sing N N 170 
LEU CG  CD1  sing N N 171 
LEU CG  CD2  sing N N 172 
LEU CG  HG   sing N N 173 
LEU CD1 HD11 sing N N 174 
LEU CD1 HD12 sing N N 175 
LEU CD1 HD13 sing N N 176 
LEU CD2 HD21 sing N N 177 
LEU CD2 HD22 sing N N 178 
LEU CD2 HD23 sing N N 179 
LEU OXT HXT  sing N N 180 
LYS N   CA   sing N N 181 
LYS N   H    sing N N 182 
LYS N   H2   sing N N 183 
LYS CA  C    sing N N 184 
LYS CA  CB   sing N N 185 
LYS CA  HA   sing N N 186 
LYS C   O    doub N N 187 
LYS C   OXT  sing N N 188 
LYS CB  CG   sing N N 189 
LYS CB  HB2  sing N N 190 
LYS CB  HB3  sing N N 191 
LYS CG  CD   sing N N 192 
LYS CG  HG2  sing N N 193 
LYS CG  HG3  sing N N 194 
LYS CD  CE   sing N N 195 
LYS CD  HD2  sing N N 196 
LYS CD  HD3  sing N N 197 
LYS CE  NZ   sing N N 198 
LYS CE  HE2  sing N N 199 
LYS CE  HE3  sing N N 200 
LYS NZ  HZ1  sing N N 201 
LYS NZ  HZ2  sing N N 202 
LYS NZ  HZ3  sing N N 203 
LYS OXT HXT  sing N N 204 
MET N   CA   sing N N 205 
MET N   H    sing N N 206 
MET N   H2   sing N N 207 
MET CA  C    sing N N 208 
MET CA  CB   sing N N 209 
MET CA  HA   sing N N 210 
MET C   O    doub N N 211 
MET C   OXT  sing N N 212 
MET CB  CG   sing N N 213 
MET CB  HB2  sing N N 214 
MET CB  HB3  sing N N 215 
MET CG  SD   sing N N 216 
MET CG  HG2  sing N N 217 
MET CG  HG3  sing N N 218 
MET SD  CE   sing N N 219 
MET CE  HE1  sing N N 220 
MET CE  HE2  sing N N 221 
MET CE  HE3  sing N N 222 
MET OXT HXT  sing N N 223 
PHE N   CA   sing N N 224 
PHE N   H    sing N N 225 
PHE N   H2   sing N N 226 
PHE CA  C    sing N N 227 
PHE CA  CB   sing N N 228 
PHE CA  HA   sing N N 229 
PHE C   O    doub N N 230 
PHE C   OXT  sing N N 231 
PHE CB  CG   sing N N 232 
PHE CB  HB2  sing N N 233 
PHE CB  HB3  sing N N 234 
PHE CG  CD1  doub Y N 235 
PHE CG  CD2  sing Y N 236 
PHE CD1 CE1  sing Y N 237 
PHE CD1 HD1  sing N N 238 
PHE CD2 CE2  doub Y N 239 
PHE CD2 HD2  sing N N 240 
PHE CE1 CZ   doub Y N 241 
PHE CE1 HE1  sing N N 242 
PHE CE2 CZ   sing Y N 243 
PHE CE2 HE2  sing N N 244 
PHE CZ  HZ   sing N N 245 
PHE OXT HXT  sing N N 246 
PRO N   CA   sing N N 247 
PRO N   CD   sing N N 248 
PRO N   H    sing N N 249 
PRO CA  C    sing N N 250 
PRO CA  CB   sing N N 251 
PRO CA  HA   sing N N 252 
PRO C   O    doub N N 253 
PRO C   OXT  sing N N 254 
PRO CB  CG   sing N N 255 
PRO CB  HB2  sing N N 256 
PRO CB  HB3  sing N N 257 
PRO CG  CD   sing N N 258 
PRO CG  HG2  sing N N 259 
PRO CG  HG3  sing N N 260 
PRO CD  HD2  sing N N 261 
PRO CD  HD3  sing N N 262 
PRO OXT HXT  sing N N 263 
SER N   CA   sing N N 264 
SER N   H    sing N N 265 
SER N   H2   sing N N 266 
SER CA  C    sing N N 267 
SER CA  CB   sing N N 268 
SER CA  HA   sing N N 269 
SER C   O    doub N N 270 
SER C   OXT  sing N N 271 
SER CB  OG   sing N N 272 
SER CB  HB2  sing N N 273 
SER CB  HB3  sing N N 274 
SER OG  HG   sing N N 275 
SER OXT HXT  sing N N 276 
SO4 S   O1   doub N N 277 
SO4 S   O2   doub N N 278 
SO4 S   O3   sing N N 279 
SO4 S   O4   sing N N 280 
THR N   CA   sing N N 281 
THR N   H    sing N N 282 
THR N   H2   sing N N 283 
THR CA  C    sing N N 284 
THR CA  CB   sing N N 285 
THR CA  HA   sing N N 286 
THR C   O    doub N N 287 
THR C   OXT  sing N N 288 
THR CB  OG1  sing N N 289 
THR CB  CG2  sing N N 290 
THR CB  HB   sing N N 291 
THR OG1 HG1  sing N N 292 
THR CG2 HG21 sing N N 293 
THR CG2 HG22 sing N N 294 
THR CG2 HG23 sing N N 295 
THR OXT HXT  sing N N 296 
TRP N   CA   sing N N 297 
TRP N   H    sing N N 298 
TRP N   H2   sing N N 299 
TRP CA  C    sing N N 300 
TRP CA  CB   sing N N 301 
TRP CA  HA   sing N N 302 
TRP C   O    doub N N 303 
TRP C   OXT  sing N N 304 
TRP CB  CG   sing N N 305 
TRP CB  HB2  sing N N 306 
TRP CB  HB3  sing N N 307 
TRP CG  CD1  doub Y N 308 
TRP CG  CD2  sing Y N 309 
TRP CD1 NE1  sing Y N 310 
TRP CD1 HD1  sing N N 311 
TRP CD2 CE2  doub Y N 312 
TRP CD2 CE3  sing Y N 313 
TRP NE1 CE2  sing Y N 314 
TRP NE1 HE1  sing N N 315 
TRP CE2 CZ2  sing Y N 316 
TRP CE3 CZ3  doub Y N 317 
TRP CE3 HE3  sing N N 318 
TRP CZ2 CH2  doub Y N 319 
TRP CZ2 HZ2  sing N N 320 
TRP CZ3 CH2  sing Y N 321 
TRP CZ3 HZ3  sing N N 322 
TRP CH2 HH2  sing N N 323 
TRP OXT HXT  sing N N 324 
TYR N   CA   sing N N 325 
TYR N   H    sing N N 326 
TYR N   H2   sing N N 327 
TYR CA  C    sing N N 328 
TYR CA  CB   sing N N 329 
TYR CA  HA   sing N N 330 
TYR C   O    doub N N 331 
TYR C   OXT  sing N N 332 
TYR CB  CG   sing N N 333 
TYR CB  HB2  sing N N 334 
TYR CB  HB3  sing N N 335 
TYR CG  CD1  doub Y N 336 
TYR CG  CD2  sing Y N 337 
TYR CD1 CE1  sing Y N 338 
TYR CD1 HD1  sing N N 339 
TYR CD2 CE2  doub Y N 340 
TYR CD2 HD2  sing N N 341 
TYR CE1 CZ   doub Y N 342 
TYR CE1 HE1  sing N N 343 
TYR CE2 CZ   sing Y N 344 
TYR CE2 HE2  sing N N 345 
TYR CZ  OH   sing N N 346 
TYR OH  HH   sing N N 347 
TYR OXT HXT  sing N N 348 
VAL N   CA   sing N N 349 
VAL N   H    sing N N 350 
VAL N   H2   sing N N 351 
VAL CA  C    sing N N 352 
VAL CA  CB   sing N N 353 
VAL CA  HA   sing N N 354 
VAL C   O    doub N N 355 
VAL C   OXT  sing N N 356 
VAL CB  CG1  sing N N 357 
VAL CB  CG2  sing N N 358 
VAL CB  HB   sing N N 359 
VAL CG1 HG11 sing N N 360 
VAL CG1 HG12 sing N N 361 
VAL CG1 HG13 sing N N 362 
VAL CG2 HG21 sing N N 363 
VAL CG2 HG22 sing N N 364 
VAL CG2 HG23 sing N N 365 
VAL OXT HXT  sing N N 366 
# 
loop_
_pdbx_entity_nonpoly.entity_id 
_pdbx_entity_nonpoly.name 
_pdbx_entity_nonpoly.comp_id 
2 'SULFATE ION' SO4 
3 water         HOH 
# 
_pdbx_initial_refinement_model.id               1 
_pdbx_initial_refinement_model.entity_id_list   ? 
_pdbx_initial_refinement_model.type             'experimental model' 
_pdbx_initial_refinement_model.source_name      PDB 
_pdbx_initial_refinement_model.accession_code   3QWZ 
_pdbx_initial_refinement_model.details          'PDB ENTRY 3QWZ' 
# 
